data_2J3F
#
_entry.id   2J3F
#
_cell.length_a   96.825
_cell.length_b   96.825
_cell.length_c   141.898
_cell.angle_alpha   90.00
_cell.angle_beta   90.00
_cell.angle_gamma   120.00
#
_symmetry.space_group_name_H-M   'P 32'
#
loop_
_entity.id
_entity.type
_entity.pdbx_description
1 polymer FICOLIN-2
2 polymer FICOLIN-2
3 branched alpha-D-mannopyranose-(1-6)-beta-D-mannopyranose-(1-4)-2-acetamido-2-deoxy-beta-D-glucopyranose-(1-4)-[alpha-L-fucopyranose-(1-6)]2-acetamido-2-deoxy-beta-D-glucopyranose
4 branched beta-D-mannopyranose-(1-4)-2-acetamido-2-deoxy-beta-D-glucopyranose-(1-4)-2-acetamido-2-deoxy-beta-D-glucopyranose
5 non-polymer 'CALCIUM ION'
6 non-polymer 2-acetamido-2-deoxy-alpha-D-galactopyranose
7 non-polymer 'O-ACETALDEHYDYL-HEXAETHYLENE GLYCOL'
8 non-polymer '4-(2-HYDROXYETHYL)-1-PIPERAZINE ETHANESULFONIC ACID'
9 water water
#
loop_
_entity_poly.entity_id
_entity_poly.type
_entity_poly.pdbx_seq_one_letter_code
_entity_poly.pdbx_strand_id
1 'polypeptide(L)'
;PQPCLTGPRTCKDLLDRGHFLSGWHTIYLPDCRPLTVLCDMDTDGGGWTVFQRRVDGSVDFYRDWATYKQGFGSRLGEFW
LGNDNIHALTAQGTSELRTDLVDFEDNYQFAKYRSFKVADEAEKYNLVLGAFVEGSAGDSLTFHNNQSFSTKDQDNDLNT
GNCAVMFQGAWWYKNCHTSNLNGRYLRGTHGSFANGINWKSGKGYNYSYKVSEMKVRPA
;
A,B,C,E,F
2 'polypeptide(L)'
;PQPCLTGPRTCKDLLDRGHFLSGWHTIYLPDCRPLTVLCDMDTDGGGWTVFQRRVDGSVDFYRDWATYKQGFGSRLGEFW
LGNDNIHALTAQGTSELRTDLVDFEDNYQFAKYRSFKVADEAEKYNLVLGAFVEGSAGDSLTFHNNQSFSTKDQDNDLNN
GNCAVMFQGAWWYKNCHTSNLNGRYLRGTHGSFANGINWKSGKGYNYSYKVSEMKVRPA
;
D
#
# COMPACT_ATOMS: atom_id res chain seq x y z
N PRO A 1 -2.16 16.42 -97.80
CA PRO A 1 -3.22 16.35 -96.80
C PRO A 1 -3.62 17.75 -96.35
N GLN A 2 -4.72 17.83 -95.59
CA GLN A 2 -5.25 19.13 -95.06
C GLN A 2 -6.51 18.99 -94.14
N PRO A 3 -6.65 19.94 -93.18
CA PRO A 3 -7.52 19.76 -91.97
C PRO A 3 -8.94 19.22 -92.23
N CYS A 4 -9.20 18.01 -91.75
CA CYS A 4 -10.48 17.36 -91.96
C CYS A 4 -11.58 18.29 -91.44
N LEU A 5 -12.46 18.69 -92.36
CA LEU A 5 -13.65 19.52 -92.04
C LEU A 5 -14.86 18.68 -91.57
N THR A 6 -14.72 17.34 -91.54
CA THR A 6 -15.87 16.43 -91.45
C THR A 6 -16.06 15.69 -90.11
N GLY A 7 -15.07 15.74 -89.22
CA GLY A 7 -15.18 15.12 -87.89
C GLY A 7 -14.19 15.70 -86.90
N PRO A 8 -14.15 15.15 -85.66
CA PRO A 8 -13.30 15.72 -84.59
C PRO A 8 -11.81 15.64 -84.97
N ARG A 9 -11.21 16.81 -85.13
N ARG A 9 -11.17 16.77 -85.16
CA ARG A 9 -9.83 16.94 -85.61
CA ARG A 9 -9.78 16.72 -85.61
C ARG A 9 -8.77 16.58 -84.56
C ARG A 9 -8.80 16.40 -84.49
N THR A 10 -9.00 17.00 -83.33
CA THR A 10 -8.05 16.82 -82.24
C THR A 10 -8.78 16.62 -80.91
N CYS A 11 -8.01 16.25 -79.88
CA CYS A 11 -8.57 16.13 -78.53
C CYS A 11 -9.17 17.45 -78.06
N LYS A 12 -8.73 18.55 -78.68
CA LYS A 12 -9.25 19.87 -78.32
C LYS A 12 -10.70 19.99 -78.79
N ASP A 13 -10.94 19.68 -80.05
CA ASP A 13 -12.28 19.69 -80.60
C ASP A 13 -13.23 18.85 -79.74
N LEU A 14 -12.78 17.65 -79.35
CA LEU A 14 -13.55 16.79 -78.43
C LEU A 14 -14.01 17.51 -77.17
N LEU A 15 -13.05 18.13 -76.47
CA LEU A 15 -13.38 18.96 -75.33
C LEU A 15 -14.47 20.01 -75.66
N ASP A 16 -14.24 20.83 -76.69
CA ASP A 16 -15.23 21.84 -77.09
C ASP A 16 -16.60 21.25 -77.39
N ARG A 17 -16.61 19.97 -77.70
CA ARG A 17 -17.83 19.25 -78.09
C ARG A 17 -18.49 18.58 -76.90
N GLY A 18 -17.82 18.55 -75.76
CA GLY A 18 -18.50 18.11 -74.53
C GLY A 18 -18.11 16.74 -74.00
N HIS A 19 -17.01 16.20 -74.51
CA HIS A 19 -16.40 15.08 -73.86
C HIS A 19 -15.46 15.66 -72.83
N PHE A 20 -15.88 15.69 -71.57
CA PHE A 20 -15.06 16.30 -70.54
C PHE A 20 -14.13 15.32 -69.82
N LEU A 21 -14.27 14.03 -70.08
CA LEU A 21 -13.52 13.04 -69.30
C LEU A 21 -12.28 12.56 -70.06
N SER A 22 -11.16 12.49 -69.35
CA SER A 22 -9.92 11.98 -69.93
C SER A 22 -10.12 10.52 -70.38
N GLY A 23 -9.58 10.15 -71.53
CA GLY A 23 -9.88 8.82 -72.07
C GLY A 23 -9.61 8.60 -73.55
N TRP A 24 -9.58 7.32 -73.95
CA TRP A 24 -9.26 6.91 -75.31
C TRP A 24 -10.39 7.26 -76.21
N HIS A 25 -10.20 8.28 -77.05
CA HIS A 25 -11.20 8.75 -78.01
C HIS A 25 -10.64 8.56 -79.39
N THR A 26 -11.42 8.89 -80.40
CA THR A 26 -10.87 8.75 -81.74
C THR A 26 -10.98 10.02 -82.60
N ILE A 27 -9.89 10.32 -83.31
CA ILE A 27 -9.79 11.59 -84.03
C ILE A 27 -9.46 11.39 -85.49
N TYR A 28 -9.50 12.49 -86.23
CA TYR A 28 -9.17 12.48 -87.66
C TYR A 28 -8.01 13.42 -88.08
N LEU A 29 -6.81 12.86 -88.24
CA LEU A 29 -5.63 13.63 -88.66
C LEU A 29 -5.90 14.44 -89.95
N PRO A 30 -4.98 15.33 -90.36
CA PRO A 30 -5.30 16.18 -91.51
C PRO A 30 -5.55 15.33 -92.76
N ASP A 31 -4.89 14.18 -92.83
CA ASP A 31 -5.37 13.09 -93.69
C ASP A 31 -6.89 13.12 -93.75
N CYS A 32 -7.49 13.39 -92.58
CA CYS A 32 -8.90 13.12 -92.35
C CYS A 32 -8.98 11.57 -92.16
N ARG A 33 -7.89 11.00 -91.64
CA ARG A 33 -7.80 9.57 -91.27
C ARG A 33 -7.87 9.35 -89.73
N PRO A 34 -8.52 8.24 -89.32
CA PRO A 34 -8.76 8.01 -87.92
C PRO A 34 -7.58 7.30 -87.27
N LEU A 35 -7.56 7.44 -85.94
CA LEU A 35 -6.52 6.91 -85.05
C LEU A 35 -7.20 7.08 -83.70
N THR A 36 -6.91 6.18 -82.77
CA THR A 36 -7.52 6.25 -81.46
C THR A 36 -6.52 6.68 -80.37
N VAL A 37 -6.68 7.91 -79.89
CA VAL A 37 -5.69 8.60 -79.07
C VAL A 37 -6.16 8.74 -77.62
N LEU A 38 -5.22 9.06 -76.72
CA LEU A 38 -5.55 9.35 -75.32
C LEU A 38 -5.68 10.85 -75.13
N CYS A 39 -6.86 11.29 -74.76
CA CYS A 39 -7.14 12.71 -74.60
C CYS A 39 -7.06 13.12 -73.14
N ASP A 40 -6.20 14.08 -72.82
CA ASP A 40 -6.10 14.56 -71.46
C ASP A 40 -7.00 15.79 -71.33
N MET A 41 -8.17 15.63 -70.71
CA MET A 41 -9.13 16.72 -70.70
C MET A 41 -9.00 17.59 -69.47
N ASP A 42 -8.09 17.24 -68.58
CA ASP A 42 -8.14 17.69 -67.21
C ASP A 42 -7.05 18.68 -66.87
N THR A 43 -6.00 18.73 -67.69
CA THR A 43 -4.78 19.40 -67.27
C THR A 43 -4.37 20.64 -68.02
N ASP A 44 -4.11 21.71 -67.27
CA ASP A 44 -3.72 22.96 -67.88
C ASP A 44 -4.88 23.27 -68.82
N GLY A 45 -6.10 23.08 -68.30
CA GLY A 45 -7.32 23.52 -68.93
C GLY A 45 -8.00 22.46 -69.75
N GLY A 46 -7.22 21.51 -70.26
CA GLY A 46 -7.75 20.37 -71.00
C GLY A 46 -7.29 20.41 -72.44
N GLY A 47 -7.72 19.44 -73.25
CA GLY A 47 -7.61 19.48 -74.72
C GLY A 47 -6.44 18.74 -75.35
N TRP A 48 -5.67 18.03 -74.52
CA TRP A 48 -4.37 17.45 -74.92
C TRP A 48 -4.46 16.05 -75.54
N THR A 49 -3.63 15.84 -76.57
CA THR A 49 -3.38 14.51 -77.07
C THR A 49 -2.05 13.96 -76.58
N VAL A 50 -2.06 12.78 -75.97
CA VAL A 50 -0.86 12.19 -75.36
C VAL A 50 -0.15 11.17 -76.23
N PHE A 51 1.06 11.47 -76.70
CA PHE A 51 1.79 10.52 -77.56
C PHE A 51 2.76 9.64 -76.78
N GLN A 52 2.99 9.93 -75.50
CA GLN A 52 3.91 9.14 -74.70
C GLN A 52 3.49 9.10 -73.25
N ARG A 53 3.63 7.93 -72.62
CA ARG A 53 3.24 7.76 -71.23
C ARG A 53 3.94 6.61 -70.52
N ARG A 54 4.42 6.91 -69.31
CA ARG A 54 5.07 5.93 -68.43
C ARG A 54 4.42 6.03 -67.09
N VAL A 55 4.31 4.92 -66.38
CA VAL A 55 3.60 4.96 -65.11
C VAL A 55 4.14 3.96 -64.12
N ASP A 56 4.31 2.73 -64.59
CA ASP A 56 4.38 1.59 -63.70
C ASP A 56 5.39 0.57 -64.19
N GLY A 57 6.32 0.99 -65.04
CA GLY A 57 7.37 0.07 -65.51
C GLY A 57 6.90 -1.19 -66.23
N SER A 58 5.58 -1.33 -66.41
CA SER A 58 5.04 -2.55 -66.99
C SER A 58 5.54 -2.89 -68.39
N VAL A 59 6.04 -1.88 -69.12
CA VAL A 59 6.35 -2.05 -70.55
C VAL A 59 7.78 -1.68 -70.89
N ASP A 60 8.35 -2.39 -71.86
CA ASP A 60 9.75 -2.27 -72.20
C ASP A 60 9.98 -1.29 -73.33
N PHE A 61 10.47 -0.11 -72.95
CA PHE A 61 10.75 0.99 -73.88
C PHE A 61 12.12 0.93 -74.55
N TYR A 62 12.84 -0.17 -74.43
CA TYR A 62 14.16 -0.27 -75.07
C TYR A 62 14.04 -0.98 -76.41
N ARG A 63 13.21 -0.42 -77.29
CA ARG A 63 12.86 -1.12 -78.50
C ARG A 63 13.61 -0.60 -79.71
N ASP A 64 13.47 -1.30 -80.83
CA ASP A 64 14.22 -0.99 -82.05
C ASP A 64 13.45 0.05 -82.90
N TRP A 65 14.03 0.43 -84.06
CA TRP A 65 13.48 1.45 -84.99
C TRP A 65 12.07 1.15 -85.51
N ALA A 66 11.85 -0.07 -85.99
CA ALA A 66 10.56 -0.47 -86.55
C ALA A 66 9.42 -0.44 -85.49
N THR A 67 9.78 -0.74 -84.24
CA THR A 67 8.78 -0.76 -83.17
C THR A 67 8.43 0.66 -82.67
N TYR A 68 9.38 1.60 -82.71
CA TYR A 68 9.09 3.01 -82.41
C TYR A 68 8.38 3.65 -83.62
N LYS A 69 8.59 3.07 -84.79
CA LYS A 69 8.00 3.55 -86.02
C LYS A 69 6.49 3.54 -85.95
N GLN A 70 5.96 2.43 -85.45
CA GLN A 70 4.51 2.15 -85.46
C GLN A 70 3.83 2.29 -84.09
N GLY A 71 4.61 2.57 -83.07
CA GLY A 71 4.07 2.66 -81.72
C GLY A 71 3.97 1.30 -81.06
N PHE A 72 4.12 1.29 -79.74
CA PHE A 72 4.02 0.06 -78.99
C PHE A 72 3.28 0.33 -77.70
N GLY A 73 3.22 -0.65 -76.81
CA GLY A 73 2.62 -0.46 -75.48
C GLY A 73 1.14 -0.80 -75.34
N SER A 74 0.51 -0.23 -74.31
CA SER A 74 -0.88 -0.56 -74.09
C SER A 74 -1.72 0.64 -73.69
N ARG A 75 -2.94 0.69 -74.21
CA ARG A 75 -3.88 1.72 -73.91
C ARG A 75 -4.17 1.76 -72.41
N LEU A 76 -3.86 0.66 -71.70
CA LEU A 76 -4.18 0.55 -70.30
C LEU A 76 -2.99 0.89 -69.41
N GLY A 77 -1.82 1.12 -70.05
CA GLY A 77 -0.57 1.43 -69.35
C GLY A 77 0.39 2.37 -70.09
N GLU A 78 1.66 1.99 -70.13
CA GLU A 78 2.68 2.77 -70.84
C GLU A 78 2.46 2.60 -72.35
N PHE A 79 2.77 3.61 -73.16
CA PHE A 79 2.64 3.46 -74.61
C PHE A 79 3.41 4.52 -75.35
N TRP A 80 3.88 4.18 -76.55
CA TRP A 80 4.36 5.17 -77.49
C TRP A 80 3.44 5.14 -78.69
N LEU A 81 2.98 6.32 -79.15
CA LEU A 81 2.01 6.42 -80.24
C LEU A 81 2.59 6.07 -81.60
N GLY A 82 3.90 5.83 -81.66
CA GLY A 82 4.58 5.67 -82.94
C GLY A 82 4.97 6.99 -83.62
N ASN A 83 6.15 6.99 -84.26
CA ASN A 83 6.65 8.19 -84.94
C ASN A 83 5.90 8.61 -86.21
N ASP A 84 5.52 7.67 -87.07
CA ASP A 84 4.60 8.03 -88.15
C ASP A 84 3.42 8.83 -87.60
N ASN A 85 2.62 8.23 -86.72
CA ASN A 85 1.48 8.94 -86.11
C ASN A 85 1.84 10.31 -85.55
N ILE A 86 2.92 10.34 -84.76
CA ILE A 86 3.33 11.59 -84.13
C ILE A 86 3.66 12.66 -85.17
N HIS A 87 4.40 12.28 -86.22
CA HIS A 87 4.56 13.15 -87.38
C HIS A 87 3.22 13.71 -87.82
N ALA A 88 2.43 12.82 -88.45
CA ALA A 88 1.10 13.13 -88.95
C ALA A 88 0.27 14.04 -88.03
N LEU A 89 0.56 14.01 -86.75
CA LEU A 89 -0.33 14.63 -85.78
C LEU A 89 0.08 16.06 -85.51
N THR A 90 1.39 16.28 -85.43
CA THR A 90 1.89 17.61 -85.10
C THR A 90 2.24 18.36 -86.38
N ALA A 91 3.08 17.74 -87.23
CA ALA A 91 3.58 18.44 -88.41
C ALA A 91 2.51 18.65 -89.48
N GLN A 92 1.42 19.32 -89.09
CA GLN A 92 0.49 19.89 -90.06
C GLN A 92 0.56 21.40 -89.84
N GLY A 93 0.27 21.83 -88.60
CA GLY A 93 0.29 23.25 -88.21
C GLY A 93 0.90 23.53 -86.83
N THR A 94 0.52 24.66 -86.26
CA THR A 94 1.06 25.03 -84.93
C THR A 94 0.40 24.13 -83.90
N SER A 95 1.20 23.57 -82.99
CA SER A 95 0.70 22.81 -81.81
C SER A 95 1.73 22.79 -80.70
N GLU A 96 1.28 23.17 -79.50
CA GLU A 96 2.12 23.21 -78.32
C GLU A 96 2.53 21.83 -77.82
N LEU A 97 3.62 21.82 -77.04
CA LEU A 97 4.11 20.63 -76.33
C LEU A 97 4.14 20.83 -74.81
N ARG A 98 3.43 19.99 -74.06
CA ARG A 98 3.53 20.02 -72.61
C ARG A 98 4.09 18.69 -72.12
N THR A 99 4.82 18.69 -71.01
CA THR A 99 5.38 17.46 -70.47
C THR A 99 4.97 17.36 -69.02
N ASP A 100 4.43 16.23 -68.58
CA ASP A 100 4.19 16.11 -67.15
C ASP A 100 5.16 15.08 -66.58
N LEU A 101 5.69 15.39 -65.40
CA LEU A 101 6.70 14.57 -64.73
C LEU A 101 6.40 14.56 -63.26
N VAL A 102 6.25 13.36 -62.70
CA VAL A 102 6.04 13.18 -61.28
C VAL A 102 7.12 12.31 -60.63
N ASP A 103 7.62 12.75 -59.47
CA ASP A 103 8.62 12.02 -58.65
C ASP A 103 7.92 10.99 -57.76
N PHE A 104 8.69 10.01 -57.28
CA PHE A 104 8.12 8.94 -56.46
C PHE A 104 7.65 9.46 -55.12
N GLU A 105 8.12 10.67 -54.78
CA GLU A 105 7.67 11.35 -53.55
C GLU A 105 6.26 11.91 -53.69
N ASP A 106 5.84 12.10 -54.95
CA ASP A 106 4.42 12.33 -55.30
C ASP A 106 4.10 13.79 -55.65
N ASN A 107 5.15 14.59 -55.89
CA ASN A 107 5.01 15.96 -56.42
C ASN A 107 4.47 16.06 -57.88
N TYR A 108 4.73 17.19 -58.55
CA TYR A 108 4.31 17.43 -59.94
C TYR A 108 5.30 18.38 -60.60
N GLN A 109 5.50 18.26 -61.90
CA GLN A 109 6.39 19.20 -62.62
C GLN A 109 6.02 19.21 -64.12
N PHE A 110 6.42 20.28 -64.83
CA PHE A 110 6.03 20.45 -66.24
C PHE A 110 6.96 21.27 -67.14
N ALA A 111 6.48 21.62 -68.31
CA ALA A 111 7.31 22.33 -69.28
C ALA A 111 6.60 22.58 -70.64
N LYS A 112 5.60 23.47 -70.64
CA LYS A 112 5.02 23.92 -71.90
C LYS A 112 6.15 24.31 -72.85
N TYR A 113 5.90 24.17 -74.15
CA TYR A 113 6.80 24.63 -75.21
C TYR A 113 6.00 25.19 -76.38
N ARG A 114 6.51 26.23 -77.01
CA ARG A 114 5.86 26.87 -78.15
C ARG A 114 5.38 25.86 -79.21
N SER A 115 6.30 25.36 -80.02
CA SER A 115 5.87 24.51 -81.13
C SER A 115 6.67 23.21 -81.25
N PHE A 116 5.98 22.17 -81.69
CA PHE A 116 6.56 20.84 -81.69
C PHE A 116 6.23 20.10 -83.00
N LYS A 117 7.25 19.46 -83.57
CA LYS A 117 7.07 18.74 -84.83
C LYS A 117 8.15 17.69 -85.01
N VAL A 118 7.76 16.55 -85.57
CA VAL A 118 8.77 15.63 -86.02
C VAL A 118 8.63 15.55 -87.51
N ALA A 119 9.74 15.75 -88.22
CA ALA A 119 9.69 15.55 -89.65
C ALA A 119 9.51 14.07 -89.82
N ASP A 120 9.28 13.61 -91.04
CA ASP A 120 8.94 12.19 -91.24
C ASP A 120 10.13 11.23 -91.01
N GLU A 121 9.99 9.99 -91.49
CA GLU A 121 11.09 9.01 -91.42
CA GLU A 121 11.07 9.00 -91.43
C GLU A 121 12.10 9.26 -92.53
N ALA A 122 11.60 9.49 -93.75
CA ALA A 122 12.44 9.92 -94.87
C ALA A 122 13.46 10.88 -94.29
N GLU A 123 13.02 11.82 -93.47
CA GLU A 123 13.94 12.78 -92.90
C GLU A 123 14.38 12.51 -91.45
N LYS A 124 14.47 11.21 -91.10
CA LYS A 124 14.94 10.79 -89.75
C LYS A 124 14.17 11.34 -88.51
N TYR A 125 12.87 11.58 -88.66
CA TYR A 125 12.06 12.03 -87.53
C TYR A 125 12.78 13.13 -86.71
N ASN A 126 13.50 13.99 -87.45
CA ASN A 126 14.18 15.14 -86.87
C ASN A 126 13.15 15.99 -86.08
N LEU A 127 13.54 16.35 -84.86
CA LEU A 127 12.74 17.20 -84.00
C LEU A 127 12.91 18.70 -84.33
N VAL A 128 11.79 19.38 -84.62
CA VAL A 128 11.76 20.85 -84.69
C VAL A 128 11.12 21.47 -83.42
N LEU A 129 11.91 21.65 -82.36
CA LEU A 129 11.34 22.35 -81.22
C LEU A 129 11.13 23.87 -81.46
N GLY A 130 10.60 24.53 -80.43
CA GLY A 130 10.32 25.96 -80.47
C GLY A 130 10.67 26.50 -79.10
N ALA A 131 10.28 27.74 -78.81
CA ALA A 131 10.74 28.37 -77.59
C ALA A 131 10.19 27.71 -76.32
N PHE A 132 11.07 27.33 -75.39
CA PHE A 132 10.57 27.03 -74.06
C PHE A 132 9.59 28.14 -73.76
N VAL A 133 8.68 27.92 -72.82
CA VAL A 133 7.65 28.91 -72.55
C VAL A 133 7.45 29.12 -71.08
N GLU A 134 7.51 28.04 -70.32
CA GLU A 134 7.32 28.07 -68.87
C GLU A 134 7.33 26.62 -68.39
N GLY A 135 7.55 26.45 -67.08
CA GLY A 135 7.46 25.14 -66.43
C GLY A 135 8.53 24.79 -65.39
N SER A 136 8.06 24.31 -64.21
CA SER A 136 8.93 23.76 -63.15
C SER A 136 9.62 22.43 -63.52
N ALA A 137 10.70 22.55 -64.29
CA ALA A 137 11.38 21.38 -64.78
C ALA A 137 12.69 21.90 -65.26
N GLY A 138 12.62 23.11 -65.82
CA GLY A 138 13.79 23.68 -66.43
C GLY A 138 13.96 23.05 -67.78
N ASP A 139 14.70 21.92 -67.83
CA ASP A 139 15.13 21.31 -69.11
C ASP A 139 14.39 22.01 -70.20
N SER A 140 14.96 23.09 -70.75
CA SER A 140 14.29 23.79 -71.85
C SER A 140 14.57 23.18 -73.23
N LEU A 141 14.66 21.84 -73.27
CA LEU A 141 14.89 21.12 -74.51
C LEU A 141 15.42 22.04 -75.62
N THR A 142 16.50 22.78 -75.37
CA THR A 142 17.06 23.60 -76.45
C THR A 142 17.84 22.68 -77.39
N PHE A 143 18.75 21.89 -76.79
CA PHE A 143 19.47 20.85 -77.51
C PHE A 143 18.43 19.87 -78.05
N HIS A 144 18.89 18.86 -78.78
CA HIS A 144 17.98 17.86 -79.36
C HIS A 144 17.25 18.46 -80.58
N ASN A 145 16.96 19.76 -80.52
CA ASN A 145 16.42 20.44 -81.68
C ASN A 145 17.29 20.17 -82.93
N ASN A 146 16.65 19.92 -84.07
CA ASN A 146 17.43 19.61 -85.28
C ASN A 146 18.20 18.32 -85.17
N GLN A 147 17.72 17.40 -84.33
CA GLN A 147 18.42 16.14 -84.14
C GLN A 147 17.58 14.95 -84.60
N SER A 148 18.18 14.07 -85.40
CA SER A 148 17.43 12.84 -85.72
C SER A 148 17.15 12.01 -84.45
N PHE A 149 15.95 11.44 -84.40
CA PHE A 149 15.59 10.54 -83.29
C PHE A 149 16.45 9.29 -83.45
N SER A 150 16.94 8.78 -82.31
CA SER A 150 17.78 7.55 -82.30
C SER A 150 17.25 6.37 -81.43
N THR A 151 17.42 5.17 -81.98
CA THR A 151 17.04 3.89 -81.36
C THR A 151 18.29 3.08 -80.99
N LYS A 152 18.11 1.80 -80.70
CA LYS A 152 19.28 0.92 -80.50
C LYS A 152 19.76 0.31 -81.80
N ASP A 153 18.86 0.01 -82.73
CA ASP A 153 19.28 -0.66 -83.96
C ASP A 153 19.63 0.32 -85.08
N GLN A 154 19.87 1.59 -84.72
CA GLN A 154 20.41 2.57 -85.67
C GLN A 154 21.27 3.57 -84.87
N ASP A 155 21.91 4.56 -85.49
CA ASP A 155 22.84 5.36 -84.65
C ASP A 155 22.51 6.87 -84.53
N ASN A 156 23.10 7.70 -85.40
CA ASN A 156 22.76 9.13 -85.57
C ASN A 156 22.73 9.97 -84.28
N ASP A 157 23.89 10.46 -83.85
CA ASP A 157 23.98 11.16 -82.55
C ASP A 157 25.18 12.16 -82.48
N LEU A 158 25.36 12.81 -81.32
CA LEU A 158 26.59 13.56 -81.09
C LEU A 158 27.68 12.72 -80.41
N ASN A 159 27.70 11.43 -80.70
CA ASN A 159 28.64 10.53 -80.00
C ASN A 159 28.92 9.21 -80.74
N THR A 160 30.20 8.99 -81.00
CA THR A 160 30.67 7.77 -81.69
C THR A 160 30.41 6.55 -80.75
N GLY A 161 29.62 5.59 -81.21
CA GLY A 161 28.99 4.59 -80.33
C GLY A 161 27.48 4.82 -80.33
N ASN A 162 26.71 3.90 -79.74
CA ASN A 162 25.27 4.11 -79.54
C ASN A 162 25.03 4.95 -78.32
N CYS A 163 24.50 6.14 -78.57
CA CYS A 163 23.95 6.97 -77.52
C CYS A 163 22.87 6.08 -76.91
N ALA A 164 22.09 5.46 -77.82
CA ALA A 164 21.00 4.56 -77.45
C ALA A 164 21.40 3.53 -76.38
N VAL A 165 22.44 2.74 -76.69
CA VAL A 165 22.84 1.68 -75.78
C VAL A 165 23.39 2.30 -74.52
N MET A 166 24.45 3.09 -74.68
CA MET A 166 25.11 3.69 -73.53
C MET A 166 24.09 4.24 -72.54
N PHE A 167 22.92 4.66 -73.03
CA PHE A 167 21.87 5.13 -72.10
C PHE A 167 20.54 4.35 -72.04
N GLN A 168 20.34 3.41 -72.96
CA GLN A 168 19.23 2.46 -72.84
C GLN A 168 17.86 3.13 -72.98
N GLY A 169 17.65 3.71 -74.17
CA GLY A 169 16.38 4.35 -74.46
C GLY A 169 16.18 4.67 -75.93
N ALA A 170 15.53 5.80 -76.17
CA ALA A 170 15.33 6.32 -77.50
C ALA A 170 14.91 7.79 -77.34
N TRP A 171 15.41 8.62 -78.25
CA TRP A 171 15.33 10.07 -78.10
C TRP A 171 16.07 10.72 -79.26
N TRP A 172 16.01 12.05 -79.34
CA TRP A 172 16.64 12.79 -80.46
C TRP A 172 18.09 13.15 -80.04
N TYR A 173 18.95 12.12 -80.02
CA TYR A 173 20.33 12.23 -79.48
C TYR A 173 21.24 13.07 -80.40
N ASN A 175 25.92 14.24 -77.67
CA ASN A 175 27.12 14.43 -76.82
C ASN A 175 26.76 14.69 -75.35
N CYS A 176 25.81 13.92 -74.85
CA CYS A 176 25.06 12.98 -75.69
C CYS A 176 23.54 13.20 -75.52
N HIS A 177 23.08 13.33 -74.28
CA HIS A 177 21.66 13.56 -74.06
C HIS A 177 21.34 14.47 -72.87
N THR A 178 20.37 15.37 -73.09
CA THR A 178 19.96 16.35 -72.08
C THR A 178 18.80 15.83 -71.23
N SER A 179 17.89 15.09 -71.87
CA SER A 179 16.71 14.53 -71.20
C SER A 179 16.34 13.15 -71.75
N ASN A 180 16.27 12.16 -70.86
CA ASN A 180 16.16 10.75 -71.32
C ASN A 180 14.84 10.03 -70.95
N LEU A 181 13.80 10.37 -71.70
CA LEU A 181 12.44 10.11 -71.25
C LEU A 181 11.95 8.68 -71.55
N ASN A 182 12.43 8.10 -72.63
CA ASN A 182 12.06 6.72 -72.93
C ASN A 182 13.04 5.70 -72.30
N GLY A 183 13.80 6.14 -71.29
CA GLY A 183 14.85 5.32 -70.69
C GLY A 183 14.29 4.27 -69.76
N ARG A 184 15.17 3.63 -68.98
CA ARG A 184 14.77 2.49 -68.18
C ARG A 184 14.07 2.88 -66.90
N TYR A 185 12.87 2.37 -66.72
CA TYR A 185 12.06 2.65 -65.53
C TYR A 185 12.76 2.21 -64.23
N LEU A 186 13.92 2.85 -63.93
CA LEU A 186 14.77 2.50 -62.77
C LEU A 186 14.29 3.16 -61.48
N ARG A 187 13.32 2.53 -60.83
CA ARG A 187 12.58 3.16 -59.71
C ARG A 187 13.43 4.04 -58.69
N GLY A 188 13.52 5.38 -58.99
CA GLY A 188 13.95 6.38 -58.01
C GLY A 188 15.34 6.99 -58.30
N THR A 189 16.11 7.28 -57.22
CA THR A 189 17.53 7.52 -57.40
C THR A 189 18.13 6.18 -57.68
N HIS A 190 19.07 6.15 -58.63
CA HIS A 190 19.73 4.93 -59.05
C HIS A 190 21.21 5.28 -59.17
N GLY A 191 22.05 4.39 -58.65
CA GLY A 191 23.50 4.51 -58.82
C GLY A 191 23.94 4.65 -60.28
N SER A 192 23.39 3.82 -61.17
CA SER A 192 23.80 3.91 -62.59
C SER A 192 23.53 5.32 -63.17
N PHE A 193 24.32 5.72 -64.17
CA PHE A 193 24.32 7.11 -64.59
C PHE A 193 23.51 7.48 -65.85
N ALA A 194 22.54 8.40 -65.64
CA ALA A 194 21.80 9.10 -66.72
C ALA A 194 21.15 8.15 -67.75
N ASN A 195 20.65 7.02 -67.26
CA ASN A 195 20.04 6.01 -68.09
C ASN A 195 18.62 5.79 -67.63
N GLY A 196 18.31 6.31 -66.44
CA GLY A 196 16.96 6.27 -65.91
C GLY A 196 16.01 7.18 -66.66
N ILE A 197 14.78 7.27 -66.17
CA ILE A 197 13.83 8.15 -66.85
C ILE A 197 14.10 9.60 -66.42
N ASN A 198 15.03 10.24 -67.13
CA ASN A 198 15.67 11.42 -66.60
C ASN A 198 15.40 12.71 -67.36
N TRP A 199 14.66 13.60 -66.68
CA TRP A 199 14.69 15.01 -67.00
C TRP A 199 16.10 15.39 -66.51
N LYS A 200 16.60 16.57 -66.87
CA LYS A 200 17.96 16.96 -66.43
C LYS A 200 17.95 17.87 -65.17
N SER A 201 17.02 18.82 -65.14
CA SER A 201 16.99 19.86 -64.10
C SER A 201 15.71 19.75 -63.25
N GLY A 202 14.79 18.90 -63.76
CA GLY A 202 13.98 17.98 -62.74
C GLY A 202 15.16 17.33 -61.94
N LYS A 203 15.17 15.99 -61.79
CA LYS A 203 16.01 15.37 -60.75
C LYS A 203 17.34 14.80 -61.29
N GLY A 204 17.93 15.52 -62.25
CA GLY A 204 19.30 15.26 -62.68
C GLY A 204 19.50 14.09 -63.61
N TYR A 205 20.41 13.18 -63.21
CA TYR A 205 20.66 11.94 -63.96
C TYR A 205 20.52 10.72 -63.07
N ASN A 206 20.30 10.96 -61.79
CA ASN A 206 20.23 9.87 -60.85
C ASN A 206 18.84 9.63 -60.27
N TYR A 207 17.86 10.40 -60.75
CA TYR A 207 16.47 10.19 -60.34
C TYR A 207 15.57 9.90 -61.56
N SER A 208 15.18 8.63 -61.72
CA SER A 208 14.18 8.24 -62.73
C SER A 208 12.80 8.42 -62.13
N TYR A 209 11.93 9.16 -62.81
CA TYR A 209 10.63 9.55 -62.24
C TYR A 209 9.67 8.36 -62.20
N LYS A 210 8.49 8.58 -61.64
CA LYS A 210 7.50 7.53 -61.49
C LYS A 210 6.58 7.64 -62.67
N VAL A 211 6.14 8.86 -62.97
CA VAL A 211 5.09 9.08 -63.96
C VAL A 211 5.55 10.08 -65.02
N SER A 212 5.31 9.77 -66.30
CA SER A 212 5.67 10.70 -67.38
C SER A 212 4.69 10.76 -68.55
N GLU A 213 4.44 11.99 -69.01
CA GLU A 213 3.53 12.17 -70.12
C GLU A 213 4.00 13.27 -71.07
N MET A 214 3.78 13.05 -72.36
CA MET A 214 4.19 13.97 -73.41
C MET A 214 3.00 14.15 -74.37
N LYS A 215 2.38 15.34 -74.34
CA LYS A 215 1.10 15.57 -74.99
C LYS A 215 1.11 16.82 -75.85
N VAL A 216 0.03 17.06 -76.59
CA VAL A 216 -0.03 18.19 -77.49
C VAL A 216 -1.43 18.80 -77.70
N ARG A 217 -1.48 20.13 -77.86
CA ARG A 217 -2.76 20.82 -78.17
C ARG A 217 -2.54 21.97 -79.17
N PRO A 218 -3.39 22.08 -80.20
CA PRO A 218 -3.14 23.17 -81.16
C PRO A 218 -2.91 24.46 -80.38
N ALA A 219 -1.79 25.13 -80.60
CA ALA A 219 -1.34 26.23 -79.71
C ALA A 219 -2.23 27.48 -79.73
N PRO B 3 -22.23 -5.51 -90.07
CA PRO B 3 -20.80 -5.61 -89.87
C PRO B 3 -20.26 -6.94 -89.36
N CYS B 4 -21.06 -8.00 -89.35
CA CYS B 4 -20.44 -9.27 -88.99
C CYS B 4 -19.40 -9.63 -90.02
N LEU B 5 -19.74 -9.41 -91.30
CA LEU B 5 -18.88 -9.77 -92.44
C LEU B 5 -17.79 -8.74 -92.66
N THR B 6 -18.04 -7.50 -92.28
CA THR B 6 -17.06 -6.48 -92.54
C THR B 6 -15.96 -6.55 -91.50
N GLY B 7 -16.36 -6.79 -90.25
CA GLY B 7 -15.48 -6.63 -89.09
C GLY B 7 -14.46 -7.75 -88.95
N PRO B 8 -13.60 -7.64 -87.93
CA PRO B 8 -12.50 -8.58 -87.63
C PRO B 8 -12.98 -9.78 -86.79
N ARG B 9 -12.22 -10.87 -86.80
N ARG B 9 -12.21 -10.86 -86.76
CA ARG B 9 -12.63 -12.12 -86.14
CA ARG B 9 -12.67 -12.08 -86.11
C ARG B 9 -11.75 -12.48 -84.94
C ARG B 9 -11.71 -12.57 -85.00
N THR B 10 -10.51 -12.00 -84.97
CA THR B 10 -9.57 -12.27 -83.88
C THR B 10 -8.68 -11.06 -83.67
N CYS B 11 -7.99 -11.01 -82.53
CA CYS B 11 -7.01 -9.97 -82.27
C CYS B 11 -5.89 -9.93 -83.31
N LYS B 12 -5.58 -11.10 -83.89
CA LYS B 12 -4.58 -11.23 -84.95
C LYS B 12 -4.96 -10.50 -86.23
N ASP B 13 -6.24 -10.50 -86.56
CA ASP B 13 -6.76 -9.72 -87.69
C ASP B 13 -6.56 -8.25 -87.40
N LEU B 14 -6.96 -7.84 -86.20
CA LEU B 14 -6.84 -6.43 -85.81
C LEU B 14 -5.39 -5.94 -85.90
N LEU B 15 -4.44 -6.79 -85.52
CA LEU B 15 -3.04 -6.41 -85.61
C LEU B 15 -2.71 -6.15 -87.06
N ASP B 16 -3.26 -7.02 -87.92
CA ASP B 16 -3.02 -6.97 -89.35
C ASP B 16 -3.60 -5.67 -89.93
N ARG B 17 -4.72 -5.20 -89.42
CA ARG B 17 -5.29 -3.95 -89.92
C ARG B 17 -4.68 -2.66 -89.30
N GLY B 18 -3.52 -2.75 -88.63
CA GLY B 18 -2.82 -1.55 -88.16
C GLY B 18 -3.16 -1.03 -86.76
N HIS B 19 -3.89 -1.83 -85.97
CA HIS B 19 -4.09 -1.50 -84.56
C HIS B 19 -2.90 -1.98 -83.73
N PHE B 20 -1.97 -1.08 -83.40
CA PHE B 20 -0.72 -1.52 -82.75
C PHE B 20 -0.68 -1.37 -81.23
N LEU B 21 -1.71 -0.76 -80.67
CA LEU B 21 -1.79 -0.59 -79.22
C LEU B 21 -2.65 -1.66 -78.58
N SER B 22 -2.13 -2.28 -77.52
CA SER B 22 -2.94 -3.24 -76.74
C SER B 22 -4.14 -2.51 -76.16
N GLY B 23 -5.25 -3.20 -76.03
CA GLY B 23 -6.48 -2.57 -75.55
C GLY B 23 -7.73 -3.34 -75.92
N TRP B 24 -8.88 -2.82 -75.52
CA TRP B 24 -10.13 -3.52 -75.70
C TRP B 24 -10.72 -3.24 -77.06
N HIS B 25 -10.74 -4.26 -77.92
CA HIS B 25 -11.40 -4.13 -79.22
C HIS B 25 -12.54 -5.11 -79.28
N THR B 26 -13.44 -4.88 -80.23
CA THR B 26 -14.56 -5.77 -80.43
C THR B 26 -14.34 -6.64 -81.68
N ILE B 27 -14.49 -7.95 -81.52
CA ILE B 27 -14.33 -8.90 -82.64
C ILE B 27 -15.66 -9.60 -82.90
N TYR B 28 -15.73 -10.46 -83.91
CA TYR B 28 -17.00 -11.16 -84.19
C TYR B 28 -16.81 -12.67 -84.15
N LEU B 29 -17.49 -13.31 -83.21
CA LEU B 29 -17.40 -14.75 -83.08
C LEU B 29 -17.94 -15.44 -84.34
N PRO B 30 -17.70 -16.75 -84.45
CA PRO B 30 -18.12 -17.53 -85.60
C PRO B 30 -19.63 -17.54 -85.84
N ASP B 31 -20.42 -17.39 -84.77
CA ASP B 31 -21.86 -17.22 -84.88
C ASP B 31 -22.29 -15.74 -85.01
N CYS B 32 -21.34 -14.89 -85.41
CA CYS B 32 -21.60 -13.46 -85.57
C CYS B 32 -21.94 -12.72 -84.26
N ARG B 33 -21.62 -13.32 -83.12
CA ARG B 33 -21.83 -12.64 -81.84
C ARG B 33 -20.70 -11.65 -81.58
N PRO B 34 -21.03 -10.36 -81.50
CA PRO B 34 -19.99 -9.40 -81.09
C PRO B 34 -19.60 -9.60 -79.63
N LEU B 35 -18.29 -9.64 -79.36
CA LEU B 35 -17.71 -9.74 -78.03
C LEU B 35 -16.55 -8.76 -77.94
N THR B 36 -16.52 -7.98 -76.87
CA THR B 36 -15.46 -7.00 -76.69
C THR B 36 -14.31 -7.68 -75.91
N VAL B 37 -13.11 -7.81 -76.50
CA VAL B 37 -12.02 -8.55 -75.88
C VAL B 37 -10.79 -7.68 -75.70
N LEU B 38 -9.85 -8.17 -74.90
CA LEU B 38 -8.61 -7.47 -74.66
C LEU B 38 -7.52 -8.00 -75.58
N CYS B 39 -7.06 -7.18 -76.51
CA CYS B 39 -6.02 -7.60 -77.44
C CYS B 39 -4.65 -7.21 -76.91
N ASP B 40 -3.77 -8.19 -76.75
CA ASP B 40 -2.39 -7.92 -76.39
C ASP B 40 -1.57 -7.81 -77.68
N MET B 41 -1.22 -6.59 -78.06
CA MET B 41 -0.53 -6.32 -79.32
C MET B 41 0.96 -6.15 -79.13
N ASP B 42 1.43 -6.33 -77.91
CA ASP B 42 2.79 -5.98 -77.56
C ASP B 42 3.69 -7.18 -77.35
N THR B 43 3.14 -8.28 -76.84
CA THR B 43 3.94 -9.44 -76.45
C THR B 43 4.17 -10.47 -77.55
N ASP B 44 5.41 -10.94 -77.65
CA ASP B 44 5.74 -12.06 -78.56
C ASP B 44 5.00 -11.99 -79.88
N GLY B 45 5.22 -10.92 -80.64
CA GLY B 45 4.62 -10.78 -81.96
C GLY B 45 3.27 -10.10 -81.96
N GLY B 46 2.56 -10.15 -80.84
CA GLY B 46 1.26 -9.49 -80.74
C GLY B 46 0.15 -10.33 -81.37
N GLY B 47 -1.07 -9.84 -81.31
CA GLY B 47 -2.21 -10.56 -81.86
C GLY B 47 -2.87 -11.54 -80.92
N TRP B 48 -2.57 -11.42 -79.62
CA TRP B 48 -3.15 -12.29 -78.62
C TRP B 48 -4.48 -11.78 -78.07
N THR B 49 -5.41 -12.71 -77.88
CA THR B 49 -6.66 -12.40 -77.22
C THR B 49 -6.59 -12.90 -75.78
N VAL B 50 -6.81 -12.01 -74.83
CA VAL B 50 -6.59 -12.32 -73.44
C VAL B 50 -7.89 -12.71 -72.74
N PHE B 51 -7.95 -13.92 -72.19
CA PHE B 51 -9.19 -14.38 -71.55
C PHE B 51 -9.11 -14.42 -70.02
N GLN B 52 -7.93 -14.18 -69.46
CA GLN B 52 -7.75 -14.14 -68.01
C GLN B 52 -6.66 -13.17 -67.63
N ARG B 53 -6.93 -12.33 -66.63
CA ARG B 53 -5.97 -11.36 -66.16
C ARG B 53 -6.04 -11.10 -64.66
N ARG B 54 -4.90 -11.26 -63.98
CA ARG B 54 -4.76 -10.93 -62.57
C ARG B 54 -3.70 -9.85 -62.49
N VAL B 55 -4.01 -8.74 -61.85
CA VAL B 55 -3.07 -7.63 -61.81
C VAL B 55 -2.84 -7.07 -60.40
N ASP B 56 -3.86 -7.11 -59.56
CA ASP B 56 -3.84 -6.36 -58.31
C ASP B 56 -4.66 -7.01 -57.21
N GLY B 57 -5.44 -8.04 -57.55
CA GLY B 57 -6.28 -8.70 -56.56
C GLY B 57 -7.48 -7.86 -56.17
N SER B 58 -7.75 -6.82 -56.95
CA SER B 58 -8.97 -6.04 -56.78
C SER B 58 -10.26 -6.83 -56.98
N VAL B 59 -10.20 -7.90 -57.77
CA VAL B 59 -11.41 -8.69 -58.07
C VAL B 59 -11.38 -10.07 -57.41
N ASP B 60 -12.54 -10.52 -56.96
CA ASP B 60 -12.69 -11.83 -56.34
C ASP B 60 -12.89 -12.95 -57.38
N PHE B 61 -11.97 -13.91 -57.37
CA PHE B 61 -11.98 -15.00 -58.36
C PHE B 61 -12.56 -16.30 -57.80
N TYR B 62 -12.97 -16.28 -56.54
CA TYR B 62 -13.54 -17.47 -55.91
C TYR B 62 -15.06 -17.56 -56.19
N ARG B 63 -15.42 -17.83 -57.45
CA ARG B 63 -16.81 -17.72 -57.87
C ARG B 63 -17.46 -19.02 -58.33
N ASP B 64 -18.79 -19.05 -58.31
CA ASP B 64 -19.56 -20.24 -58.67
C ASP B 64 -19.56 -20.58 -60.17
N TRP B 65 -20.27 -21.63 -60.55
CA TRP B 65 -20.34 -22.11 -61.93
C TRP B 65 -20.93 -21.08 -62.90
N ALA B 66 -22.10 -20.54 -62.58
CA ALA B 66 -22.78 -19.60 -63.46
C ALA B 66 -21.91 -18.40 -63.76
N THR B 67 -21.09 -18.02 -62.80
CA THR B 67 -20.27 -16.82 -62.92
C THR B 67 -19.06 -17.07 -63.81
N TYR B 68 -18.44 -18.24 -63.69
CA TYR B 68 -17.34 -18.60 -64.59
C TYR B 68 -17.86 -18.84 -65.99
N LYS B 69 -19.10 -19.29 -66.08
CA LYS B 69 -19.75 -19.55 -67.36
C LYS B 69 -19.82 -18.27 -68.21
N GLN B 70 -20.26 -17.19 -67.58
CA GLN B 70 -20.57 -15.98 -68.34
C GLN B 70 -19.46 -14.92 -68.30
N GLY B 71 -18.47 -15.10 -67.42
CA GLY B 71 -17.41 -14.12 -67.28
C GLY B 71 -17.73 -13.09 -66.24
N PHE B 72 -16.71 -12.42 -65.73
CA PHE B 72 -16.86 -11.49 -64.62
C PHE B 72 -15.61 -10.65 -64.51
N GLY B 73 -15.72 -9.51 -63.82
CA GLY B 73 -14.58 -8.60 -63.65
C GLY B 73 -14.72 -7.27 -64.38
N SER B 74 -13.60 -6.60 -64.57
CA SER B 74 -13.60 -5.25 -65.10
C SER B 74 -12.57 -5.06 -66.23
N ARG B 75 -13.00 -4.50 -67.35
CA ARG B 75 -12.08 -4.16 -68.40
C ARG B 75 -10.98 -3.23 -67.89
N LEU B 76 -11.25 -2.56 -66.77
CA LEU B 76 -10.27 -1.68 -66.18
C LEU B 76 -9.18 -2.40 -65.40
N GLY B 77 -9.34 -3.71 -65.21
CA GLY B 77 -8.37 -4.45 -64.39
C GLY B 77 -8.38 -5.95 -64.55
N GLU B 78 -8.78 -6.65 -63.50
CA GLU B 78 -8.79 -8.11 -63.49
C GLU B 78 -10.08 -8.65 -64.11
N PHE B 79 -10.03 -9.82 -64.72
CA PHE B 79 -11.23 -10.41 -65.31
C PHE B 79 -11.03 -11.86 -65.79
N TRP B 80 -12.16 -12.54 -65.98
CA TRP B 80 -12.22 -13.83 -66.69
C TRP B 80 -13.26 -13.68 -67.78
N LEU B 81 -12.87 -13.95 -69.02
CA LEU B 81 -13.73 -13.69 -70.19
C LEU B 81 -15.03 -14.49 -70.17
N GLY B 82 -15.03 -15.63 -69.51
CA GLY B 82 -16.20 -16.49 -69.48
C GLY B 82 -15.99 -17.75 -70.29
N ASN B 83 -16.38 -18.88 -69.72
CA ASN B 83 -16.16 -20.18 -70.35
C ASN B 83 -16.88 -20.39 -71.68
N ASP B 84 -18.09 -19.86 -71.83
CA ASP B 84 -18.74 -19.94 -73.14
C ASP B 84 -17.93 -19.22 -74.21
N ASN B 85 -17.58 -17.97 -73.93
CA ASN B 85 -16.74 -17.19 -74.82
C ASN B 85 -15.42 -17.87 -75.17
N ILE B 86 -14.73 -18.39 -74.14
CA ILE B 86 -13.48 -19.09 -74.34
C ILE B 86 -13.66 -20.28 -75.27
N HIS B 87 -14.74 -21.04 -75.06
CA HIS B 87 -15.04 -22.12 -75.97
C HIS B 87 -15.24 -21.59 -77.39
N ALA B 88 -16.13 -20.62 -77.52
CA ALA B 88 -16.41 -20.00 -78.82
C ALA B 88 -15.13 -19.58 -79.57
N LEU B 89 -14.15 -19.05 -78.86
CA LEU B 89 -12.95 -18.56 -79.48
C LEU B 89 -11.98 -19.64 -79.86
N THR B 90 -12.28 -20.89 -79.54
CA THR B 90 -11.34 -21.97 -79.75
C THR B 90 -11.99 -23.23 -80.26
N ALA B 91 -13.29 -23.15 -80.50
CA ALA B 91 -14.09 -24.28 -80.96
C ALA B 91 -13.69 -24.65 -82.37
N GLN B 92 -13.55 -23.63 -83.23
CA GLN B 92 -13.14 -23.89 -84.62
C GLN B 92 -11.71 -23.52 -84.89
N GLY B 93 -10.96 -24.56 -85.19
CA GLY B 93 -9.58 -24.33 -85.59
C GLY B 93 -8.61 -24.44 -84.42
N THR B 94 -7.55 -23.62 -84.47
CA THR B 94 -6.31 -24.05 -83.86
C THR B 94 -5.51 -22.88 -83.28
N SER B 95 -5.70 -22.64 -82.00
CA SER B 95 -5.15 -21.48 -81.33
C SER B 95 -3.97 -21.89 -80.44
N GLU B 96 -2.86 -21.17 -80.51
CA GLU B 96 -1.83 -21.40 -79.49
C GLU B 96 -2.16 -20.68 -78.19
N LEU B 97 -1.43 -21.05 -77.14
CA LEU B 97 -1.67 -20.50 -75.81
C LEU B 97 -0.40 -19.98 -75.20
N ARG B 98 -0.45 -18.73 -74.74
CA ARG B 98 0.60 -18.16 -73.95
C ARG B 98 0.13 -17.87 -72.52
N THR B 99 0.92 -18.30 -71.53
CA THR B 99 0.77 -17.83 -70.13
C THR B 99 1.92 -16.92 -69.76
N ASP B 100 1.59 -15.73 -69.26
CA ASP B 100 2.59 -14.72 -68.87
C ASP B 100 2.52 -14.41 -67.39
N LEU B 101 3.62 -14.63 -66.67
CA LEU B 101 3.63 -14.38 -65.22
C LEU B 101 4.73 -13.44 -64.73
N VAL B 102 4.42 -12.64 -63.72
CA VAL B 102 5.40 -11.71 -63.18
C VAL B 102 5.34 -11.64 -61.67
N ASP B 103 6.46 -11.94 -61.00
CA ASP B 103 6.49 -11.87 -59.55
C ASP B 103 6.71 -10.44 -59.04
N PHE B 104 6.77 -10.28 -57.72
CA PHE B 104 6.84 -8.94 -57.12
C PHE B 104 8.25 -8.39 -57.12
N GLU B 105 9.20 -9.28 -57.35
CA GLU B 105 10.62 -8.97 -57.54
C GLU B 105 10.84 -8.47 -58.99
N ASP B 106 9.80 -8.51 -59.80
CA ASP B 106 9.85 -8.09 -61.22
C ASP B 106 10.37 -9.15 -62.22
N ASN B 107 10.34 -10.42 -61.83
CA ASN B 107 10.80 -11.45 -62.74
C ASN B 107 9.70 -11.96 -63.68
N TYR B 108 9.89 -11.72 -64.97
N TYR B 108 9.87 -11.70 -64.98
CA TYR B 108 8.97 -12.20 -65.97
CA TYR B 108 8.92 -12.17 -65.98
C TYR B 108 9.27 -13.67 -66.25
C TYR B 108 9.23 -13.64 -66.32
N GLN B 109 8.21 -14.49 -66.27
CA GLN B 109 8.33 -15.89 -66.71
C GLN B 109 7.20 -16.12 -67.70
N PHE B 110 7.29 -17.12 -68.54
CA PHE B 110 6.20 -17.37 -69.48
C PHE B 110 6.16 -18.85 -69.83
N ALA B 111 5.10 -19.31 -70.49
CA ALA B 111 5.02 -20.70 -70.95
C ALA B 111 4.15 -20.73 -72.18
N LYS B 112 4.55 -21.47 -73.21
CA LYS B 112 3.74 -21.51 -74.42
C LYS B 112 3.36 -22.91 -74.86
N TYR B 113 2.20 -23.00 -75.53
CA TYR B 113 1.58 -24.30 -75.87
C TYR B 113 1.04 -24.35 -77.27
N ARG B 114 1.30 -25.43 -77.97
CA ARG B 114 1.03 -25.48 -79.40
C ARG B 114 -0.44 -25.37 -79.78
N SER B 115 -1.36 -25.88 -78.95
CA SER B 115 -2.79 -25.66 -79.13
C SER B 115 -3.53 -25.68 -77.80
N PHE B 116 -4.73 -25.10 -77.80
CA PHE B 116 -5.53 -24.94 -76.59
C PHE B 116 -6.98 -24.82 -77.00
N LYS B 117 -7.83 -25.62 -76.37
CA LYS B 117 -9.24 -25.67 -76.74
C LYS B 117 -10.04 -26.07 -75.52
N VAL B 118 -11.23 -25.51 -75.34
CA VAL B 118 -12.12 -26.00 -74.31
C VAL B 118 -13.47 -26.40 -74.89
N ALA B 119 -13.96 -27.56 -74.48
CA ALA B 119 -15.26 -28.05 -74.91
C ALA B 119 -16.37 -27.10 -74.45
N ASP B 120 -17.62 -27.39 -74.83
CA ASP B 120 -18.74 -26.57 -74.39
C ASP B 120 -19.24 -27.05 -73.02
N GLU B 121 -20.27 -26.39 -72.51
CA GLU B 121 -20.77 -26.70 -71.18
C GLU B 121 -21.23 -28.15 -71.03
N ALA B 122 -21.85 -28.70 -72.07
CA ALA B 122 -22.28 -30.09 -72.05
C ALA B 122 -21.12 -31.00 -71.69
N GLU B 123 -19.94 -30.57 -72.09
CA GLU B 123 -18.76 -31.36 -71.92
C GLU B 123 -17.95 -30.86 -70.73
N LYS B 124 -18.59 -30.08 -69.89
CA LYS B 124 -17.91 -29.47 -68.73
C LYS B 124 -16.61 -28.70 -69.07
N TYR B 125 -16.64 -27.90 -70.13
CA TYR B 125 -15.50 -27.06 -70.54
C TYR B 125 -14.18 -27.80 -70.49
N ASN B 126 -14.22 -29.07 -70.89
CA ASN B 126 -13.02 -29.89 -71.03
C ASN B 126 -11.82 -29.20 -71.69
N LEU B 127 -10.62 -29.44 -71.16
CA LEU B 127 -9.40 -28.87 -71.73
C LEU B 127 -8.69 -29.83 -72.67
N VAL B 128 -8.44 -29.42 -73.89
CA VAL B 128 -7.51 -30.17 -74.74
C VAL B 128 -6.27 -29.32 -75.06
N LEU B 129 -5.18 -29.63 -74.35
CA LEU B 129 -3.94 -28.88 -74.44
C LEU B 129 -2.97 -29.52 -75.41
N GLY B 130 -2.44 -28.73 -76.33
CA GLY B 130 -1.34 -29.17 -77.17
C GLY B 130 -0.01 -29.31 -76.41
N ALA B 131 1.04 -29.59 -77.16
CA ALA B 131 2.33 -29.86 -76.55
C ALA B 131 2.98 -28.60 -76.04
N PHE B 132 3.75 -28.76 -74.99
CA PHE B 132 4.55 -27.71 -74.44
C PHE B 132 5.69 -27.36 -75.39
N VAL B 133 5.80 -26.10 -75.78
CA VAL B 133 6.85 -25.65 -76.72
C VAL B 133 8.18 -25.12 -76.11
N GLU B 134 8.10 -24.05 -75.33
CA GLU B 134 9.24 -23.52 -74.57
C GLU B 134 8.67 -22.66 -73.45
N GLY B 135 9.52 -22.10 -72.59
CA GLY B 135 9.04 -21.22 -71.52
C GLY B 135 9.73 -21.32 -70.16
N SER B 136 10.10 -20.16 -69.61
CA SER B 136 10.87 -20.03 -68.37
C SER B 136 10.09 -20.40 -67.09
N ALA B 137 8.77 -20.53 -67.22
CA ALA B 137 7.89 -20.83 -66.09
C ALA B 137 7.77 -22.33 -65.93
N GLY B 138 8.30 -23.06 -66.93
CA GLY B 138 8.26 -24.52 -66.94
C GLY B 138 6.87 -24.96 -67.30
N ASP B 139 6.70 -26.28 -67.56
CA ASP B 139 5.37 -26.81 -67.88
C ASP B 139 4.60 -27.14 -66.60
N SER B 140 3.56 -26.35 -66.29
CA SER B 140 2.65 -26.71 -65.21
C SER B 140 1.19 -26.70 -65.65
N LEU B 141 0.93 -27.22 -66.85
CA LEU B 141 -0.41 -27.27 -67.38
C LEU B 141 -0.72 -28.58 -68.12
N THR B 142 0.30 -29.26 -68.62
CA THR B 142 0.13 -30.54 -69.32
C THR B 142 -0.45 -31.57 -68.36
N PHE B 143 -0.15 -31.37 -67.08
CA PHE B 143 -0.67 -32.19 -66.01
C PHE B 143 -2.22 -32.21 -66.06
N HIS B 144 -2.80 -31.07 -66.47
CA HIS B 144 -4.26 -30.86 -66.45
C HIS B 144 -4.92 -31.09 -67.79
N ASN B 145 -4.26 -31.79 -68.69
CA ASN B 145 -4.89 -32.09 -69.96
C ASN B 145 -6.08 -33.05 -69.81
N ASN B 146 -7.07 -32.90 -70.67
CA ASN B 146 -8.20 -33.82 -70.69
C ASN B 146 -9.02 -33.86 -69.38
N GLN B 147 -9.18 -32.69 -68.77
CA GLN B 147 -9.86 -32.59 -67.50
C GLN B 147 -10.96 -31.54 -67.57
N SER B 148 -12.06 -31.78 -66.88
CA SER B 148 -13.16 -30.85 -66.86
C SER B 148 -12.83 -29.65 -65.97
N PHE B 149 -13.49 -28.54 -66.22
CA PHE B 149 -13.31 -27.39 -65.40
C PHE B 149 -14.21 -27.61 -64.16
N SER B 150 -13.81 -27.09 -63.01
CA SER B 150 -14.62 -27.26 -61.81
C SER B 150 -14.66 -25.96 -61.04
N THR B 151 -15.79 -25.69 -60.40
CA THR B 151 -15.92 -24.57 -59.47
C THR B 151 -16.26 -25.09 -58.08
N LYS B 152 -16.23 -24.23 -57.09
CA LYS B 152 -16.59 -24.63 -55.72
C LYS B 152 -17.97 -25.29 -55.63
N ASP B 153 -18.88 -24.90 -56.50
CA ASP B 153 -20.22 -25.43 -56.41
C ASP B 153 -20.48 -26.45 -57.46
N GLN B 154 -19.43 -26.85 -58.18
CA GLN B 154 -19.55 -27.94 -59.12
C GLN B 154 -18.27 -28.75 -59.28
N ASP B 155 -18.17 -29.82 -58.49
CA ASP B 155 -16.98 -30.65 -58.37
C ASP B 155 -16.90 -31.67 -59.50
N ASN B 156 -15.96 -31.45 -60.41
CA ASN B 156 -15.75 -32.37 -61.51
C ASN B 156 -14.33 -32.94 -61.50
N ASP B 157 -13.62 -32.79 -60.38
CA ASP B 157 -12.20 -33.18 -60.35
C ASP B 157 -12.01 -34.67 -60.11
N LEU B 158 -10.76 -35.12 -60.01
CA LEU B 158 -10.47 -36.52 -59.76
C LEU B 158 -10.02 -36.70 -58.31
N ASN B 159 -10.57 -35.89 -57.42
CA ASN B 159 -10.24 -35.97 -56.02
C ASN B 159 -11.47 -36.36 -55.23
N THR B 160 -11.28 -37.24 -54.25
CA THR B 160 -12.40 -37.65 -53.42
C THR B 160 -12.96 -36.45 -52.65
N GLY B 161 -12.15 -35.40 -52.50
CA GLY B 161 -12.62 -34.13 -51.95
C GLY B 161 -12.84 -33.09 -53.03
N ASN B 162 -12.94 -31.83 -52.61
CA ASN B 162 -13.23 -30.69 -53.49
C ASN B 162 -12.01 -29.76 -53.75
N CYS B 163 -11.32 -29.93 -54.87
CA CYS B 163 -10.11 -29.16 -55.17
C CYS B 163 -10.32 -27.66 -55.24
N ALA B 164 -11.47 -27.24 -55.76
CA ALA B 164 -11.81 -25.83 -55.84
C ALA B 164 -11.94 -25.17 -54.45
N VAL B 165 -12.46 -25.90 -53.47
CA VAL B 165 -12.59 -25.42 -52.10
C VAL B 165 -11.23 -25.57 -51.44
N MET B 166 -10.54 -26.66 -51.70
CA MET B 166 -9.25 -26.85 -51.05
C MET B 166 -8.23 -25.81 -51.45
N PHE B 167 -8.23 -25.41 -52.71
CA PHE B 167 -7.24 -24.42 -53.14
C PHE B 167 -7.87 -23.09 -53.61
N GLN B 168 -9.06 -22.83 -53.08
CA GLN B 168 -9.75 -21.54 -53.20
C GLN B 168 -9.70 -20.95 -54.60
N GLY B 169 -10.25 -21.68 -55.58
CA GLY B 169 -10.28 -21.16 -56.94
C GLY B 169 -11.17 -21.89 -57.91
N ALA B 170 -10.70 -22.02 -59.14
CA ALA B 170 -11.47 -22.60 -60.25
C ALA B 170 -10.50 -23.02 -61.35
N TRP B 171 -10.70 -24.18 -61.93
CA TRP B 171 -9.65 -24.75 -62.77
C TRP B 171 -10.00 -26.11 -63.33
N TRP B 172 -9.16 -26.59 -64.23
CA TRP B 172 -9.25 -27.94 -64.72
C TRP B 172 -8.49 -28.81 -63.74
N TYR B 173 -8.91 -28.75 -62.49
CA TYR B 173 -8.30 -29.54 -61.42
C TYR B 173 -8.37 -31.01 -61.74
N LYS B 174 -7.32 -31.74 -61.39
CA LYS B 174 -7.34 -33.18 -61.50
C LYS B 174 -7.28 -33.71 -60.07
N ASN B 175 -6.13 -33.70 -59.43
CA ASN B 175 -5.99 -34.37 -58.14
C ASN B 175 -4.92 -33.90 -57.15
N CYS B 176 -4.68 -32.59 -56.96
CA CYS B 176 -5.56 -31.52 -57.41
C CYS B 176 -5.00 -30.68 -58.51
N HIS B 177 -3.80 -30.13 -58.30
CA HIS B 177 -3.28 -29.25 -59.32
C HIS B 177 -1.77 -29.06 -59.32
N THR B 178 -1.30 -28.52 -60.42
CA THR B 178 0.08 -28.14 -60.52
C THR B 178 0.17 -26.67 -60.99
N SER B 179 -0.99 -26.11 -61.34
CA SER B 179 -1.16 -24.67 -61.58
C SER B 179 -2.53 -24.21 -61.04
N ASN B 180 -2.62 -22.95 -60.62
CA ASN B 180 -3.83 -22.46 -59.96
C ASN B 180 -4.02 -20.96 -60.18
N LEU B 181 -4.11 -20.56 -61.43
CA LEU B 181 -4.05 -19.15 -61.78
C LEU B 181 -5.31 -18.34 -61.42
N ASN B 182 -6.38 -19.04 -61.07
CA ASN B 182 -7.59 -18.40 -60.58
C ASN B 182 -7.69 -18.44 -59.04
N GLY B 183 -6.57 -18.75 -58.39
CA GLY B 183 -6.47 -18.75 -56.93
C GLY B 183 -6.54 -17.37 -56.30
N ARG B 184 -6.33 -17.29 -54.99
CA ARG B 184 -6.44 -16.02 -54.28
C ARG B 184 -5.20 -15.16 -54.46
N TYR B 185 -5.39 -13.85 -54.51
CA TYR B 185 -4.30 -12.93 -54.71
C TYR B 185 -3.57 -12.71 -53.39
N LEU B 186 -2.66 -13.62 -53.06
CA LEU B 186 -2.04 -13.64 -51.72
C LEU B 186 -0.75 -12.81 -51.59
N ARG B 187 -0.31 -12.19 -52.68
CA ARG B 187 0.83 -11.27 -52.67
C ARG B 187 2.20 -11.88 -52.23
N GLY B 188 2.86 -12.58 -53.16
CA GLY B 188 4.15 -13.18 -52.90
C GLY B 188 4.07 -14.44 -52.05
N THR B 189 5.00 -14.57 -51.11
CA THR B 189 5.05 -15.74 -50.25
C THR B 189 3.81 -15.83 -49.36
N HIS B 190 3.38 -17.06 -49.08
CA HIS B 190 2.24 -17.28 -48.17
C HIS B 190 2.36 -18.63 -47.50
N GLY B 191 1.84 -18.70 -46.28
CA GLY B 191 1.85 -19.94 -45.49
C GLY B 191 0.80 -20.96 -45.87
N SER B 192 -0.38 -20.49 -46.30
CA SER B 192 -1.43 -21.40 -46.72
C SER B 192 -0.96 -22.16 -47.95
N PHE B 193 -1.28 -23.44 -47.99
CA PHE B 193 -0.73 -24.34 -49.01
C PHE B 193 -1.49 -24.38 -50.34
N ALA B 194 -0.95 -23.66 -51.32
CA ALA B 194 -1.40 -23.74 -52.71
C ALA B 194 -2.81 -23.18 -52.98
N ASN B 195 -3.16 -22.12 -52.27
CA ASN B 195 -4.41 -21.41 -52.53
C ASN B 195 -4.19 -20.03 -53.16
N GLY B 196 -3.01 -19.83 -53.73
CA GLY B 196 -2.71 -18.57 -54.39
C GLY B 196 -2.57 -18.72 -55.90
N ILE B 197 -2.04 -17.67 -56.53
CA ILE B 197 -1.77 -17.67 -57.97
C ILE B 197 -0.45 -18.40 -58.18
N ASN B 198 -0.54 -19.72 -58.21
CA ASN B 198 0.62 -20.60 -58.17
C ASN B 198 0.84 -21.37 -59.46
N TRP B 199 2.08 -21.32 -59.95
CA TRP B 199 2.55 -22.16 -61.04
C TRP B 199 3.69 -22.94 -60.43
N LYS B 200 3.56 -24.27 -60.33
CA LYS B 200 4.56 -25.06 -59.59
C LYS B 200 5.98 -24.87 -60.10
N SER B 201 6.24 -25.32 -61.32
CA SER B 201 7.55 -25.18 -61.92
C SER B 201 8.07 -23.75 -61.91
N GLY B 202 7.16 -22.79 -61.73
CA GLY B 202 7.51 -21.37 -61.71
C GLY B 202 8.13 -20.95 -60.38
N LYS B 203 7.31 -20.45 -59.48
CA LYS B 203 7.80 -20.14 -58.16
C LYS B 203 7.17 -21.01 -57.05
N GLY B 204 6.62 -22.19 -57.38
CA GLY B 204 6.19 -23.19 -56.38
C GLY B 204 4.82 -23.08 -55.73
N TYR B 205 4.55 -23.92 -54.74
CA TYR B 205 3.20 -24.02 -54.11
C TYR B 205 2.88 -22.97 -53.06
N ASN B 206 3.83 -22.05 -52.83
CA ASN B 206 3.74 -21.10 -51.74
C ASN B 206 4.06 -19.68 -52.14
N TYR B 207 3.87 -19.35 -53.42
CA TYR B 207 4.16 -18.02 -53.93
C TYR B 207 3.09 -17.57 -54.95
N SER B 208 2.59 -16.35 -54.79
CA SER B 208 1.48 -15.88 -55.60
C SER B 208 1.90 -14.68 -56.45
N TYR B 209 1.90 -14.84 -57.77
CA TYR B 209 2.42 -13.82 -58.68
C TYR B 209 1.73 -12.47 -58.52
N LYS B 210 2.41 -11.41 -58.96
CA LYS B 210 1.79 -10.10 -59.01
C LYS B 210 0.86 -10.05 -60.20
N VAL B 211 1.31 -10.61 -61.32
CA VAL B 211 0.58 -10.51 -62.59
C VAL B 211 0.42 -11.86 -63.27
N SER B 212 -0.77 -12.13 -63.80
CA SER B 212 -1.01 -13.36 -64.55
C SER B 212 -1.86 -13.04 -65.76
N GLU B 213 -1.47 -13.60 -66.90
CA GLU B 213 -2.23 -13.42 -68.13
C GLU B 213 -2.27 -14.71 -68.99
N MET B 214 -3.46 -15.09 -69.43
CA MET B 214 -3.59 -16.23 -70.33
C MET B 214 -4.17 -15.70 -71.63
N LYS B 215 -3.56 -16.03 -72.75
CA LYS B 215 -3.98 -15.46 -74.00
C LYS B 215 -3.90 -16.44 -75.15
N VAL B 216 -4.71 -16.24 -76.18
CA VAL B 216 -4.72 -17.15 -77.33
C VAL B 216 -4.56 -16.43 -78.64
N ARG B 217 -3.89 -17.08 -79.56
CA ARG B 217 -3.68 -16.54 -80.88
C ARG B 217 -3.85 -17.67 -81.89
N PRO B 218 -4.42 -17.36 -83.05
CA PRO B 218 -4.65 -18.41 -84.03
C PRO B 218 -3.31 -18.84 -84.54
N ALA B 219 -3.09 -20.14 -84.58
CA ALA B 219 -1.85 -20.65 -85.06
C ALA B 219 -2.20 -21.05 -86.48
N THR C 6 -33.91 2.24 -80.06
CA THR C 6 -33.44 0.85 -80.43
C THR C 6 -32.03 0.55 -79.85
N GLY C 7 -31.88 0.77 -78.55
CA GLY C 7 -30.59 0.66 -77.85
C GLY C 7 -30.74 0.96 -76.37
N PRO C 8 -29.68 0.72 -75.60
CA PRO C 8 -29.74 0.70 -74.15
C PRO C 8 -29.91 2.11 -73.59
N ARG C 9 -30.65 2.26 -72.50
CA ARG C 9 -30.67 3.57 -71.81
C ARG C 9 -30.16 3.53 -70.40
N THR C 10 -29.76 2.35 -69.90
CA THR C 10 -29.12 2.27 -68.59
C THR C 10 -28.13 1.10 -68.57
N CYS C 11 -27.24 1.08 -67.58
CA CYS C 11 -26.32 -0.04 -67.40
C CYS C 11 -27.07 -1.37 -67.17
N LYS C 12 -28.24 -1.30 -66.56
N LYS C 12 -28.25 -1.31 -66.57
CA LYS C 12 -29.06 -2.49 -66.34
CA LYS C 12 -29.01 -2.52 -66.35
C LYS C 12 -29.47 -3.13 -67.67
C LYS C 12 -29.50 -3.14 -67.66
N ASP C 13 -29.89 -2.30 -68.63
CA ASP C 13 -30.24 -2.81 -69.98
C ASP C 13 -29.05 -3.56 -70.53
N LEU C 14 -27.88 -2.92 -70.46
CA LEU C 14 -26.66 -3.52 -70.99
C LEU C 14 -26.37 -4.88 -70.34
N LEU C 15 -26.62 -4.99 -69.04
CA LEU C 15 -26.42 -6.26 -68.36
C LEU C 15 -27.32 -7.30 -68.97
N ASP C 16 -28.57 -6.90 -69.23
CA ASP C 16 -29.61 -7.75 -69.78
C ASP C 16 -29.31 -8.25 -71.19
N ARG C 17 -28.53 -7.50 -71.95
CA ARG C 17 -28.15 -7.93 -73.27
C ARG C 17 -26.90 -8.80 -73.33
N GLY C 18 -26.28 -9.09 -72.19
CA GLY C 18 -25.12 -9.99 -72.18
C GLY C 18 -23.73 -9.35 -72.03
N HIS C 19 -23.68 -8.07 -71.69
CA HIS C 19 -22.42 -7.43 -71.33
C HIS C 19 -22.09 -7.69 -69.86
N PHE C 20 -21.23 -8.68 -69.58
CA PHE C 20 -21.01 -9.10 -68.21
C PHE C 20 -19.77 -8.51 -67.53
N LEU C 21 -18.95 -7.80 -68.30
CA LEU C 21 -17.75 -7.18 -67.75
C LEU C 21 -17.99 -5.71 -67.40
N SER C 22 -17.60 -5.30 -66.20
CA SER C 22 -17.65 -3.89 -65.83
C SER C 22 -16.75 -3.09 -66.76
N GLY C 23 -17.15 -1.87 -67.06
CA GLY C 23 -16.39 -1.06 -68.00
C GLY C 23 -17.19 0.09 -68.58
N TRP C 24 -16.57 0.86 -69.46
CA TRP C 24 -17.20 2.07 -70.00
C TRP C 24 -18.05 1.75 -71.21
N HIS C 25 -19.37 1.86 -71.05
CA HIS C 25 -20.27 1.70 -72.18
C HIS C 25 -20.99 3.01 -72.44
N THR C 26 -21.57 3.13 -73.62
CA THR C 26 -22.34 4.32 -73.96
C THR C 26 -23.83 4.01 -73.92
N ILE C 27 -24.59 4.84 -73.19
CA ILE C 27 -26.04 4.68 -73.10
C ILE C 27 -26.73 5.90 -73.70
N TYR C 28 -28.06 5.90 -73.65
CA TYR C 28 -28.84 6.97 -74.27
C TYR C 28 -29.79 7.57 -73.26
N LEU C 29 -29.66 8.87 -72.99
CA LEU C 29 -30.44 9.47 -71.91
C LEU C 29 -31.87 9.84 -72.36
N PRO C 30 -32.72 10.35 -71.44
CA PRO C 30 -34.13 10.59 -71.75
C PRO C 30 -34.36 11.35 -73.07
N ASP C 31 -33.38 12.17 -73.44
CA ASP C 31 -33.48 12.94 -74.68
C ASP C 31 -32.79 12.24 -75.86
N CYS C 32 -32.06 11.16 -75.59
CA CYS C 32 -31.32 10.46 -76.65
C CYS C 32 -29.91 10.98 -76.85
N ARG C 33 -29.53 11.98 -76.06
CA ARG C 33 -28.13 12.34 -76.00
C ARG C 33 -27.35 11.06 -75.62
N PRO C 34 -26.29 10.73 -76.39
CA PRO C 34 -25.50 9.57 -76.06
C PRO C 34 -24.56 9.99 -74.93
N LEU C 35 -24.32 9.08 -73.99
CA LEU C 35 -23.45 9.33 -72.84
C LEU C 35 -22.63 8.09 -72.53
N THR C 36 -21.31 8.24 -72.46
CA THR C 36 -20.46 7.12 -72.09
C THR C 36 -20.21 7.08 -70.58
N VAL C 37 -20.69 6.02 -69.95
CA VAL C 37 -20.70 5.87 -68.50
C VAL C 37 -19.96 4.61 -68.08
N LEU C 38 -19.66 4.52 -66.79
CA LEU C 38 -18.99 3.35 -66.23
C LEU C 38 -20.02 2.40 -65.65
N CYS C 39 -20.17 1.23 -66.26
CA CYS C 39 -21.11 0.24 -65.77
C CYS C 39 -20.44 -0.72 -64.81
N ASP C 40 -20.95 -0.82 -63.60
CA ASP C 40 -20.49 -1.82 -62.64
C ASP C 40 -21.36 -3.06 -62.78
N MET C 41 -20.82 -4.10 -63.42
CA MET C 41 -21.59 -5.32 -63.71
C MET C 41 -21.31 -6.42 -62.71
N ASP C 42 -20.49 -6.13 -61.71
CA ASP C 42 -19.98 -7.16 -60.84
C ASP C 42 -20.59 -7.12 -59.44
N THR C 43 -20.95 -5.94 -58.95
CA THR C 43 -21.40 -5.77 -57.55
C THR C 43 -22.90 -5.94 -57.36
N ASP C 44 -23.27 -6.67 -56.31
CA ASP C 44 -24.68 -6.77 -55.88
C ASP C 44 -25.64 -6.86 -57.06
N GLY C 45 -25.50 -7.91 -57.87
CA GLY C 45 -26.41 -8.12 -58.99
C GLY C 45 -25.99 -7.46 -60.29
N GLY C 46 -25.20 -6.41 -60.20
CA GLY C 46 -24.72 -5.71 -61.39
C GLY C 46 -25.76 -4.77 -61.96
N GLY C 47 -25.40 -4.07 -63.03
CA GLY C 47 -26.33 -3.13 -63.66
C GLY C 47 -26.28 -1.72 -63.08
N TRP C 48 -25.21 -1.42 -62.34
CA TRP C 48 -25.04 -0.10 -61.74
C TRP C 48 -24.32 0.88 -62.66
N THR C 49 -24.81 2.12 -62.69
CA THR C 49 -24.13 3.20 -63.38
C THR C 49 -23.39 4.03 -62.35
N VAL C 50 -22.08 4.19 -62.55
CA VAL C 50 -21.24 4.82 -61.55
C VAL C 50 -21.01 6.28 -61.87
N PHE C 51 -21.40 7.18 -60.97
CA PHE C 51 -21.23 8.61 -61.23
C PHE C 51 -20.11 9.27 -60.41
N GLN C 52 -19.51 8.52 -59.49
CA GLN C 52 -18.38 9.04 -58.70
C GLN C 52 -17.44 7.92 -58.34
N ARG C 53 -16.15 8.17 -58.51
CA ARG C 53 -15.16 7.18 -58.20
C ARG C 53 -13.84 7.74 -57.63
N ARG C 54 -13.51 7.39 -56.38
CA ARG C 54 -12.18 7.63 -55.84
C ARG C 54 -11.44 6.31 -55.75
N VAL C 55 -10.18 6.31 -56.17
CA VAL C 55 -9.38 5.09 -56.15
C VAL C 55 -7.94 5.25 -55.66
N ASP C 56 -7.37 6.44 -55.78
CA ASP C 56 -5.93 6.62 -55.59
C ASP C 56 -5.46 8.08 -55.32
N GLY C 57 -6.36 9.04 -55.46
CA GLY C 57 -6.04 10.41 -55.05
C GLY C 57 -5.30 11.21 -56.08
N SER C 58 -5.32 10.75 -57.31
CA SER C 58 -4.54 11.36 -58.35
C SER C 58 -5.30 12.50 -59.06
N VAL C 59 -6.53 12.78 -58.63
CA VAL C 59 -7.33 13.80 -59.31
C VAL C 59 -7.73 14.89 -58.32
N ASP C 60 -7.59 16.15 -58.68
CA ASP C 60 -8.15 17.19 -57.84
C ASP C 60 -9.69 17.21 -57.78
N PHE C 61 -10.25 17.00 -56.59
CA PHE C 61 -11.69 17.05 -56.40
C PHE C 61 -12.18 18.33 -55.78
N TYR C 62 -11.24 19.20 -55.41
CA TYR C 62 -11.60 20.45 -54.75
C TYR C 62 -11.91 21.51 -55.79
N ARG C 63 -13.11 21.46 -56.36
CA ARG C 63 -13.37 22.10 -57.65
C ARG C 63 -14.58 23.01 -57.66
N ASP C 64 -14.73 23.80 -58.71
CA ASP C 64 -15.83 24.80 -58.74
C ASP C 64 -17.22 24.31 -59.23
N TRP C 65 -18.16 25.23 -59.43
CA TRP C 65 -19.51 24.86 -59.82
C TRP C 65 -19.49 24.44 -61.29
N ALA C 66 -18.75 25.18 -62.13
CA ALA C 66 -18.69 24.91 -63.58
C ALA C 66 -18.11 23.53 -63.86
N THR C 67 -17.26 23.06 -62.95
CA THR C 67 -16.54 21.82 -63.16
C THR C 67 -17.36 20.65 -62.59
N TYR C 68 -17.94 20.87 -61.43
CA TYR C 68 -18.88 19.86 -60.92
C TYR C 68 -20.14 19.71 -61.78
N LYS C 69 -20.50 20.76 -62.50
CA LYS C 69 -21.63 20.75 -63.45
C LYS C 69 -21.36 19.93 -64.74
N GLN C 70 -20.19 20.10 -65.32
CA GLN C 70 -19.84 19.37 -66.53
C GLN C 70 -19.16 17.97 -66.30
N GLY C 71 -18.65 17.72 -65.10
CA GLY C 71 -17.98 16.46 -64.79
C GLY C 71 -16.52 16.60 -65.11
N PHE C 72 -15.68 15.75 -64.50
CA PHE C 72 -14.20 15.90 -64.61
C PHE C 72 -13.44 14.64 -64.23
N GLY C 73 -12.20 14.52 -64.69
CA GLY C 73 -11.42 13.35 -64.33
C GLY C 73 -11.12 12.39 -65.46
N SER C 74 -10.93 11.12 -65.15
CA SER C 74 -10.47 10.16 -66.15
C SER C 74 -11.15 8.80 -66.06
N ARG C 75 -11.63 8.32 -67.20
CA ARG C 75 -12.21 7.00 -67.25
C ARG C 75 -11.17 6.03 -66.83
N LEU C 76 -9.91 6.42 -67.00
CA LEU C 76 -8.80 5.58 -66.54
C LEU C 76 -8.70 5.50 -65.04
N GLY C 77 -9.40 6.38 -64.33
CA GLY C 77 -9.35 6.41 -62.85
C GLY C 77 -10.49 7.09 -62.10
N GLU C 78 -10.14 8.10 -61.33
CA GLU C 78 -11.11 8.84 -60.54
C GLU C 78 -11.92 9.76 -61.44
N PHE C 79 -13.17 10.03 -61.07
CA PHE C 79 -13.98 10.98 -61.84
C PHE C 79 -15.28 11.34 -61.12
N TRP C 80 -15.93 12.41 -61.61
CA TRP C 80 -17.31 12.79 -61.28
C TRP C 80 -18.10 13.02 -62.55
N LEU C 81 -19.19 12.26 -62.70
CA LEU C 81 -19.92 12.20 -63.97
C LEU C 81 -20.44 13.57 -64.41
N GLY C 82 -20.69 14.47 -63.47
CA GLY C 82 -21.26 15.77 -63.81
C GLY C 82 -22.69 15.91 -63.34
N ASN C 83 -22.98 16.98 -62.62
CA ASN C 83 -24.30 17.17 -62.08
C ASN C 83 -25.40 17.15 -63.14
N ASP C 84 -25.17 17.79 -64.29
CA ASP C 84 -26.16 17.75 -65.37
C ASP C 84 -26.53 16.29 -65.66
N ASN C 85 -25.51 15.49 -65.96
CA ASN C 85 -25.67 14.08 -66.27
C ASN C 85 -26.40 13.25 -65.21
N ILE C 86 -26.06 13.50 -63.94
CA ILE C 86 -26.66 12.77 -62.79
C ILE C 86 -28.15 13.04 -62.71
N HIS C 87 -28.54 14.27 -63.03
CA HIS C 87 -29.94 14.63 -63.05
C HIS C 87 -30.66 13.99 -64.25
N ALA C 88 -30.14 14.18 -65.44
CA ALA C 88 -30.69 13.47 -66.57
C ALA C 88 -30.86 11.96 -66.24
N LEU C 89 -29.82 11.32 -65.68
CA LEU C 89 -29.88 9.89 -65.36
C LEU C 89 -30.99 9.59 -64.40
N THR C 90 -31.26 10.52 -63.50
CA THR C 90 -32.27 10.27 -62.48
C THR C 90 -33.43 11.27 -62.59
N ALA C 91 -33.90 11.54 -63.81
CA ALA C 91 -34.92 12.55 -64.04
C ALA C 91 -36.33 12.09 -63.62
N GLN C 92 -36.59 10.80 -63.78
CA GLN C 92 -37.97 10.31 -63.65
C GLN C 92 -38.19 8.98 -62.91
N GLY C 93 -37.98 7.83 -63.56
CA GLY C 93 -38.51 6.56 -63.04
C GLY C 93 -37.89 5.87 -61.81
N THR C 94 -37.40 6.64 -60.84
CA THR C 94 -36.81 6.08 -59.59
C THR C 94 -35.67 5.05 -59.68
N SER C 95 -34.45 5.53 -59.50
CA SER C 95 -33.28 4.65 -59.42
C SER C 95 -32.84 4.55 -57.97
N GLU C 96 -32.47 3.36 -57.53
CA GLU C 96 -31.85 3.18 -56.23
C GLU C 96 -30.34 3.49 -56.24
N LEU C 97 -29.85 3.98 -55.12
CA LEU C 97 -28.45 4.35 -54.96
C LEU C 97 -27.74 3.31 -54.11
N ARG C 98 -26.54 2.94 -54.52
CA ARG C 98 -25.65 2.17 -53.69
C ARG C 98 -24.36 2.97 -53.53
N THR C 99 -23.78 2.89 -52.34
CA THR C 99 -22.52 3.56 -52.06
C THR C 99 -21.57 2.51 -51.62
N ASP C 100 -20.47 2.36 -52.36
CA ASP C 100 -19.46 1.33 -52.08
C ASP C 100 -18.13 1.90 -51.56
N LEU C 101 -17.64 1.40 -50.43
CA LEU C 101 -16.49 2.00 -49.72
C LEU C 101 -15.47 0.94 -49.34
N VAL C 102 -14.18 1.24 -49.51
CA VAL C 102 -13.11 0.25 -49.25
C VAL C 102 -11.98 0.90 -48.49
N ASP C 103 -11.70 0.42 -47.27
CA ASP C 103 -10.63 1.00 -46.45
C ASP C 103 -9.24 0.52 -46.86
N PHE C 104 -8.22 0.95 -46.10
CA PHE C 104 -6.85 0.65 -46.48
C PHE C 104 -6.36 -0.73 -46.07
N GLU C 105 -7.06 -1.38 -45.14
CA GLU C 105 -6.80 -2.81 -44.88
C GLU C 105 -7.66 -3.73 -45.79
N ASP C 106 -8.10 -3.18 -46.92
CA ASP C 106 -8.93 -3.86 -47.92
C ASP C 106 -10.29 -4.36 -47.47
N ASN C 107 -10.88 -3.72 -46.47
CA ASN C 107 -12.20 -4.11 -45.95
C ASN C 107 -13.36 -3.35 -46.64
N TYR C 108 -14.46 -4.04 -46.98
CA TYR C 108 -15.59 -3.38 -47.69
C TYR C 108 -16.76 -2.99 -46.78
N GLN C 109 -17.22 -1.75 -46.91
CA GLN C 109 -18.49 -1.33 -46.30
C GLN C 109 -19.40 -0.76 -47.40
N PHE C 110 -20.71 -0.81 -47.26
CA PHE C 110 -21.57 -0.27 -48.32
C PHE C 110 -22.87 0.27 -47.78
N ALA C 111 -23.55 1.09 -48.57
CA ALA C 111 -24.85 1.60 -48.19
C ALA C 111 -25.77 1.74 -49.41
N LYS C 112 -27.07 1.52 -49.18
CA LYS C 112 -28.07 1.36 -50.23
C LYS C 112 -29.37 2.13 -49.89
N TYR C 113 -29.93 2.82 -50.88
CA TYR C 113 -31.07 3.69 -50.60
C TYR C 113 -32.24 3.45 -51.58
N ARG C 114 -33.44 3.33 -51.03
CA ARG C 114 -34.63 3.03 -51.83
C ARG C 114 -34.66 3.88 -53.11
N SER C 115 -34.23 5.15 -53.02
CA SER C 115 -34.26 6.03 -54.19
C SER C 115 -33.26 7.18 -54.05
N PHE C 116 -32.90 7.78 -55.17
CA PHE C 116 -31.92 8.84 -55.21
C PHE C 116 -32.17 9.67 -56.44
N LYS C 117 -32.25 10.99 -56.27
CA LYS C 117 -32.57 11.89 -57.37
C LYS C 117 -31.94 13.23 -57.08
N VAL C 118 -31.45 13.91 -58.12
CA VAL C 118 -31.02 15.30 -57.94
C VAL C 118 -31.75 16.22 -58.90
N ALA C 119 -32.22 17.35 -58.37
CA ALA C 119 -32.88 18.36 -59.18
C ALA C 119 -31.94 18.92 -60.24
N ASP C 120 -32.45 19.82 -61.09
CA ASP C 120 -31.59 20.44 -62.09
C ASP C 120 -30.89 21.66 -61.51
N GLU C 121 -30.08 22.34 -62.34
CA GLU C 121 -29.29 23.47 -61.86
C GLU C 121 -30.15 24.60 -61.26
N ALA C 122 -31.31 24.85 -61.87
CA ALA C 122 -32.22 25.87 -61.36
C ALA C 122 -32.54 25.61 -59.89
N GLU C 123 -32.78 24.34 -59.55
CA GLU C 123 -33.06 23.97 -58.15
C GLU C 123 -31.74 23.62 -57.48
N LYS C 124 -30.66 24.07 -58.13
CA LYS C 124 -29.27 23.83 -57.67
C LYS C 124 -29.04 22.38 -57.22
N TYR C 125 -29.27 21.45 -58.16
CA TYR C 125 -28.89 20.05 -58.03
C TYR C 125 -29.25 19.52 -56.66
N ASN C 126 -30.44 19.89 -56.18
CA ASN C 126 -30.95 19.54 -54.83
C ASN C 126 -31.15 18.03 -54.60
N LEU C 127 -30.73 17.54 -53.43
CA LEU C 127 -30.75 16.10 -53.13
C LEU C 127 -32.14 15.64 -52.82
N VAL C 128 -32.61 14.61 -53.52
CA VAL C 128 -33.87 14.01 -53.13
C VAL C 128 -33.64 12.53 -52.89
N LEU C 129 -33.69 12.12 -51.63
CA LEU C 129 -33.23 10.80 -51.31
C LEU C 129 -34.28 9.94 -50.62
N GLY C 130 -34.25 8.64 -50.89
CA GLY C 130 -35.24 7.74 -50.37
C GLY C 130 -34.82 7.21 -49.03
N ALA C 131 -35.42 6.10 -48.62
CA ALA C 131 -35.17 5.52 -47.32
C ALA C 131 -33.93 4.60 -47.30
N PHE C 132 -33.20 4.61 -46.18
CA PHE C 132 -32.07 3.73 -45.97
C PHE C 132 -32.65 2.33 -45.97
N VAL C 133 -32.16 1.45 -46.83
CA VAL C 133 -32.67 0.09 -46.85
C VAL C 133 -31.73 -0.87 -46.16
N GLU C 134 -30.42 -0.60 -46.18
CA GLU C 134 -29.43 -1.46 -45.50
C GLU C 134 -27.98 -1.07 -45.75
N GLY C 135 -27.04 -1.68 -44.99
CA GLY C 135 -25.60 -1.54 -45.32
C GLY C 135 -24.56 -1.44 -44.20
N SER C 136 -23.42 -2.12 -44.36
CA SER C 136 -22.43 -2.21 -43.27
C SER C 136 -21.78 -0.90 -42.90
N ALA C 137 -22.06 0.14 -43.68
CA ALA C 137 -21.44 1.44 -43.54
C ALA C 137 -22.24 2.33 -42.64
N GLY C 138 -23.50 1.98 -42.38
CA GLY C 138 -24.43 2.84 -41.67
C GLY C 138 -25.03 3.92 -42.55
N ASP C 139 -25.93 4.69 -41.98
CA ASP C 139 -26.56 5.74 -42.77
C ASP C 139 -25.87 7.08 -42.54
N SER C 140 -25.36 7.69 -43.59
CA SER C 140 -24.69 8.98 -43.43
C SER C 140 -24.97 9.87 -44.57
N LEU C 141 -26.17 9.73 -45.16
CA LEU C 141 -26.58 10.57 -46.29
C LEU C 141 -27.96 11.18 -46.08
N THR C 142 -28.79 10.52 -45.25
CA THR C 142 -30.18 10.89 -45.02
C THR C 142 -30.21 12.27 -44.42
N PHE C 143 -29.33 12.47 -43.44
CA PHE C 143 -29.04 13.76 -42.90
C PHE C 143 -28.97 14.85 -43.98
N HIS C 144 -28.47 14.53 -45.17
CA HIS C 144 -28.36 15.56 -46.21
C HIS C 144 -29.56 15.63 -47.14
N ASN C 145 -30.68 15.03 -46.75
CA ASN C 145 -31.92 15.09 -47.57
C ASN C 145 -32.49 16.50 -47.79
N ASN C 146 -32.82 16.84 -49.03
CA ASN C 146 -33.45 18.13 -49.30
C ASN C 146 -32.51 19.35 -49.13
N GLN C 147 -31.25 19.20 -49.52
CA GLN C 147 -30.31 20.32 -49.51
C GLN C 147 -29.64 20.52 -50.85
N SER C 148 -29.33 21.78 -51.14
CA SER C 148 -28.77 22.13 -52.42
C SER C 148 -27.32 21.75 -52.34
N PHE C 149 -26.64 21.85 -53.49
CA PHE C 149 -25.26 21.45 -53.62
C PHE C 149 -24.41 22.69 -53.47
N SER C 150 -23.29 22.62 -52.76
CA SER C 150 -22.41 23.78 -52.66
C SER C 150 -21.01 23.42 -53.12
N THR C 151 -20.39 24.27 -53.92
CA THR C 151 -18.95 24.17 -54.09
C THR C 151 -18.31 25.43 -53.50
N LYS C 152 -16.98 25.52 -53.57
CA LYS C 152 -16.29 26.64 -52.97
C LYS C 152 -16.79 27.99 -53.45
N ASP C 153 -16.98 28.14 -54.75
CA ASP C 153 -17.42 29.41 -55.32
C ASP C 153 -18.96 29.67 -55.35
N GLN C 154 -19.73 28.80 -54.70
CA GLN C 154 -21.17 28.98 -54.67
C GLN C 154 -21.75 28.33 -53.41
N ASP C 155 -21.78 29.10 -52.35
CA ASP C 155 -22.15 28.69 -50.99
C ASP C 155 -23.67 28.64 -50.86
N ASN C 156 -24.20 27.43 -50.75
CA ASN C 156 -25.63 27.25 -50.55
C ASN C 156 -25.92 26.50 -49.24
N ASP C 157 -24.94 26.42 -48.34
CA ASP C 157 -25.10 25.60 -47.13
C ASP C 157 -25.86 26.33 -46.03
N LEU C 158 -26.01 25.69 -44.88
CA LEU C 158 -26.69 26.32 -43.75
C LEU C 158 -25.67 26.74 -42.69
N ASN C 159 -24.49 27.13 -43.16
CA ASN C 159 -23.44 27.57 -42.26
C ASN C 159 -23.13 29.03 -42.53
N THR C 160 -22.93 29.79 -41.46
CA THR C 160 -22.60 31.20 -41.61
C THR C 160 -21.26 31.35 -42.37
N GLY C 161 -20.45 30.29 -42.34
CA GLY C 161 -19.24 30.23 -43.16
C GLY C 161 -19.42 29.37 -44.40
N ASN C 162 -18.29 28.99 -45.00
CA ASN C 162 -18.27 28.22 -46.25
C ASN C 162 -17.83 26.74 -46.08
N CYS C 163 -18.78 25.81 -46.00
CA CYS C 163 -18.41 24.41 -45.74
C CYS C 163 -17.50 23.79 -46.81
N ALA C 164 -17.76 24.07 -48.06
CA ALA C 164 -16.90 23.58 -49.08
C ALA C 164 -15.46 23.95 -48.76
N VAL C 165 -15.21 25.19 -48.33
CA VAL C 165 -13.82 25.59 -48.05
C VAL C 165 -13.30 24.92 -46.80
N MET C 166 -14.10 24.91 -45.75
CA MET C 166 -13.68 24.38 -44.47
C MET C 166 -13.34 22.89 -44.55
N PHE C 167 -14.08 22.14 -45.36
CA PHE C 167 -13.81 20.70 -45.45
C PHE C 167 -13.30 20.23 -46.81
N GLN C 168 -12.76 21.17 -47.57
CA GLN C 168 -12.15 20.89 -48.87
C GLN C 168 -12.88 19.86 -49.74
N GLY C 169 -14.16 20.12 -50.01
CA GLY C 169 -15.01 19.19 -50.75
C GLY C 169 -16.07 19.88 -51.60
N ALA C 170 -17.11 19.13 -51.95
CA ALA C 170 -18.27 19.59 -52.75
C ALA C 170 -19.39 18.63 -52.46
N TRP C 171 -20.52 19.14 -52.03
CA TRP C 171 -21.55 18.26 -51.49
C TRP C 171 -22.88 19.00 -51.37
N TRP C 172 -23.89 18.28 -50.94
CA TRP C 172 -25.11 18.91 -50.48
C TRP C 172 -24.83 19.36 -49.05
N TYR C 173 -23.85 20.24 -48.89
CA TYR C 173 -23.46 20.70 -47.56
C TYR C 173 -24.61 21.40 -46.85
N LYS C 174 -24.76 21.11 -45.57
CA LYS C 174 -25.73 21.72 -44.68
C LYS C 174 -25.04 22.53 -43.55
N ASN C 175 -24.74 21.89 -42.41
CA ASN C 175 -23.99 22.56 -41.33
C ASN C 175 -23.10 21.67 -40.48
N CYS C 176 -22.13 20.97 -41.08
CA CYS C 176 -21.92 20.95 -42.52
C CYS C 176 -22.20 19.57 -43.15
N HIS C 177 -21.54 18.52 -42.67
CA HIS C 177 -21.70 17.21 -43.28
C HIS C 177 -21.56 16.09 -42.28
N THR C 178 -22.06 14.93 -42.68
CA THR C 178 -21.89 13.67 -41.95
C THR C 178 -21.25 12.67 -42.92
N SER C 179 -21.20 13.04 -44.20
CA SER C 179 -20.45 12.35 -45.24
C SER C 179 -19.83 13.42 -46.11
N ASN C 180 -18.68 13.11 -46.69
CA ASN C 180 -17.88 14.08 -47.41
C ASN C 180 -17.01 13.35 -48.41
N LEU C 181 -17.64 12.69 -49.36
CA LEU C 181 -16.97 11.74 -50.24
C LEU C 181 -16.15 12.38 -51.37
N ASN C 182 -16.37 13.67 -51.63
CA ASN C 182 -15.54 14.39 -52.58
C ASN C 182 -14.49 15.18 -51.83
N GLY C 183 -14.16 14.70 -50.64
CA GLY C 183 -13.15 15.33 -49.79
C GLY C 183 -11.75 14.98 -50.24
N ARG C 184 -10.76 15.48 -49.51
CA ARG C 184 -9.37 15.30 -49.90
C ARG C 184 -9.00 13.87 -49.65
N TYR C 185 -8.14 13.34 -50.54
CA TYR C 185 -7.67 11.96 -50.45
C TYR C 185 -6.54 11.85 -49.44
N LEU C 186 -6.89 11.90 -48.16
CA LEU C 186 -5.88 11.89 -47.19
C LEU C 186 -5.60 10.40 -46.81
N ARG C 187 -5.35 9.47 -47.71
N ARG C 187 -5.28 9.47 -47.70
CA ARG C 187 -4.92 8.11 -47.28
CA ARG C 187 -4.79 8.12 -47.22
C ARG C 187 -4.92 7.65 -45.75
C ARG C 187 -4.90 7.66 -45.71
N GLY C 188 -5.96 6.95 -45.27
CA GLY C 188 -5.98 6.35 -43.89
C GLY C 188 -6.55 7.21 -42.79
N THR C 189 -6.05 7.08 -41.55
CA THR C 189 -6.51 7.95 -40.48
C THR C 189 -5.76 9.28 -40.57
N HIS C 190 -6.47 10.37 -40.27
N HIS C 190 -6.47 10.37 -40.27
CA HIS C 190 -5.90 11.71 -40.30
CA HIS C 190 -5.90 11.72 -40.29
C HIS C 190 -6.38 12.54 -39.10
C HIS C 190 -6.37 12.53 -39.09
N GLY C 191 -5.46 13.32 -38.53
CA GLY C 191 -5.77 14.19 -37.40
C GLY C 191 -6.73 15.30 -37.78
N SER C 192 -6.49 15.88 -38.94
CA SER C 192 -7.37 16.91 -39.45
C SER C 192 -8.80 16.44 -39.41
N PHE C 193 -9.69 17.32 -39.00
CA PHE C 193 -11.07 16.95 -38.75
C PHE C 193 -12.01 17.04 -39.96
N ALA C 194 -12.55 15.89 -40.33
CA ALA C 194 -13.71 15.82 -41.22
C ALA C 194 -13.46 16.31 -42.65
N ASN C 195 -12.20 16.44 -43.04
CA ASN C 195 -11.89 16.86 -44.40
C ASN C 195 -11.39 15.77 -45.34
N GLY C 196 -11.54 14.50 -44.95
CA GLY C 196 -11.14 13.42 -45.83
C GLY C 196 -12.30 12.88 -46.63
N ILE C 197 -12.11 11.76 -47.33
CA ILE C 197 -13.21 10.99 -47.87
C ILE C 197 -13.88 10.28 -46.69
N ASN C 198 -14.80 10.97 -46.03
CA ASN C 198 -15.30 10.55 -44.73
C ASN C 198 -16.76 10.14 -44.73
N TRP C 199 -17.09 9.17 -43.89
CA TRP C 199 -18.45 8.68 -43.73
C TRP C 199 -18.63 8.45 -42.24
N LYS C 200 -19.34 9.36 -41.58
CA LYS C 200 -19.35 9.41 -40.12
C LYS C 200 -19.73 8.08 -39.52
N SER C 201 -20.78 7.45 -40.02
CA SER C 201 -21.20 6.16 -39.47
C SER C 201 -20.29 5.01 -39.88
N GLY C 202 -19.47 5.21 -40.90
CA GLY C 202 -18.61 4.16 -41.39
C GLY C 202 -17.35 4.06 -40.57
N LYS C 203 -16.38 4.93 -40.85
CA LYS C 203 -15.17 5.00 -40.05
C LYS C 203 -14.96 6.34 -39.39
N GLY C 204 -15.92 7.24 -39.52
CA GLY C 204 -15.88 8.44 -38.76
C GLY C 204 -15.26 9.62 -39.47
N TYR C 205 -14.97 10.64 -38.70
CA TYR C 205 -14.58 11.92 -39.26
C TYR C 205 -13.07 12.01 -39.44
N ASN C 206 -12.38 10.90 -39.25
CA ASN C 206 -10.94 10.92 -39.21
C ASN C 206 -10.36 9.79 -40.01
N TYR C 207 -11.23 9.05 -40.66
CA TYR C 207 -10.72 8.06 -41.55
C TYR C 207 -11.13 8.35 -42.96
N SER C 208 -10.14 8.31 -43.84
CA SER C 208 -10.31 8.59 -45.24
C SER C 208 -10.08 7.29 -46.00
N TYR C 209 -11.04 6.93 -46.87
CA TYR C 209 -11.08 5.61 -47.52
C TYR C 209 -10.12 5.48 -48.69
N LYS C 210 -9.94 4.23 -49.15
CA LYS C 210 -9.06 3.95 -50.29
C LYS C 210 -9.85 4.00 -51.56
N VAL C 211 -10.99 3.33 -51.56
CA VAL C 211 -11.87 3.37 -52.70
C VAL C 211 -13.20 3.93 -52.25
N SER C 212 -13.82 4.74 -53.12
CA SER C 212 -15.19 5.17 -52.90
C SER C 212 -15.95 5.22 -54.22
N GLU C 213 -17.12 4.63 -54.29
CA GLU C 213 -17.93 4.72 -55.48
C GLU C 213 -19.39 4.94 -55.17
N MET C 214 -20.00 5.86 -55.90
CA MET C 214 -21.45 6.12 -55.84
C MET C 214 -22.10 5.62 -57.14
N LYS C 215 -23.15 4.81 -57.04
CA LYS C 215 -23.77 4.23 -58.25
C LYS C 215 -25.30 4.10 -58.21
N VAL C 216 -25.92 4.24 -59.39
CA VAL C 216 -27.39 4.22 -59.55
C VAL C 216 -27.87 3.06 -60.45
N ARG C 217 -29.02 2.49 -60.11
CA ARG C 217 -29.64 1.42 -60.92
C ARG C 217 -31.12 1.63 -60.85
N PRO C 218 -31.84 1.36 -61.95
CA PRO C 218 -33.30 1.54 -61.85
C PRO C 218 -33.88 0.59 -60.79
N ALA C 219 -34.60 1.17 -59.83
CA ALA C 219 -35.10 0.44 -58.67
C ALA C 219 -36.19 -0.48 -59.09
N PRO D 3 -7.37 -0.69 95.67
CA PRO D 3 -7.27 0.22 94.55
C PRO D 3 -6.21 1.29 94.82
N CYS D 4 -6.03 2.24 93.90
CA CYS D 4 -4.99 3.27 94.02
C CYS D 4 -5.39 4.61 93.37
N LEU D 5 -5.41 5.67 94.17
CA LEU D 5 -5.85 6.99 93.69
C LEU D 5 -4.71 8.04 93.62
N THR D 6 -3.47 7.55 93.53
CA THR D 6 -2.29 8.37 93.57
C THR D 6 -1.71 8.62 92.17
N GLY D 7 -2.37 8.06 91.14
CA GLY D 7 -1.85 8.10 89.78
C GLY D 7 -2.69 7.15 88.94
N PRO D 8 -2.34 6.99 87.63
CA PRO D 8 -3.15 6.23 86.66
C PRO D 8 -3.35 4.73 87.00
N ARG D 9 -4.61 4.35 87.19
N ARG D 9 -4.57 4.28 87.22
CA ARG D 9 -5.00 2.97 87.56
CA ARG D 9 -4.75 2.84 87.54
C ARG D 9 -5.15 2.04 86.36
C ARG D 9 -5.10 1.98 86.32
N THR D 10 -5.45 2.63 85.20
CA THR D 10 -5.88 1.88 84.03
C THR D 10 -5.61 2.71 82.77
N CYS D 11 -5.66 2.07 81.61
CA CYS D 11 -5.53 2.77 80.34
C CYS D 11 -6.61 3.84 80.14
N LYS D 12 -7.82 3.62 80.69
CA LYS D 12 -8.87 4.64 80.60
C LYS D 12 -8.44 5.93 81.32
N ASP D 13 -7.89 5.78 82.52
CA ASP D 13 -7.41 6.97 83.22
C ASP D 13 -6.49 7.74 82.30
N LEU D 14 -5.53 7.04 81.72
CA LEU D 14 -4.56 7.67 80.82
C LEU D 14 -5.23 8.38 79.67
N LEU D 15 -6.29 7.78 79.12
CA LEU D 15 -7.01 8.44 78.04
C LEU D 15 -7.59 9.75 78.53
N ASP D 16 -8.23 9.76 79.70
CA ASP D 16 -8.85 11.00 80.18
C ASP D 16 -7.81 12.07 80.50
N ARG D 17 -6.57 11.65 80.74
CA ARG D 17 -5.49 12.56 81.06
C ARG D 17 -4.87 13.21 79.81
N GLY D 18 -5.36 12.85 78.63
CA GLY D 18 -4.87 13.44 77.37
C GLY D 18 -3.82 12.67 76.58
N HIS D 19 -3.57 11.41 76.95
CA HIS D 19 -2.74 10.53 76.15
C HIS D 19 -3.56 9.90 75.04
N PHE D 20 -3.48 10.44 73.82
CA PHE D 20 -4.38 10.00 72.75
C PHE D 20 -3.79 8.98 71.78
N LEU D 21 -2.50 8.70 71.91
CA LEU D 21 -1.83 7.74 71.05
C LEU D 21 -1.73 6.38 71.72
N SER D 22 -2.11 5.33 70.99
CA SER D 22 -1.93 3.96 71.49
C SER D 22 -0.44 3.70 71.70
N GLY D 23 -0.11 2.90 72.70
CA GLY D 23 1.29 2.65 73.02
C GLY D 23 1.51 2.14 74.42
N TRP D 24 2.76 1.90 74.78
CA TRP D 24 3.08 1.29 76.06
C TRP D 24 3.18 2.33 77.16
N HIS D 25 2.23 2.31 78.08
CA HIS D 25 2.30 3.20 79.25
C HIS D 25 2.42 2.35 80.50
N THR D 26 2.83 2.98 81.58
CA THR D 26 2.93 2.28 82.84
C THR D 26 1.78 2.71 83.77
N ILE D 27 1.07 1.72 84.33
CA ILE D 27 -0.03 1.99 85.25
C ILE D 27 0.30 1.42 86.61
N TYR D 28 -0.63 1.66 87.53
CA TYR D 28 -0.54 1.21 88.90
C TYR D 28 -1.78 0.35 89.27
N LEU D 29 -1.60 -0.97 89.27
CA LEU D 29 -2.61 -1.96 89.66
C LEU D 29 -3.31 -1.63 90.98
N PRO D 30 -4.41 -2.34 91.32
CA PRO D 30 -5.11 -2.13 92.61
C PRO D 30 -4.14 -2.23 93.76
N ASP D 31 -3.13 -3.09 93.61
CA ASP D 31 -1.93 -3.02 94.44
C ASP D 31 -1.54 -1.53 94.67
N CYS D 32 -1.56 -0.75 93.60
CA CYS D 32 -0.83 0.53 93.54
C CYS D 32 0.64 0.21 93.17
N ARG D 33 0.88 -1.05 92.78
CA ARG D 33 2.14 -1.44 92.15
C ARG D 33 2.09 -1.21 90.62
N PRO D 34 3.24 -0.87 90.02
CA PRO D 34 3.30 -0.44 88.63
C PRO D 34 3.56 -1.61 87.66
N LEU D 35 3.10 -1.43 86.42
CA LEU D 35 3.20 -2.44 85.36
C LEU D 35 3.15 -1.69 84.04
N THR D 36 3.98 -2.08 83.08
CA THR D 36 3.95 -1.41 81.80
C THR D 36 3.12 -2.15 80.75
N VAL D 37 1.98 -1.55 80.38
CA VAL D 37 0.98 -2.21 79.56
C VAL D 37 0.80 -1.50 78.23
N LEU D 38 0.12 -2.19 77.30
CA LEU D 38 -0.18 -1.61 76.00
C LEU D 38 -1.58 -1.02 76.00
N CYS D 39 -1.66 0.30 75.88
CA CYS D 39 -2.95 0.97 75.86
C CYS D 39 -3.44 1.14 74.43
N ASP D 40 -4.62 0.61 74.13
CA ASP D 40 -5.25 0.86 72.84
C ASP D 40 -6.17 2.07 72.98
N MET D 41 -5.73 3.21 72.45
CA MET D 41 -6.47 4.48 72.59
C MET D 41 -7.29 4.80 71.36
N ASP D 42 -7.30 3.89 70.39
CA ASP D 42 -7.86 4.19 69.08
C ASP D 42 -9.18 3.48 68.83
N THR D 43 -9.35 2.27 69.38
CA THR D 43 -10.52 1.44 69.04
C THR D 43 -11.71 1.66 69.95
N ASP D 44 -12.89 1.74 69.35
CA ASP D 44 -14.17 1.75 70.08
C ASP D 44 -14.08 2.60 71.35
N GLY D 45 -13.79 3.89 71.19
CA GLY D 45 -13.75 4.80 72.33
C GLY D 45 -12.40 4.92 73.00
N GLY D 46 -11.57 3.90 72.87
CA GLY D 46 -10.24 3.92 73.46
C GLY D 46 -10.26 3.59 74.94
N GLY D 47 -9.09 3.56 75.56
CA GLY D 47 -8.99 3.25 76.97
C GLY D 47 -8.86 1.77 77.29
N TRP D 48 -8.54 0.97 76.28
CA TRP D 48 -8.38 -0.47 76.45
C TRP D 48 -6.95 -0.86 76.87
N THR D 49 -6.86 -1.80 77.80
CA THR D 49 -5.60 -2.40 78.15
C THR D 49 -5.47 -3.75 77.48
N VAL D 50 -4.41 -3.93 76.71
CA VAL D 50 -4.27 -5.11 75.87
C VAL D 50 -3.42 -6.18 76.54
N PHE D 51 -3.98 -7.36 76.76
CA PHE D 51 -3.22 -8.43 77.44
C PHE D 51 -2.78 -9.56 76.51
N GLN D 52 -3.22 -9.53 75.26
CA GLN D 52 -2.82 -10.53 74.28
C GLN D 52 -2.78 -9.94 72.89
N ARG D 53 -1.71 -10.26 72.17
CA ARG D 53 -1.54 -9.82 70.81
C ARG D 53 -0.88 -10.92 69.95
N ARG D 54 -1.54 -11.21 68.81
CA ARG D 54 -0.95 -11.99 67.74
C ARG D 54 -0.95 -11.14 66.52
N VAL D 55 0.19 -10.99 65.88
CA VAL D 55 0.30 -10.08 64.74
C VAL D 55 0.98 -10.72 63.54
N ASP D 56 1.93 -11.62 63.78
CA ASP D 56 2.82 -12.05 62.71
C ASP D 56 3.33 -13.49 62.92
N GLY D 57 3.06 -14.06 64.07
CA GLY D 57 3.54 -15.41 64.36
C GLY D 57 5.04 -15.45 64.62
N SER D 58 5.64 -14.29 64.82
CA SER D 58 7.04 -14.20 65.24
C SER D 58 7.32 -14.87 66.58
N VAL D 59 6.32 -14.96 67.46
CA VAL D 59 6.54 -15.51 68.79
C VAL D 59 5.83 -16.85 68.98
N ASP D 60 6.47 -17.75 69.72
CA ASP D 60 5.93 -19.08 70.01
C ASP D 60 4.98 -19.06 71.22
N PHE D 61 3.74 -19.45 70.99
CA PHE D 61 2.70 -19.41 72.03
C PHE D 61 2.42 -20.78 72.65
N TYR D 62 3.15 -21.79 72.20
CA TYR D 62 2.97 -23.14 72.73
C TYR D 62 3.85 -23.34 73.99
N ARG D 63 3.49 -22.67 75.08
CA ARG D 63 4.37 -22.62 76.25
C ARG D 63 3.81 -23.26 77.52
N ASP D 64 4.70 -23.61 78.43
CA ASP D 64 4.32 -24.28 79.68
C ASP D 64 3.61 -23.38 80.70
N TRP D 65 3.29 -23.94 81.87
CA TRP D 65 2.55 -23.23 82.91
C TRP D 65 3.29 -22.00 83.46
N ALA D 66 4.55 -22.19 83.85
CA ALA D 66 5.34 -21.11 84.44
C ALA D 66 5.42 -19.91 83.50
N THR D 67 5.43 -20.20 82.21
CA THR D 67 5.62 -19.16 81.21
C THR D 67 4.33 -18.37 81.01
N TYR D 68 3.18 -19.05 80.99
CA TYR D 68 1.91 -18.33 80.90
C TYR D 68 1.63 -17.58 82.18
N LYS D 69 2.14 -18.09 83.29
CA LYS D 69 1.99 -17.46 84.59
C LYS D 69 2.57 -16.05 84.58
N GLN D 70 3.80 -15.93 84.08
CA GLN D 70 4.54 -14.69 84.21
C GLN D 70 4.48 -13.79 82.98
N GLY D 71 4.00 -14.31 81.87
CA GLY D 71 3.95 -13.54 80.64
C GLY D 71 5.22 -13.75 79.81
N PHE D 72 5.12 -13.46 78.51
CA PHE D 72 6.19 -13.73 77.59
C PHE D 72 5.94 -12.98 76.30
N GLY D 73 6.98 -12.80 75.49
CA GLY D 73 6.86 -12.08 74.22
C GLY D 73 7.58 -10.75 74.19
N SER D 74 7.19 -9.91 73.23
CA SER D 74 7.89 -8.66 72.98
C SER D 74 6.94 -7.47 72.82
N ARG D 75 7.22 -6.39 73.55
CA ARG D 75 6.47 -5.17 73.38
C ARG D 75 6.50 -4.71 71.93
N LEU D 76 7.49 -5.18 71.18
CA LEU D 76 7.61 -4.82 69.79
C LEU D 76 6.64 -5.59 68.88
N GLY D 77 5.97 -6.60 69.42
CA GLY D 77 5.11 -7.44 68.59
C GLY D 77 4.08 -8.26 69.32
N GLU D 78 4.26 -9.59 69.29
CA GLU D 78 3.30 -10.50 69.90
C GLU D 78 3.62 -10.70 71.38
N PHE D 79 2.61 -10.97 72.20
CA PHE D 79 2.84 -11.19 73.64
C PHE D 79 1.62 -11.72 74.38
N TRP D 80 1.87 -12.26 75.56
CA TRP D 80 0.83 -12.56 76.55
C TRP D 80 1.27 -11.91 77.86
N LEU D 81 0.41 -11.06 78.43
CA LEU D 81 0.76 -10.25 79.59
C LEU D 81 1.14 -11.07 80.81
N GLY D 82 0.62 -12.28 80.92
CA GLY D 82 0.87 -13.14 82.08
C GLY D 82 -0.38 -13.28 82.94
N ASN D 83 -0.67 -14.50 83.35
CA ASN D 83 -1.87 -14.79 84.10
C ASN D 83 -1.96 -14.10 85.48
N ASP D 84 -0.85 -13.95 86.18
CA ASP D 84 -0.89 -13.20 87.43
C ASP D 84 -1.33 -11.76 87.18
N ASN D 85 -0.66 -11.09 86.25
CA ASN D 85 -1.02 -9.74 85.87
C ASN D 85 -2.49 -9.61 85.43
N ILE D 86 -2.93 -10.52 84.58
CA ILE D 86 -4.31 -10.51 84.12
C ILE D 86 -5.29 -10.63 85.29
N HIS D 87 -4.98 -11.51 86.23
CA HIS D 87 -5.79 -11.59 87.44
C HIS D 87 -5.78 -10.25 88.17
N ALA D 88 -4.58 -9.76 88.46
CA ALA D 88 -4.44 -8.47 89.14
C ALA D 88 -5.27 -7.34 88.51
N LEU D 89 -5.31 -7.28 87.19
CA LEU D 89 -6.02 -6.17 86.55
C LEU D 89 -7.50 -6.35 86.82
N THR D 90 -8.06 -7.35 86.16
CA THR D 90 -9.46 -7.63 86.27
C THR D 90 -9.87 -7.66 87.76
N ALA D 91 -9.29 -8.59 88.52
CA ALA D 91 -9.46 -8.63 89.98
C ALA D 91 -10.41 -7.54 90.54
N GLN D 92 -11.64 -7.96 90.85
CA GLN D 92 -12.83 -7.01 91.01
C GLN D 92 -12.82 -5.50 90.71
N GLY D 93 -12.93 -5.16 89.42
CA GLY D 93 -13.45 -3.82 89.02
C GLY D 93 -14.48 -4.13 87.93
N THR D 94 -14.92 -5.39 87.92
CA THR D 94 -15.79 -5.90 86.87
C THR D 94 -15.61 -5.19 85.49
N SER D 95 -14.41 -5.33 84.90
CA SER D 95 -14.13 -4.64 83.63
C SER D 95 -14.59 -5.44 82.42
N GLU D 96 -14.92 -4.70 81.36
CA GLU D 96 -15.33 -5.24 80.07
C GLU D 96 -14.20 -6.00 79.36
N LEU D 97 -14.60 -6.91 78.46
CA LEU D 97 -13.67 -7.60 77.59
C LEU D 97 -14.05 -7.24 76.17
N ARG D 98 -13.07 -6.96 75.32
CA ARG D 98 -13.34 -6.82 73.91
C ARG D 98 -12.32 -7.72 73.23
N THR D 99 -12.68 -8.34 72.12
CA THR D 99 -11.73 -9.10 71.34
C THR D 99 -11.70 -8.55 69.92
N ASP D 100 -10.53 -8.49 69.30
CA ASP D 100 -10.51 -8.12 67.88
C ASP D 100 -9.82 -9.24 67.13
N LEU D 101 -10.28 -9.46 65.89
CA LEU D 101 -9.85 -10.57 65.05
C LEU D 101 -9.83 -10.08 63.60
N VAL D 102 -8.82 -10.48 62.82
CA VAL D 102 -8.70 -10.01 61.42
C VAL D 102 -8.22 -11.02 60.32
N ASP D 103 -9.09 -11.23 59.32
CA ASP D 103 -8.81 -12.02 58.08
C ASP D 103 -7.47 -11.65 57.43
N PHE D 104 -7.02 -12.49 56.49
CA PHE D 104 -5.72 -12.22 55.83
C PHE D 104 -5.77 -11.16 54.74
N GLU D 105 -7.00 -10.71 54.43
CA GLU D 105 -7.16 -9.39 53.82
C GLU D 105 -7.10 -8.34 54.95
N ASP D 106 -7.88 -7.26 54.81
CA ASP D 106 -7.93 -6.27 55.85
C ASP D 106 -9.35 -6.06 56.39
N ASN D 107 -10.09 -7.17 56.54
CA ASN D 107 -11.40 -7.14 57.25
C ASN D 107 -11.26 -6.77 58.76
N TYR D 108 -12.33 -7.03 59.53
N TYR D 108 -12.32 -6.99 59.53
CA TYR D 108 -12.39 -6.69 60.96
CA TYR D 108 -12.31 -6.70 60.97
C TYR D 108 -13.26 -7.70 61.70
C TYR D 108 -13.36 -7.52 61.73
N GLN D 109 -13.13 -7.73 63.03
CA GLN D 109 -14.03 -8.53 63.86
C GLN D 109 -13.93 -8.13 65.34
N PHE D 110 -15.07 -8.29 66.05
CA PHE D 110 -15.21 -7.92 67.46
C PHE D 110 -16.11 -8.88 68.26
N ALA D 111 -16.24 -8.59 69.55
CA ALA D 111 -16.96 -9.50 70.43
C ALA D 111 -16.98 -9.04 71.91
N LYS D 112 -17.62 -7.89 72.17
CA LYS D 112 -17.63 -7.35 73.51
C LYS D 112 -18.31 -8.29 74.49
N TYR D 113 -17.86 -8.23 75.73
CA TYR D 113 -18.52 -8.93 76.80
C TYR D 113 -18.67 -8.00 77.99
N ARG D 114 -19.92 -7.93 78.48
CA ARG D 114 -20.29 -7.20 79.71
C ARG D 114 -19.24 -7.27 80.82
N SER D 115 -18.59 -8.41 80.98
CA SER D 115 -17.55 -8.49 82.01
C SER D 115 -16.59 -9.65 81.76
N PHE D 116 -15.40 -9.57 82.35
CA PHE D 116 -14.36 -10.55 82.14
C PHE D 116 -13.44 -10.52 83.35
N LYS D 117 -13.18 -11.68 83.92
CA LYS D 117 -12.37 -11.78 85.13
C LYS D 117 -11.68 -13.13 85.15
N VAL D 118 -10.46 -13.18 85.64
CA VAL D 118 -9.82 -14.48 85.88
C VAL D 118 -9.38 -14.62 87.32
N ALA D 119 -9.67 -15.77 87.91
CA ALA D 119 -9.26 -16.07 89.27
C ALA D 119 -7.74 -16.09 89.40
N ASP D 120 -7.23 -16.29 90.61
CA ASP D 120 -5.78 -16.36 90.80
C ASP D 120 -5.28 -17.77 90.55
N GLU D 121 -3.97 -17.98 90.71
CA GLU D 121 -3.37 -19.27 90.42
C GLU D 121 -3.97 -20.42 91.24
N ALA D 122 -4.28 -20.14 92.51
CA ALA D 122 -4.89 -21.16 93.38
C ALA D 122 -6.14 -21.71 92.71
N GLU D 123 -6.81 -20.89 91.91
CA GLU D 123 -7.96 -21.43 91.21
C GLU D 123 -7.71 -21.58 89.73
N LYS D 124 -6.46 -21.94 89.39
CA LYS D 124 -6.11 -22.14 87.95
C LYS D 124 -6.58 -20.98 87.04
N TYR D 125 -6.49 -19.74 87.54
CA TYR D 125 -6.84 -18.55 86.75
C TYR D 125 -8.18 -18.79 86.01
N ASN D 126 -9.16 -19.21 86.81
CA ASN D 126 -10.54 -19.46 86.39
C ASN D 126 -11.14 -18.32 85.53
N LEU D 127 -11.70 -18.67 84.39
CA LEU D 127 -12.41 -17.72 83.57
C LEU D 127 -13.84 -17.56 84.08
N VAL D 128 -14.18 -16.36 84.56
CA VAL D 128 -15.55 -15.98 84.87
C VAL D 128 -16.05 -14.98 83.81
N LEU D 129 -16.42 -15.44 82.60
CA LEU D 129 -16.96 -14.49 81.62
C LEU D 129 -18.41 -14.09 82.01
N GLY D 130 -19.06 -13.26 81.18
CA GLY D 130 -20.40 -12.80 81.45
C GLY D 130 -21.08 -12.35 80.15
N ALA D 131 -22.22 -11.72 80.28
CA ALA D 131 -23.08 -11.51 79.11
C ALA D 131 -22.36 -11.11 77.83
N PHE D 132 -22.24 -12.04 76.89
CA PHE D 132 -21.95 -11.61 75.55
C PHE D 132 -22.74 -10.33 75.32
N VAL D 133 -22.08 -9.26 74.91
CA VAL D 133 -22.80 -8.02 74.74
C VAL D 133 -23.30 -7.91 73.33
N GLU D 134 -22.44 -8.19 72.36
CA GLU D 134 -22.81 -7.91 70.96
C GLU D 134 -21.82 -8.50 69.94
N GLY D 135 -20.80 -7.70 69.57
CA GLY D 135 -20.22 -7.87 68.18
C GLY D 135 -19.97 -9.17 67.41
N SER D 136 -19.35 -8.99 66.22
CA SER D 136 -19.43 -10.01 65.11
C SER D 136 -18.52 -11.27 65.22
N ALA D 137 -19.15 -12.34 65.68
CA ALA D 137 -18.49 -13.58 66.10
C ALA D 137 -19.24 -13.95 67.36
N GLY D 138 -19.88 -15.10 67.37
CA GLY D 138 -20.75 -15.39 68.50
C GLY D 138 -19.92 -15.56 69.75
N ASP D 139 -20.62 -15.69 70.88
CA ASP D 139 -19.98 -16.00 72.13
C ASP D 139 -19.22 -17.34 71.99
N SER D 140 -17.89 -17.26 71.87
CA SER D 140 -17.05 -18.47 71.82
C SER D 140 -16.36 -18.63 73.16
N LEU D 141 -16.81 -17.82 74.13
CA LEU D 141 -16.13 -17.69 75.46
C LEU D 141 -16.87 -18.25 76.70
N THR D 142 -18.13 -17.82 76.89
CA THR D 142 -18.92 -18.24 78.08
C THR D 142 -18.86 -19.76 78.19
N PHE D 143 -18.65 -20.40 77.05
CA PHE D 143 -18.61 -21.86 76.96
C PHE D 143 -17.36 -22.47 77.61
N HIS D 144 -16.54 -21.60 78.22
CA HIS D 144 -15.33 -22.02 78.95
C HIS D 144 -15.40 -21.60 80.44
N ASN D 145 -16.60 -21.19 80.85
CA ASN D 145 -16.77 -20.57 82.16
C ASN D 145 -16.73 -21.57 83.33
N ASN D 146 -16.25 -21.11 84.48
CA ASN D 146 -16.08 -21.95 85.67
C ASN D 146 -15.01 -23.02 85.40
N GLN D 147 -14.22 -22.75 84.37
CA GLN D 147 -13.18 -23.69 83.96
C GLN D 147 -11.80 -23.10 84.12
N SER D 148 -10.85 -23.91 84.55
CA SER D 148 -9.51 -23.37 84.77
C SER D 148 -8.77 -23.01 83.44
N PHE D 149 -7.46 -22.80 83.54
CA PHE D 149 -6.62 -22.55 82.35
C PHE D 149 -5.69 -23.72 82.05
N SER D 150 -5.51 -23.98 80.76
CA SER D 150 -4.70 -25.15 80.33
C SER D 150 -3.43 -24.79 79.48
N THR D 151 -2.27 -25.16 80.03
CA THR D 151 -1.00 -25.15 79.27
C THR D 151 -0.74 -26.60 78.95
N LYS D 152 0.29 -26.89 78.15
CA LYS D 152 0.62 -28.28 77.78
C LYS D 152 1.21 -29.06 78.95
N ASP D 153 1.70 -28.39 79.99
CA ASP D 153 2.34 -29.09 81.11
C ASP D 153 1.54 -29.08 82.46
N GLN D 154 0.22 -28.85 82.39
CA GLN D 154 -0.69 -29.09 83.54
C GLN D 154 -2.08 -29.49 83.08
N ASP D 155 -2.44 -30.73 83.40
CA ASP D 155 -3.71 -31.30 82.94
C ASP D 155 -4.89 -30.72 83.75
N ASN D 156 -5.93 -30.28 83.02
CA ASN D 156 -7.08 -29.54 83.61
C ASN D 156 -8.12 -29.22 82.56
N ASP D 157 -9.12 -30.11 82.43
CA ASP D 157 -10.11 -30.01 81.38
C ASP D 157 -11.02 -31.26 81.34
N LEU D 158 -12.31 -31.04 81.00
CA LEU D 158 -13.33 -32.12 80.94
C LEU D 158 -12.76 -33.38 80.23
N ASN D 159 -12.31 -33.21 78.99
CA ASN D 159 -11.43 -34.24 78.40
C ASN D 159 -10.01 -34.18 79.03
N ASN D 160 -9.76 -35.04 80.01
CA ASN D 160 -8.44 -35.09 80.67
C ASN D 160 -7.28 -35.44 79.74
N GLY D 161 -7.55 -36.16 78.64
CA GLY D 161 -6.55 -36.32 77.58
C GLY D 161 -6.28 -34.89 77.10
N ASN D 162 -5.01 -34.45 77.06
CA ASN D 162 -4.67 -33.02 76.85
C ASN D 162 -5.27 -32.41 75.60
N CYS D 163 -5.90 -31.24 75.78
CA CYS D 163 -6.54 -30.47 74.70
C CYS D 163 -5.47 -29.50 74.22
N ALA D 164 -4.68 -29.12 75.23
CA ALA D 164 -3.47 -28.34 75.08
C ALA D 164 -2.73 -28.91 73.88
N VAL D 165 -2.28 -30.16 74.03
CA VAL D 165 -1.51 -30.82 73.01
C VAL D 165 -2.37 -31.02 71.77
N MET D 166 -3.58 -31.54 71.96
CA MET D 166 -4.50 -31.75 70.84
C MET D 166 -4.50 -30.49 69.94
N PHE D 167 -5.15 -29.41 70.44
CA PHE D 167 -5.22 -28.17 69.63
C PHE D 167 -3.89 -27.39 69.47
N GLN D 168 -2.93 -27.65 70.37
CA GLN D 168 -1.63 -26.97 70.31
C GLN D 168 -1.74 -25.49 70.70
N GLY D 169 -1.81 -25.25 72.00
CA GLY D 169 -2.00 -23.89 72.52
C GLY D 169 -2.23 -23.81 74.02
N ALA D 170 -3.16 -22.95 74.43
CA ALA D 170 -3.53 -22.77 75.84
C ALA D 170 -4.76 -21.90 75.82
N TRP D 171 -5.75 -22.18 76.67
CA TRP D 171 -6.97 -21.39 76.48
C TRP D 171 -7.92 -21.27 77.65
N TRP D 172 -8.86 -22.21 77.80
CA TRP D 172 -9.69 -22.45 79.01
C TRP D 172 -10.53 -23.69 78.65
N TYR D 173 -9.83 -24.82 78.49
CA TYR D 173 -10.36 -26.04 77.82
C TYR D 173 -11.25 -26.87 78.75
N LYS D 174 -12.26 -27.49 78.15
CA LYS D 174 -13.12 -28.45 78.86
C LYS D 174 -13.13 -29.79 78.10
N ASN D 175 -13.42 -29.75 76.78
CA ASN D 175 -13.66 -30.98 75.95
C ASN D 175 -13.97 -30.72 74.45
N CYS D 176 -13.32 -29.74 73.84
CA CYS D 176 -12.34 -28.89 74.55
C CYS D 176 -12.54 -27.39 74.31
N HIS D 177 -12.69 -27.00 73.03
CA HIS D 177 -12.57 -25.58 72.70
C HIS D 177 -13.44 -25.08 71.54
N THR D 178 -14.01 -23.89 71.73
CA THR D 178 -14.82 -23.23 70.72
C THR D 178 -14.09 -22.00 70.16
N SER D 179 -13.12 -21.49 70.95
CA SER D 179 -12.13 -20.47 70.57
C SER D 179 -10.71 -20.94 71.00
N ASN D 180 -9.69 -20.50 70.27
CA ASN D 180 -8.34 -21.01 70.51
C ASN D 180 -7.28 -19.99 70.11
N LEU D 181 -7.34 -18.82 70.74
CA LEU D 181 -6.55 -17.69 70.29
C LEU D 181 -5.05 -17.78 70.59
N ASN D 182 -4.68 -18.75 71.41
CA ASN D 182 -3.28 -19.03 71.67
C ASN D 182 -2.75 -20.23 70.85
N GLY D 183 -3.53 -20.62 69.83
CA GLY D 183 -3.15 -21.69 68.91
C GLY D 183 -1.99 -21.33 67.99
N ARG D 184 -1.68 -22.20 67.03
CA ARG D 184 -0.55 -21.98 66.14
C ARG D 184 -0.89 -21.00 65.04
N TYR D 185 0.10 -20.20 64.62
CA TYR D 185 -0.11 -19.20 63.61
C TYR D 185 -0.05 -19.88 62.25
N LEU D 186 -1.17 -20.46 61.82
CA LEU D 186 -1.20 -21.30 60.61
C LEU D 186 -1.50 -20.56 59.29
N ARG D 187 -1.71 -19.25 59.37
CA ARG D 187 -1.89 -18.39 58.18
C ARG D 187 -3.09 -18.75 57.27
N GLY D 188 -4.29 -18.31 57.66
CA GLY D 188 -5.49 -18.54 56.88
C GLY D 188 -6.01 -19.98 56.99
N THR D 189 -6.44 -20.52 55.85
CA THR D 189 -6.99 -21.86 55.81
C THR D 189 -5.93 -22.89 56.17
N HIS D 190 -6.36 -23.98 56.83
CA HIS D 190 -5.44 -25.07 57.16
C HIS D 190 -6.21 -26.37 57.26
N GLY D 191 -5.53 -27.48 56.93
CA GLY D 191 -6.12 -28.82 57.00
C GLY D 191 -6.18 -29.43 58.39
N SER D 192 -5.19 -29.12 59.23
CA SER D 192 -5.22 -29.64 60.60
C SER D 192 -6.42 -29.06 61.32
N PHE D 193 -7.07 -29.91 62.12
CA PHE D 193 -8.34 -29.56 62.74
C PHE D 193 -8.25 -28.78 64.05
N ALA D 194 -8.43 -27.46 63.95
CA ALA D 194 -8.62 -26.59 65.12
C ALA D 194 -7.38 -26.41 65.99
N ASN D 195 -6.21 -26.37 65.36
CA ASN D 195 -4.96 -26.07 66.06
C ASN D 195 -4.40 -24.70 65.68
N GLY D 196 -5.25 -23.84 65.13
CA GLY D 196 -4.82 -22.50 64.76
C GLY D 196 -5.47 -21.43 65.62
N ILE D 197 -5.34 -20.18 65.18
CA ILE D 197 -5.95 -19.04 65.84
C ILE D 197 -7.42 -18.98 65.39
N ASN D 198 -8.24 -19.80 66.04
CA ASN D 198 -9.60 -20.07 65.60
C ASN D 198 -10.66 -19.52 66.55
N TRP D 199 -11.61 -18.79 65.97
CA TRP D 199 -12.82 -18.38 66.66
C TRP D 199 -13.95 -19.03 65.84
N LYS D 200 -14.70 -19.94 66.47
CA LYS D 200 -15.68 -20.74 65.69
C LYS D 200 -16.68 -19.86 64.93
N SER D 201 -17.54 -19.16 65.66
CA SER D 201 -18.53 -18.29 65.07
C SER D 201 -17.92 -17.29 64.08
N GLY D 202 -16.62 -17.07 64.18
CA GLY D 202 -15.92 -16.12 63.32
C GLY D 202 -15.64 -16.69 61.95
N LYS D 203 -14.45 -17.28 61.79
CA LYS D 203 -13.95 -17.74 60.48
C LYS D 203 -13.70 -19.25 60.49
N GLY D 204 -14.29 -19.95 61.46
CA GLY D 204 -14.30 -21.42 61.47
C GLY D 204 -13.15 -22.10 62.20
N TYR D 205 -13.05 -23.41 62.03
CA TYR D 205 -12.00 -24.20 62.65
C TYR D 205 -10.83 -24.39 61.71
N ASN D 206 -10.89 -23.75 60.55
CA ASN D 206 -9.91 -23.98 59.51
C ASN D 206 -9.34 -22.69 58.96
N TYR D 207 -9.64 -21.58 59.62
CA TYR D 207 -9.06 -20.30 59.23
C TYR D 207 -8.40 -19.64 60.43
N SER D 208 -7.11 -19.34 60.28
CA SER D 208 -6.30 -18.76 61.34
C SER D 208 -6.01 -17.29 61.00
N TYR D 209 -6.36 -16.39 61.92
CA TYR D 209 -6.33 -14.95 61.59
C TYR D 209 -4.95 -14.37 61.51
N LYS D 210 -4.87 -13.14 61.01
CA LYS D 210 -3.59 -12.48 60.84
C LYS D 210 -3.26 -11.76 62.14
N VAL D 211 -4.26 -11.09 62.68
CA VAL D 211 -4.11 -10.26 63.85
C VAL D 211 -5.15 -10.71 64.88
N SER D 212 -4.78 -10.71 66.16
CA SER D 212 -5.71 -11.05 67.24
C SER D 212 -5.36 -10.31 68.53
N GLU D 213 -6.35 -9.65 69.13
CA GLU D 213 -6.09 -8.91 70.35
C GLU D 213 -7.23 -9.07 71.35
N MET D 214 -6.86 -9.24 72.61
CA MET D 214 -7.82 -9.35 73.69
C MET D 214 -7.55 -8.21 74.68
N LYS D 215 -8.53 -7.36 74.90
CA LYS D 215 -8.33 -6.16 75.73
C LYS D 215 -9.46 -5.91 76.72
N VAL D 216 -9.13 -5.27 77.83
CA VAL D 216 -10.09 -5.01 78.90
C VAL D 216 -10.27 -3.52 79.17
N ARG D 217 -11.46 -3.15 79.60
CA ARG D 217 -11.75 -1.76 79.99
C ARG D 217 -12.74 -1.72 81.14
N PRO D 218 -12.64 -0.72 82.05
CA PRO D 218 -13.70 -0.72 83.11
C PRO D 218 -15.09 -0.53 82.49
N ALA D 219 -16.00 -1.45 82.77
CA ALA D 219 -17.36 -1.39 82.19
C ALA D 219 -18.03 -0.06 82.51
N PRO E 3 20.64 7.86 90.98
CA PRO E 3 20.00 6.90 90.03
C PRO E 3 20.95 5.87 89.39
N CYS E 4 22.24 6.19 89.22
CA CYS E 4 23.17 5.22 88.63
C CYS E 4 23.21 3.95 89.49
N LEU E 5 23.44 4.11 90.79
CA LEU E 5 23.22 3.03 91.78
C LEU E 5 21.72 2.82 91.89
N THR E 6 21.31 1.60 92.22
CA THR E 6 19.88 1.23 92.21
C THR E 6 19.42 0.93 90.79
N GLY E 7 19.94 1.67 89.82
CA GLY E 7 19.60 1.40 88.43
C GLY E 7 20.14 0.06 87.98
N PRO E 8 19.53 -0.55 86.95
CA PRO E 8 20.03 -1.82 86.36
C PRO E 8 21.24 -1.59 85.45
N ARG E 9 22.16 -2.55 85.41
N ARG E 9 22.16 -2.55 85.36
CA ARG E 9 23.38 -2.45 84.59
CA ARG E 9 23.36 -2.38 84.54
C ARG E 9 23.19 -3.15 83.24
C ARG E 9 23.35 -3.27 83.30
N THR E 10 22.47 -4.26 83.26
CA THR E 10 22.35 -5.09 82.07
C THR E 10 20.90 -5.56 81.92
N CYS E 11 20.55 -6.07 80.75
CA CYS E 11 19.24 -6.66 80.53
C CYS E 11 18.95 -7.85 81.48
N LYS E 12 19.99 -8.62 81.82
CA LYS E 12 19.89 -9.72 82.81
C LYS E 12 19.40 -9.22 84.19
N ASP E 13 19.91 -8.08 84.64
CA ASP E 13 19.44 -7.50 85.90
C ASP E 13 17.95 -7.23 85.78
N LEU E 14 17.56 -6.58 84.68
CA LEU E 14 16.15 -6.25 84.47
C LEU E 14 15.26 -7.49 84.48
N LEU E 15 15.75 -8.58 83.91
CA LEU E 15 14.97 -9.81 83.92
C LEU E 15 14.76 -10.25 85.35
N ASP E 16 15.88 -10.21 86.10
CA ASP E 16 15.95 -10.57 87.51
C ASP E 16 14.95 -9.74 88.34
N ARG E 17 14.70 -8.49 87.94
CA ARG E 17 13.76 -7.65 88.69
C ARG E 17 12.29 -7.70 88.23
N GLY E 18 11.93 -8.70 87.41
CA GLY E 18 10.54 -8.94 87.04
C GLY E 18 10.02 -8.29 85.76
N HIS E 19 10.91 -7.74 84.94
CA HIS E 19 10.54 -7.27 83.61
C HIS E 19 10.56 -8.44 82.62
N PHE E 20 9.40 -9.03 82.33
CA PHE E 20 9.37 -10.26 81.52
C PHE E 20 9.08 -10.06 80.03
N LEU E 21 8.75 -8.84 79.64
CA LEU E 21 8.46 -8.54 78.24
C LEU E 21 9.68 -7.95 77.55
N SER E 22 10.02 -8.48 76.38
CA SER E 22 11.09 -7.90 75.56
C SER E 22 10.71 -6.47 75.19
N GLY E 23 11.70 -5.61 75.08
CA GLY E 23 11.42 -4.20 74.79
C GLY E 23 12.56 -3.29 75.16
N TRP E 24 12.37 -1.99 74.94
CA TRP E 24 13.43 -1.02 75.15
C TRP E 24 13.47 -0.55 76.58
N HIS E 25 14.52 -0.94 77.30
CA HIS E 25 14.72 -0.43 78.67
C HIS E 25 16.00 0.36 78.70
N THR E 26 16.14 1.16 79.76
CA THR E 26 17.35 1.94 79.94
C THR E 26 18.21 1.33 81.04
N ILE E 27 19.49 1.11 80.74
CA ILE E 27 20.44 0.55 81.69
C ILE E 27 21.53 1.57 81.99
N TYR E 28 22.42 1.27 82.91
CA TYR E 28 23.43 2.23 83.30
C TYR E 28 24.83 1.67 83.11
N LEU E 29 25.52 2.14 82.06
CA LEU E 29 26.86 1.65 81.74
C LEU E 29 27.86 1.84 82.91
N PRO E 30 29.05 1.18 82.86
CA PRO E 30 30.03 1.25 83.93
C PRO E 30 30.57 2.65 84.29
N ASP E 31 30.48 3.62 83.37
CA ASP E 31 30.80 4.99 83.70
C ASP E 31 29.53 5.77 84.10
N CYS E 32 28.49 5.03 84.47
CA CYS E 32 27.21 5.64 84.82
C CYS E 32 26.57 6.45 83.70
N ARG E 33 26.94 6.21 82.44
CA ARG E 33 26.27 6.85 81.31
C ARG E 33 25.01 6.05 80.97
N PRO E 34 23.84 6.69 81.02
CA PRO E 34 22.60 6.02 80.64
C PRO E 34 22.46 5.76 79.13
N LEU E 35 21.86 4.63 78.79
CA LEU E 35 21.72 4.15 77.43
C LEU E 35 20.46 3.31 77.30
N THR E 36 19.61 3.64 76.33
CA THR E 36 18.40 2.88 76.16
C THR E 36 18.62 1.70 75.18
N VAL E 37 18.47 0.47 75.66
CA VAL E 37 18.79 -0.71 74.86
C VAL E 37 17.58 -1.59 74.68
N LEU E 38 17.68 -2.53 73.74
CA LEU E 38 16.62 -3.48 73.48
C LEU E 38 16.89 -4.79 74.22
N CYS E 39 16.06 -5.09 75.21
CA CYS E 39 16.22 -6.32 75.98
C CYS E 39 15.39 -7.44 75.38
N ASP E 40 16.05 -8.54 75.01
CA ASP E 40 15.35 -9.73 74.57
C ASP E 40 15.12 -10.64 75.79
N MET E 41 13.88 -10.66 76.29
CA MET E 41 13.54 -11.40 77.50
C MET E 41 12.91 -12.75 77.20
N ASP E 42 12.82 -13.09 75.93
CA ASP E 42 12.05 -14.23 75.50
C ASP E 42 12.91 -15.40 75.05
N THR E 43 14.07 -15.13 74.47
CA THR E 43 14.89 -16.19 73.85
C THR E 43 15.90 -16.83 74.80
N ASP E 44 15.99 -18.16 74.74
CA ASP E 44 17.04 -18.91 75.45
C ASP E 44 17.31 -18.34 76.84
N GLY E 45 16.30 -18.35 77.69
CA GLY E 45 16.47 -17.91 79.07
C GLY E 45 16.23 -16.42 79.28
N GLY E 46 16.39 -15.63 78.24
CA GLY E 46 16.16 -14.18 78.33
C GLY E 46 17.33 -13.45 78.95
N GLY E 47 17.23 -12.14 79.06
CA GLY E 47 18.31 -11.35 79.63
C GLY E 47 19.35 -10.88 78.63
N TRP E 48 19.02 -10.96 77.34
CA TRP E 48 19.94 -10.54 76.28
C TRP E 48 19.80 -9.07 75.92
N THR E 49 20.93 -8.41 75.72
CA THR E 49 20.95 -7.07 75.21
C THR E 49 21.27 -7.10 73.72
N VAL E 50 20.41 -6.52 72.91
CA VAL E 50 20.51 -6.64 71.47
C VAL E 50 21.20 -5.44 70.86
N PHE E 51 22.32 -5.65 70.16
CA PHE E 51 23.06 -4.54 69.58
C PHE E 51 22.93 -4.44 68.06
N GLN E 52 22.30 -5.42 67.43
CA GLN E 52 22.06 -5.39 65.99
C GLN E 52 20.78 -6.10 65.64
N ARG E 53 19.98 -5.49 64.79
CA ARG E 53 18.75 -6.11 64.36
C ARG E 53 18.39 -5.76 62.90
N ARG E 54 18.10 -6.78 62.11
CA ARG E 54 17.61 -6.64 60.75
C ARG E 54 16.27 -7.33 60.70
N VAL E 55 15.25 -6.63 60.24
CA VAL E 55 13.90 -7.21 60.26
C VAL E 55 13.16 -7.07 58.92
N ASP E 56 13.44 -6.01 58.18
CA ASP E 56 12.61 -5.67 57.03
C ASP E 56 13.37 -4.94 55.93
N GLY E 57 14.61 -4.54 56.21
CA GLY E 57 15.40 -3.80 55.23
C GLY E 57 14.92 -2.37 55.07
N SER E 58 14.09 -1.92 55.99
CA SER E 58 13.69 -0.51 56.04
C SER E 58 14.86 0.45 56.26
N VAL E 59 15.93 0.00 56.88
CA VAL E 59 17.06 0.87 57.20
C VAL E 59 18.31 0.53 56.36
N ASP E 60 19.04 1.57 55.97
CA ASP E 60 20.28 1.41 55.20
C ASP E 60 21.49 1.15 56.11
N PHE E 61 22.14 -0.01 55.90
CA PHE E 61 23.26 -0.43 56.73
C PHE E 61 24.62 -0.20 56.06
N TYR E 62 24.60 0.37 54.87
CA TYR E 62 25.85 0.64 54.15
C TYR E 62 26.41 2.02 54.56
N ARG E 63 26.90 2.13 55.79
CA ARG E 63 27.25 3.44 56.35
C ARG E 63 28.72 3.61 56.70
N ASP E 64 29.14 4.87 56.80
CA ASP E 64 30.54 5.20 57.07
C ASP E 64 30.99 4.92 58.52
N TRP E 65 32.25 5.25 58.82
CA TRP E 65 32.85 5.00 60.14
C TRP E 65 32.14 5.73 61.27
N ALA E 66 31.96 7.04 61.12
CA ALA E 66 31.35 7.86 62.17
C ALA E 66 29.97 7.34 62.56
N THR E 67 29.27 6.79 61.57
CA THR E 67 27.90 6.34 61.77
C THR E 67 27.86 5.00 62.51
N TYR E 68 28.78 4.09 62.18
CA TYR E 68 28.87 2.83 62.92
C TYR E 68 29.38 3.08 64.32
N LYS E 69 30.20 4.13 64.48
CA LYS E 69 30.75 4.49 65.76
C LYS E 69 29.64 4.82 66.77
N GLN E 70 28.69 5.63 66.33
CA GLN E 70 27.71 6.18 67.26
C GLN E 70 26.37 5.44 67.25
N GLY E 71 26.16 4.57 66.27
CA GLY E 71 24.89 3.85 66.17
C GLY E 71 23.91 4.59 65.29
N PHE E 72 22.91 3.87 64.78
CA PHE E 72 21.99 4.42 63.81
C PHE E 72 20.79 3.50 63.69
N GLY E 73 19.69 4.00 63.17
CA GLY E 73 18.46 3.21 63.01
C GLY E 73 17.32 3.64 63.91
N SER E 74 16.36 2.74 64.09
CA SER E 74 15.12 3.07 64.79
C SER E 74 14.73 2.01 65.82
N ARG E 75 14.44 2.44 67.03
CA ARG E 75 13.93 1.54 68.04
C ARG E 75 12.68 0.82 67.55
N LEU E 76 12.02 1.41 66.56
CA LEU E 76 10.83 0.81 65.99
C LEU E 76 11.13 -0.35 65.04
N GLY E 77 12.39 -0.55 64.69
CA GLY E 77 12.72 -1.58 63.70
C GLY E 77 14.16 -2.02 63.67
N GLU E 78 14.85 -1.70 62.58
CA GLU E 78 16.24 -2.12 62.38
C GLU E 78 17.20 -1.12 63.05
N PHE E 79 18.35 -1.59 63.50
CA PHE E 79 19.33 -0.71 64.12
C PHE E 79 20.69 -1.36 64.38
N TRP E 80 21.70 -0.51 64.59
CA TRP E 80 23.00 -0.91 65.13
C TRP E 80 23.28 -0.02 66.33
N LEU E 81 23.53 -0.63 67.48
CA LEU E 81 23.65 0.11 68.74
C LEU E 81 24.79 1.12 68.75
N GLY E 82 25.82 0.88 67.95
CA GLY E 82 26.99 1.76 67.92
C GLY E 82 28.20 1.09 68.54
N ASN E 83 29.33 1.19 67.87
CA ASN E 83 30.54 0.53 68.31
C ASN E 83 31.09 0.99 69.67
N ASP E 84 30.97 2.27 69.99
CA ASP E 84 31.37 2.70 71.34
C ASP E 84 30.54 2.00 72.41
N ASN E 85 29.22 2.07 72.25
CA ASN E 85 28.31 1.39 73.16
C ASN E 85 28.60 -0.11 73.29
N ILE E 86 28.79 -0.77 72.15
CA ILE E 86 29.08 -2.20 72.14
C ILE E 86 30.37 -2.48 72.92
N HIS E 87 31.38 -1.66 72.72
CA HIS E 87 32.59 -1.80 73.51
C HIS E 87 32.28 -1.62 74.99
N ALA E 88 31.64 -0.51 75.34
CA ALA E 88 31.24 -0.25 76.72
C ALA E 88 30.53 -1.43 77.39
N LEU E 89 29.62 -2.08 76.68
CA LEU E 89 28.84 -3.21 77.21
C LEU E 89 29.58 -4.51 77.31
N THR E 90 30.80 -4.56 76.79
CA THR E 90 31.51 -5.84 76.75
C THR E 90 32.97 -5.70 77.19
N ALA E 91 33.31 -4.53 77.73
CA ALA E 91 34.67 -4.14 78.08
C ALA E 91 35.19 -4.80 79.33
N GLN E 92 34.29 -5.01 80.30
CA GLN E 92 34.69 -5.54 81.58
C GLN E 92 33.87 -6.73 81.91
N GLY E 93 34.40 -7.91 81.63
CA GLY E 93 33.74 -9.15 82.09
C GLY E 93 33.56 -10.15 80.96
N THR E 94 32.66 -11.11 81.16
CA THR E 94 32.46 -12.14 80.18
C THR E 94 31.01 -12.16 79.72
N SER E 95 30.78 -11.62 78.53
CA SER E 95 29.46 -11.63 77.94
C SER E 95 29.40 -12.80 76.98
N GLU E 96 28.36 -13.62 77.03
CA GLU E 96 28.15 -14.56 75.93
C GLU E 96 27.53 -13.85 74.71
N LEU E 97 27.60 -14.51 73.57
CA LEU E 97 27.01 -13.96 72.35
C LEU E 97 26.11 -14.97 71.64
N ARG E 98 24.92 -14.52 71.27
CA ARG E 98 24.00 -15.33 70.51
C ARG E 98 23.63 -14.61 69.22
N THR E 99 23.78 -15.32 68.09
CA THR E 99 23.19 -14.90 66.79
C THR E 99 21.91 -15.69 66.53
N ASP E 100 20.81 -14.98 66.27
CA ASP E 100 19.51 -15.56 65.90
C ASP E 100 19.17 -15.14 64.47
N LEU E 101 18.87 -16.10 63.61
CA LEU E 101 18.58 -15.84 62.19
C LEU E 101 17.27 -16.47 61.77
N VAL E 102 16.60 -15.89 60.78
CA VAL E 102 15.32 -16.46 60.31
C VAL E 102 15.11 -16.28 58.83
N ASP E 103 15.00 -17.37 58.09
CA ASP E 103 14.78 -17.25 56.66
C ASP E 103 13.28 -16.96 56.33
N PHE E 104 12.97 -16.81 55.05
CA PHE E 104 11.62 -16.45 54.65
C PHE E 104 10.67 -17.63 54.60
N GLU E 105 11.22 -18.84 54.56
CA GLU E 105 10.46 -20.07 54.70
C GLU E 105 10.11 -20.30 56.18
N ASP E 106 10.61 -19.44 57.07
CA ASP E 106 10.31 -19.48 58.50
C ASP E 106 11.19 -20.44 59.32
N ASN E 107 12.42 -20.63 58.89
CA ASN E 107 13.34 -21.50 59.60
C ASN E 107 14.25 -20.76 60.56
N TYR E 108 14.08 -21.03 61.85
N TYR E 108 14.07 -21.01 61.85
N TYR E 108 14.06 -21.03 61.85
CA TYR E 108 14.93 -20.42 62.86
CA TYR E 108 14.91 -20.39 62.88
CA TYR E 108 14.91 -20.46 62.88
C TYR E 108 16.27 -21.14 62.96
C TYR E 108 16.25 -21.12 63.00
C TYR E 108 16.27 -21.15 62.85
N GLN E 109 17.34 -20.35 62.96
CA GLN E 109 18.69 -20.89 63.13
C GLN E 109 19.39 -20.00 64.13
N PHE E 110 20.36 -20.54 64.84
CA PHE E 110 21.08 -19.71 65.81
C PHE E 110 22.52 -20.17 65.89
N ALA E 111 23.42 -19.32 66.39
CA ALA E 111 24.77 -19.77 66.80
C ALA E 111 25.13 -19.07 68.10
N LYS E 112 25.77 -19.78 69.01
CA LYS E 112 26.15 -19.19 70.30
C LYS E 112 27.61 -19.31 70.61
N TYR E 113 28.15 -18.31 71.31
CA TYR E 113 29.59 -18.26 71.63
C TYR E 113 29.87 -17.97 73.10
N ARG E 114 30.95 -18.55 73.60
CA ARG E 114 31.33 -18.44 75.00
C ARG E 114 31.65 -17.02 75.52
N SER E 115 32.32 -16.20 74.72
CA SER E 115 32.57 -14.80 75.05
C SER E 115 32.67 -13.94 73.80
N PHE E 116 32.48 -12.63 73.99
CA PHE E 116 32.46 -11.68 72.89
C PHE E 116 32.82 -10.32 73.44
N LYS E 117 33.78 -9.67 72.80
CA LYS E 117 34.29 -8.39 73.29
C LYS E 117 34.78 -7.59 72.09
N VAL E 118 34.59 -6.28 72.09
CA VAL E 118 35.24 -5.44 71.10
C VAL E 118 36.06 -4.35 71.75
N ALA E 119 37.28 -4.17 71.24
CA ALA E 119 38.17 -3.13 71.71
C ALA E 119 37.57 -1.74 71.48
N ASP E 120 38.26 -0.70 71.93
CA ASP E 120 37.77 0.66 71.71
C ASP E 120 38.24 1.17 70.34
N GLU E 121 37.87 2.41 70.02
CA GLU E 121 38.20 2.97 68.70
C GLU E 121 39.70 3.00 68.41
N ALA E 122 40.50 3.30 69.43
CA ALA E 122 41.95 3.31 69.26
C ALA E 122 42.43 1.99 68.69
N GLU E 123 41.71 0.94 69.06
CA GLU E 123 42.06 -0.40 68.68
C GLU E 123 41.26 -0.88 67.45
N LYS E 124 40.56 0.05 66.83
CA LYS E 124 39.70 -0.25 65.70
C LYS E 124 38.61 -1.29 66.00
N TYR E 125 37.98 -1.16 67.17
CA TYR E 125 36.88 -2.05 67.60
C TYR E 125 37.17 -3.52 67.31
N ASN E 126 38.38 -3.92 67.64
CA ASN E 126 38.85 -5.28 67.44
C ASN E 126 37.96 -6.34 68.10
N LEU E 127 37.73 -7.45 67.39
CA LEU E 127 36.85 -8.50 67.89
C LEU E 127 37.60 -9.58 68.62
N VAL E 128 37.19 -9.87 69.83
CA VAL E 128 37.72 -11.04 70.47
C VAL E 128 36.59 -12.06 70.73
N LEU E 129 36.61 -13.15 69.97
CA LEU E 129 35.62 -14.22 70.12
C LEU E 129 36.14 -15.41 70.92
N GLY E 130 35.33 -15.88 71.88
CA GLY E 130 35.56 -17.15 72.54
C GLY E 130 35.05 -18.31 71.68
N ALA E 131 35.00 -19.50 72.29
CA ALA E 131 34.63 -20.74 71.61
C ALA E 131 33.17 -20.84 71.12
N PHE E 132 33.00 -21.43 69.95
CA PHE E 132 31.70 -21.75 69.42
C PHE E 132 31.16 -22.89 70.23
N VAL E 133 30.00 -22.69 70.86
CA VAL E 133 29.38 -23.70 71.73
C VAL E 133 28.50 -24.75 71.00
N GLU E 134 27.44 -24.26 70.35
CA GLU E 134 26.47 -25.08 69.59
C GLU E 134 25.77 -24.14 68.62
N GLY E 135 24.90 -24.68 67.76
CA GLY E 135 24.15 -23.84 66.84
C GLY E 135 23.81 -24.49 65.50
N SER E 136 22.53 -24.44 65.15
CA SER E 136 22.01 -24.93 63.89
C SER E 136 22.46 -24.09 62.69
N ALA E 137 23.07 -22.94 62.95
CA ALA E 137 23.56 -22.04 61.90
C ALA E 137 24.97 -22.40 61.45
N GLY E 138 25.66 -23.18 62.26
CA GLY E 138 27.09 -23.49 62.10
C GLY E 138 27.92 -22.31 62.57
N ASP E 139 29.21 -22.55 62.81
CA ASP E 139 30.15 -21.45 63.10
C ASP E 139 30.50 -20.70 61.82
N SER E 140 30.08 -19.45 61.70
CA SER E 140 30.60 -18.64 60.62
C SER E 140 31.15 -17.32 61.16
N LEU E 141 31.69 -17.35 62.38
CA LEU E 141 32.20 -16.15 62.99
C LEU E 141 33.53 -16.34 63.67
N THR E 142 33.97 -17.57 63.88
CA THR E 142 35.29 -17.81 64.46
C THR E 142 36.38 -17.40 63.47
N PHE E 143 36.00 -17.39 62.20
CA PHE E 143 36.91 -17.13 61.10
C PHE E 143 37.39 -15.70 61.23
N HIS E 144 36.55 -14.89 61.85
CA HIS E 144 36.71 -13.45 61.92
C HIS E 144 37.24 -13.01 63.25
N ASN E 145 37.72 -13.96 64.03
CA ASN E 145 38.31 -13.65 65.33
C ASN E 145 39.60 -12.85 65.19
N ASN E 146 39.83 -11.90 66.09
CA ASN E 146 41.06 -11.09 66.12
C ASN E 146 41.24 -10.14 64.92
N GLN E 147 40.14 -9.56 64.47
CA GLN E 147 40.12 -8.67 63.32
C GLN E 147 39.47 -7.34 63.65
N SER E 148 39.96 -6.26 63.06
CA SER E 148 39.34 -4.95 63.23
C SER E 148 38.06 -4.82 62.42
N PHE E 149 37.20 -3.91 62.85
CA PHE E 149 35.95 -3.66 62.17
C PHE E 149 36.25 -2.72 61.00
N SER E 150 35.44 -2.74 59.95
CA SER E 150 35.78 -1.96 58.76
C SER E 150 34.54 -1.40 58.13
N THR E 151 34.66 -0.22 57.55
CA THR E 151 33.57 0.40 56.83
C THR E 151 34.02 0.76 55.43
N LYS E 152 33.11 1.17 54.58
CA LYS E 152 33.45 1.48 53.22
C LYS E 152 34.54 2.55 53.19
N ASP E 153 34.47 3.48 54.14
CA ASP E 153 35.38 4.64 54.17
C ASP E 153 36.54 4.46 55.12
N GLN E 154 36.68 3.24 55.68
CA GLN E 154 37.82 2.92 56.52
C GLN E 154 38.20 1.44 56.45
N ASP E 155 39.18 1.15 55.57
CA ASP E 155 39.60 -0.21 55.24
C ASP E 155 40.64 -0.72 56.24
N ASN E 156 40.24 -1.66 57.07
CA ASN E 156 41.15 -2.26 58.03
C ASN E 156 41.26 -3.78 57.83
N ASP E 157 40.81 -4.27 56.67
CA ASP E 157 40.75 -5.72 56.46
C ASP E 157 42.09 -6.31 56.02
N LEU E 158 42.12 -7.61 55.76
CA LEU E 158 43.35 -8.25 55.31
C LEU E 158 43.26 -8.55 53.82
N ASN E 159 42.57 -7.68 53.09
CA ASN E 159 42.42 -7.85 51.66
C ASN E 159 43.09 -6.70 50.94
N THR E 160 43.79 -7.00 49.86
CA THR E 160 44.45 -5.96 49.09
C THR E 160 43.41 -4.99 48.53
N GLY E 161 42.16 -5.43 48.43
CA GLY E 161 41.05 -4.56 48.09
C GLY E 161 40.21 -4.18 49.30
N ASN E 162 39.02 -3.66 49.04
CA ASN E 162 38.09 -3.18 50.08
C ASN E 162 36.87 -4.08 50.33
N CYS E 163 36.96 -4.92 51.35
CA CYS E 163 35.91 -5.90 51.60
C CYS E 163 34.54 -5.25 51.80
N ALA E 164 34.48 -4.18 52.58
CA ALA E 164 33.21 -3.51 52.83
C ALA E 164 32.52 -3.01 51.56
N VAL E 165 33.31 -2.57 50.59
CA VAL E 165 32.72 -2.13 49.33
C VAL E 165 32.33 -3.36 48.49
N MET E 166 33.19 -4.36 48.45
CA MET E 166 32.89 -5.57 47.67
C MET E 166 31.63 -6.28 48.13
N PHE E 167 31.43 -6.36 49.44
CA PHE E 167 30.28 -7.09 49.97
C PHE E 167 29.28 -6.18 50.67
N GLN E 168 29.35 -4.90 50.28
CA GLN E 168 28.35 -3.87 50.59
C GLN E 168 27.82 -3.99 52.00
N GLY E 169 28.75 -3.87 52.97
CA GLY E 169 28.45 -3.97 54.41
C GLY E 169 29.45 -3.29 55.35
N ALA E 170 29.63 -3.87 56.55
CA ALA E 170 30.53 -3.35 57.58
C ALA E 170 30.74 -4.43 58.63
N TRP E 171 31.97 -4.81 58.91
CA TRP E 171 32.21 -6.03 59.66
C TRP E 171 33.69 -6.18 60.05
N TRP E 172 33.96 -7.26 60.79
CA TRP E 172 35.31 -7.64 61.14
C TRP E 172 35.90 -8.45 59.99
N TYR E 173 35.77 -7.89 58.80
CA TYR E 173 36.33 -8.47 57.58
C TYR E 173 37.79 -8.85 57.73
N LYS E 174 38.13 -9.99 57.17
CA LYS E 174 39.50 -10.44 57.07
C LYS E 174 39.89 -10.47 55.58
N ASN E 175 39.54 -11.53 54.87
CA ASN E 175 39.98 -11.68 53.49
C ASN E 175 39.11 -12.52 52.54
N CYS E 176 37.77 -12.39 52.54
CA CYS E 176 37.01 -11.31 53.20
C CYS E 176 36.05 -11.72 54.32
N HIS E 177 35.14 -12.67 54.05
CA HIS E 177 34.18 -13.04 55.07
C HIS E 177 33.55 -14.39 54.88
N THR E 178 33.12 -14.97 56.00
CA THR E 178 32.14 -16.05 55.97
C THR E 178 30.81 -15.64 56.62
N SER E 179 30.76 -14.45 57.23
CA SER E 179 29.47 -13.90 57.67
C SER E 179 29.39 -12.40 57.32
N ASN E 180 28.19 -11.88 57.08
CA ASN E 180 28.04 -10.51 56.59
C ASN E 180 26.70 -9.93 57.02
N LEU E 181 26.45 -9.89 58.32
CA LEU E 181 25.13 -9.57 58.83
C LEU E 181 24.71 -8.10 58.69
N ASN E 182 25.67 -7.25 58.35
CA ASN E 182 25.38 -5.85 58.06
C ASN E 182 25.30 -5.57 56.54
N GLY E 183 25.19 -6.65 55.75
CA GLY E 183 25.04 -6.56 54.31
C GLY E 183 23.69 -6.01 53.86
N ARG E 184 23.43 -6.03 52.56
CA ARG E 184 22.19 -5.46 52.03
C ARG E 184 21.02 -6.42 52.20
N TYR E 185 19.83 -5.85 52.43
CA TYR E 185 18.64 -6.64 52.66
C TYR E 185 18.10 -7.10 51.32
N LEU E 186 18.65 -8.19 50.78
CA LEU E 186 18.36 -8.62 49.40
C LEU E 186 17.17 -9.59 49.26
N ARG E 187 16.55 -9.95 50.37
CA ARG E 187 15.32 -10.78 50.38
C ARG E 187 15.45 -12.19 49.75
N GLY E 188 16.00 -13.13 50.51
CA GLY E 188 16.16 -14.50 50.05
C GLY E 188 17.30 -14.68 49.07
N THR E 189 17.05 -15.49 48.03
CA THR E 189 18.05 -15.77 47.04
C THR E 189 18.44 -14.52 46.27
N HIS E 190 19.72 -14.42 45.87
CA HIS E 190 20.18 -13.30 45.05
C HIS E 190 21.36 -13.73 44.21
N GLY E 191 21.47 -13.10 43.03
CA GLY E 191 22.57 -13.38 42.10
C GLY E 191 23.90 -12.72 42.44
N SER E 192 23.85 -11.52 43.03
CA SER E 192 25.07 -10.84 43.44
C SER E 192 25.76 -11.65 44.51
N PHE E 193 27.08 -11.73 44.41
CA PHE E 193 27.86 -12.64 45.25
C PHE E 193 28.25 -12.10 46.63
N ALA E 194 27.49 -12.52 47.64
CA ALA E 194 27.84 -12.30 49.05
C ALA E 194 27.75 -10.84 49.50
N ASN E 195 26.79 -10.10 48.97
CA ASN E 195 26.52 -8.74 49.44
C ASN E 195 25.20 -8.63 50.20
N GLY E 196 24.71 -9.75 50.70
CA GLY E 196 23.49 -9.76 51.48
C GLY E 196 23.72 -10.12 52.94
N ILE E 197 22.63 -10.40 53.64
CA ILE E 197 22.68 -10.82 55.04
C ILE E 197 22.98 -12.32 55.04
N ASN E 198 24.27 -12.63 54.91
CA ASN E 198 24.75 -13.97 54.64
C ASN E 198 25.54 -14.57 55.81
N TRP E 199 25.15 -15.78 56.19
CA TRP E 199 25.91 -16.61 57.12
C TRP E 199 26.24 -17.86 56.31
N LYS E 200 27.54 -18.10 56.06
CA LYS E 200 27.92 -19.18 55.13
C LYS E 200 27.35 -20.54 55.53
N SER E 201 27.81 -21.07 56.66
CA SER E 201 27.35 -22.35 57.16
C SER E 201 25.82 -22.42 57.27
N GLY E 202 25.18 -21.26 57.30
CA GLY E 202 23.72 -21.18 57.43
C GLY E 202 23.02 -21.47 56.11
N LYS E 203 22.73 -20.43 55.34
CA LYS E 203 22.13 -20.63 54.03
C LYS E 203 23.04 -20.17 52.88
N GLY E 204 24.35 -20.04 53.13
CA GLY E 204 25.33 -19.81 52.05
C GLY E 204 25.58 -18.39 51.55
N TYR E 205 26.35 -18.26 50.47
CA TYR E 205 26.80 -16.94 49.97
C TYR E 205 25.79 -16.21 49.10
N ASN E 206 24.62 -16.82 48.92
CA ASN E 206 23.65 -16.31 47.97
C ASN E 206 22.24 -16.25 48.51
N TYR E 207 22.11 -16.15 49.84
CA TYR E 207 20.79 -16.09 50.49
C TYR E 207 20.79 -15.07 51.63
N SER E 208 19.76 -14.23 51.68
CA SER E 208 19.73 -13.13 52.64
C SER E 208 18.55 -13.29 53.59
N TYR E 209 18.84 -13.51 54.87
CA TYR E 209 17.78 -13.82 55.86
C TYR E 209 16.71 -12.74 55.94
N LYS E 210 15.54 -13.13 56.45
CA LYS E 210 14.48 -12.18 56.72
C LYS E 210 14.82 -11.43 57.99
N VAL E 211 15.33 -12.15 58.98
CA VAL E 211 15.58 -11.58 60.30
C VAL E 211 16.98 -11.91 60.82
N SER E 212 17.62 -10.91 61.41
CA SER E 212 18.93 -11.14 62.03
C SER E 212 19.01 -10.39 63.33
N GLU E 213 19.53 -11.06 64.36
CA GLU E 213 19.72 -10.44 65.66
C GLU E 213 21.02 -10.87 66.36
N MET E 214 21.79 -9.90 66.83
CA MET E 214 23.00 -10.22 67.59
C MET E 214 22.79 -9.67 69.00
N LYS E 215 23.02 -10.49 70.01
CA LYS E 215 22.73 -10.07 71.35
C LYS E 215 23.74 -10.58 72.35
N VAL E 216 23.89 -9.89 73.48
CA VAL E 216 24.88 -10.26 74.50
C VAL E 216 24.27 -10.38 75.87
N ARG E 217 24.78 -11.32 76.63
CA ARG E 217 24.33 -11.52 78.01
C ARG E 217 25.57 -11.80 78.85
N PRO E 218 25.58 -11.34 80.09
CA PRO E 218 26.78 -11.60 80.88
C PRO E 218 26.80 -13.04 81.33
N ALA E 219 27.97 -13.67 81.22
CA ALA E 219 28.16 -15.01 81.72
C ALA E 219 28.85 -14.84 83.07
N PRO F 3 11.72 19.89 86.42
CA PRO F 3 12.90 19.75 85.55
C PRO F 3 12.78 20.51 84.20
N CYS F 4 11.56 20.84 83.78
CA CYS F 4 11.33 21.41 82.45
C CYS F 4 12.54 22.21 81.85
N LEU F 5 13.03 23.18 82.61
CA LEU F 5 14.12 24.08 82.11
C LEU F 5 15.48 23.36 81.88
N THR F 6 15.69 22.25 82.59
CA THR F 6 16.82 21.37 82.32
C THR F 6 16.47 20.48 81.12
N GLY F 7 15.18 20.37 80.82
CA GLY F 7 14.68 19.46 79.78
C GLY F 7 14.98 19.86 78.35
N PRO F 8 15.09 18.86 77.47
CA PRO F 8 15.23 19.10 76.04
C PRO F 8 13.91 19.65 75.54
N ARG F 9 13.96 20.57 74.59
CA ARG F 9 12.72 21.23 74.09
C ARG F 9 12.33 20.77 72.69
N THR F 10 13.23 20.04 72.01
CA THR F 10 12.99 19.57 70.65
C THR F 10 13.79 18.30 70.39
N CYS F 11 13.45 17.57 69.34
CA CYS F 11 14.23 16.41 68.93
C CYS F 11 15.70 16.76 68.60
N LYS F 12 15.93 17.97 68.09
CA LYS F 12 17.28 18.44 67.81
C LYS F 12 18.12 18.46 69.09
N ASP F 13 17.56 18.98 70.19
CA ASP F 13 18.27 18.99 71.49
C ASP F 13 18.68 17.57 71.83
N LEU F 14 17.71 16.66 71.73
CA LEU F 14 17.97 15.26 72.05
C LEU F 14 19.11 14.68 71.21
N LEU F 15 19.17 15.06 69.94
CA LEU F 15 20.25 14.58 69.08
C LEU F 15 21.57 15.07 69.64
N ASP F 16 21.60 16.31 70.08
CA ASP F 16 22.82 16.96 70.49
C ASP F 16 23.40 16.37 71.77
N ARG F 17 22.54 15.84 72.64
CA ARG F 17 22.98 15.16 73.86
C ARG F 17 23.24 13.67 73.70
N GLY F 18 23.25 13.15 72.48
CA GLY F 18 23.75 11.79 72.26
C GLY F 18 22.74 10.68 72.07
N HIS F 19 21.46 11.04 71.88
CA HIS F 19 20.44 10.07 71.49
C HIS F 19 20.45 9.87 69.98
N PHE F 20 21.10 8.81 69.50
CA PHE F 20 21.32 8.65 68.06
C PHE F 20 20.32 7.73 67.35
N LEU F 21 19.47 7.06 68.12
CA LEU F 21 18.48 6.17 67.54
C LEU F 21 17.11 6.86 67.42
N SER F 22 16.50 6.75 66.24
CA SER F 22 15.13 7.26 66.05
C SER F 22 14.21 6.53 67.00
N GLY F 23 13.18 7.21 67.47
CA GLY F 23 12.27 6.61 68.44
C GLY F 23 11.48 7.63 69.23
N TRP F 24 10.64 7.14 70.13
CA TRP F 24 9.74 8.01 70.89
C TRP F 24 10.41 8.58 72.13
N HIS F 25 10.68 9.88 72.10
CA HIS F 25 11.21 10.55 73.29
C HIS F 25 10.21 11.57 73.77
N THR F 26 10.37 12.00 75.02
CA THR F 26 9.51 13.03 75.57
C THR F 26 10.24 14.37 75.62
N ILE F 27 9.62 15.41 75.10
CA ILE F 27 10.19 16.76 75.11
C ILE F 27 9.30 17.69 75.94
N TYR F 28 9.70 18.95 76.06
CA TYR F 28 8.98 19.89 76.91
C TYR F 28 8.60 21.11 76.12
N LEU F 29 7.30 21.36 75.95
CA LEU F 29 6.86 22.38 75.00
C LEU F 29 7.12 23.83 75.49
N PRO F 30 6.68 24.85 74.72
CA PRO F 30 7.09 26.23 75.10
C PRO F 30 6.61 26.65 76.51
N ASP F 31 5.58 25.95 77.02
CA ASP F 31 5.07 26.13 78.39
C ASP F 31 5.65 25.14 79.41
N CYS F 32 6.30 24.09 78.89
CA CYS F 32 6.80 22.99 79.73
C CYS F 32 5.80 21.87 79.90
N ARG F 33 4.74 21.87 79.07
CA ARG F 33 3.93 20.67 79.05
C ARG F 33 4.81 19.60 78.39
N PRO F 34 4.95 18.43 79.05
CA PRO F 34 5.71 17.35 78.48
C PRO F 34 4.93 16.70 77.34
N LEU F 35 5.62 16.34 76.27
CA LEU F 35 4.98 15.69 75.13
C LEU F 35 5.90 14.57 74.70
N THR F 36 5.31 13.42 74.40
CA THR F 36 6.09 12.30 73.88
C THR F 36 5.92 12.20 72.36
N VAL F 37 7.02 12.48 71.66
CA VAL F 37 7.04 12.62 70.22
C VAL F 37 7.97 11.61 69.58
N LEU F 38 7.85 11.46 68.26
CA LEU F 38 8.71 10.56 67.51
C LEU F 38 9.86 11.34 66.89
N CYS F 39 11.08 11.06 67.37
CA CYS F 39 12.26 11.74 66.84
C CYS F 39 12.88 10.95 65.72
N ASP F 40 13.00 11.57 64.54
CA ASP F 40 13.73 10.95 63.44
C ASP F 40 15.17 11.42 63.49
N MET F 41 16.06 10.53 63.95
CA MET F 41 17.48 10.88 64.16
C MET F 41 18.35 10.41 63.00
N ASP F 42 17.74 9.84 61.97
CA ASP F 42 18.48 9.18 60.93
C ASP F 42 18.50 9.96 59.61
N THR F 43 17.43 10.70 59.31
CA THR F 43 17.29 11.34 58.00
C THR F 43 17.88 12.74 57.93
N ASP F 44 18.59 13.03 56.84
CA ASP F 44 19.06 14.38 56.54
C ASP F 44 19.54 15.12 57.79
N GLY F 45 20.56 14.59 58.44
CA GLY F 45 21.15 15.25 59.60
C GLY F 45 20.51 14.86 60.92
N GLY F 46 19.26 14.43 60.90
CA GLY F 46 18.57 14.02 62.12
C GLY F 46 18.04 15.21 62.90
N GLY F 47 17.37 14.93 64.01
CA GLY F 47 16.82 16.00 64.83
C GLY F 47 15.41 16.43 64.44
N TRP F 48 14.73 15.60 63.64
CA TRP F 48 13.37 15.90 63.20
C TRP F 48 12.31 15.38 64.17
N THR F 49 11.29 16.19 64.39
CA THR F 49 10.13 15.78 65.15
C THR F 49 9.01 15.44 64.17
N VAL F 50 8.49 14.22 64.26
CA VAL F 50 7.55 13.73 63.27
C VAL F 50 6.12 13.88 63.75
N PHE F 51 5.30 14.62 63.02
CA PHE F 51 3.92 14.84 63.44
C PHE F 51 2.88 14.08 62.60
N GLN F 52 3.32 13.41 61.54
CA GLN F 52 2.42 12.59 60.73
C GLN F 52 3.17 11.41 60.13
N ARG F 53 2.64 10.19 60.30
CA ARG F 53 3.27 8.99 59.73
C ARG F 53 2.25 8.02 59.11
N ARG F 54 2.37 7.70 57.80
CA ARG F 54 1.58 6.66 57.14
C ARG F 54 2.55 5.58 56.75
N VAL F 55 2.27 4.34 57.14
CA VAL F 55 3.20 3.25 56.90
C VAL F 55 2.54 2.02 56.28
N ASP F 56 1.28 1.77 56.62
CA ASP F 56 0.66 0.48 56.29
C ASP F 56 -0.85 0.58 56.09
N GLY F 57 -1.43 1.73 56.41
CA GLY F 57 -2.87 1.90 56.26
C GLY F 57 -3.64 1.15 57.35
N SER F 58 -2.94 0.73 58.38
CA SER F 58 -3.58 0.14 59.55
C SER F 58 -4.51 1.10 60.29
N VAL F 59 -4.28 2.40 60.17
CA VAL F 59 -5.09 3.38 60.90
C VAL F 59 -5.98 4.20 59.96
N ASP F 60 -7.19 4.51 60.41
CA ASP F 60 -8.15 5.32 59.66
C ASP F 60 -7.90 6.83 59.84
N PHE F 61 -7.62 7.52 58.73
CA PHE F 61 -7.29 8.95 58.76
C PHE F 61 -8.46 9.83 58.36
N TYR F 62 -9.61 9.23 58.06
CA TYR F 62 -10.79 9.99 57.67
C TYR F 62 -11.59 10.42 58.91
N ARG F 63 -11.04 11.35 59.69
CA ARG F 63 -11.59 11.67 61.01
C ARG F 63 -12.10 13.10 61.16
N ASP F 64 -12.98 13.29 62.16
CA ASP F 64 -13.60 14.60 62.39
C ASP F 64 -12.66 15.65 63.00
N TRP F 65 -13.20 16.84 63.28
CA TRP F 65 -12.42 17.96 63.79
C TRP F 65 -11.79 17.68 65.17
N ALA F 66 -12.60 17.23 66.12
CA ALA F 66 -12.13 16.97 67.48
C ALA F 66 -10.95 16.00 67.48
N THR F 67 -10.98 15.07 66.54
CA THR F 67 -10.00 14.00 66.50
C THR F 67 -8.67 14.51 65.92
N TYR F 68 -8.75 15.35 64.88
CA TYR F 68 -7.53 15.95 64.35
C TYR F 68 -6.95 16.97 65.33
N LYS F 69 -7.83 17.57 66.11
CA LYS F 69 -7.43 18.53 67.13
C LYS F 69 -6.48 17.90 68.14
N GLN F 70 -6.85 16.73 68.64
CA GLN F 70 -6.13 16.15 69.76
C GLN F 70 -5.10 15.07 69.37
N GLY F 71 -5.15 14.63 68.11
CA GLY F 71 -4.24 13.59 67.65
C GLY F 71 -4.86 12.22 67.82
N PHE F 72 -4.33 11.25 67.09
CA PHE F 72 -4.91 9.91 67.05
C PHE F 72 -3.91 8.95 66.41
N GLY F 73 -4.09 7.66 66.64
CA GLY F 73 -3.20 6.65 66.09
C GLY F 73 -2.35 5.92 67.13
N SER F 74 -1.28 5.30 66.67
CA SER F 74 -0.47 4.45 67.52
C SER F 74 1.03 4.70 67.37
N ARG F 75 1.71 4.87 68.49
CA ARG F 75 3.15 5.00 68.46
C ARG F 75 3.79 3.80 67.77
N LEU F 76 3.05 2.70 67.71
CA LEU F 76 3.55 1.51 67.05
C LEU F 76 3.47 1.57 65.54
N GLY F 77 2.82 2.59 64.99
CA GLY F 77 2.63 2.65 63.54
C GLY F 77 2.25 4.01 62.98
N GLU F 78 1.03 4.11 62.47
CA GLU F 78 0.55 5.34 61.85
C GLU F 78 -0.01 6.30 62.90
N PHE F 79 0.07 7.60 62.65
CA PHE F 79 -0.47 8.57 63.60
C PHE F 79 -0.49 10.00 63.07
N TRP F 80 -1.29 10.84 63.72
CA TRP F 80 -1.24 12.31 63.56
C TRP F 80 -1.11 12.90 64.95
N LEU F 81 -0.07 13.71 65.16
CA LEU F 81 0.28 14.21 66.48
C LEU F 81 -0.82 15.06 67.13
N GLY F 82 -1.66 15.67 66.31
CA GLY F 82 -2.70 16.56 66.82
C GLY F 82 -2.41 18.01 66.51
N ASN F 83 -3.41 18.73 66.04
CA ASN F 83 -3.24 20.11 65.63
C ASN F 83 -2.84 21.08 66.74
N ASP F 84 -3.34 20.88 67.95
CA ASP F 84 -2.88 21.71 69.06
C ASP F 84 -1.38 21.55 69.28
N ASN F 85 -0.95 20.30 69.42
CA ASN F 85 0.45 19.98 69.56
C ASN F 85 1.32 20.55 68.44
N ILE F 86 0.87 20.36 67.20
CA ILE F 86 1.61 20.88 66.04
C ILE F 86 1.75 22.39 66.13
N HIS F 87 0.67 23.08 66.51
CA HIS F 87 0.76 24.50 66.72
C HIS F 87 1.79 24.81 67.81
N ALA F 88 1.63 24.19 68.97
CA ALA F 88 2.56 24.38 70.07
C ALA F 88 4.04 24.22 69.67
N LEU F 89 4.35 23.18 68.89
CA LEU F 89 5.73 22.90 68.51
C LEU F 89 6.27 23.94 67.59
N THR F 90 5.39 24.57 66.83
CA THR F 90 5.80 25.51 65.78
C THR F 90 5.39 26.98 66.03
N ALA F 91 4.94 27.30 67.24
CA ALA F 91 4.49 28.67 67.64
C ALA F 91 5.59 29.74 67.50
N GLN F 92 6.40 29.89 68.55
CA GLN F 92 7.60 30.75 68.50
C GLN F 92 8.89 29.99 68.13
N GLY F 93 9.45 30.36 66.97
CA GLY F 93 10.71 29.81 66.48
C GLY F 93 10.59 29.75 64.98
N THR F 94 11.62 29.25 64.30
CA THR F 94 11.46 28.90 62.92
C THR F 94 11.76 27.41 62.84
N SER F 95 10.80 26.66 62.29
CA SER F 95 10.95 25.25 62.08
C SER F 95 10.89 25.00 60.58
N GLU F 96 12.00 24.53 60.02
CA GLU F 96 12.04 23.83 58.76
C GLU F 96 11.00 22.70 58.73
N LEU F 97 10.44 22.44 57.55
CA LEU F 97 9.63 21.25 57.40
C LEU F 97 10.17 20.42 56.24
N ARG F 98 10.41 19.15 56.52
CA ARG F 98 10.73 18.17 55.53
C ARG F 98 9.59 17.15 55.38
N THR F 99 9.28 16.79 54.14
CA THR F 99 8.30 15.76 53.85
C THR F 99 8.99 14.59 53.21
N ASP F 100 8.78 13.38 53.76
CA ASP F 100 9.44 12.16 53.24
C ASP F 100 8.48 11.11 52.65
N LEU F 101 8.55 10.87 51.34
CA LEU F 101 7.62 9.92 50.68
C LEU F 101 8.33 8.70 50.09
N VAL F 102 7.75 7.52 50.30
CA VAL F 102 8.29 6.24 49.77
C VAL F 102 7.21 5.53 49.03
N ASP F 103 7.47 5.14 47.78
CA ASP F 103 6.50 4.39 46.95
C ASP F 103 6.59 2.89 47.20
N PHE F 104 5.93 2.11 46.35
CA PHE F 104 5.79 0.67 46.61
C PHE F 104 6.90 -0.16 46.02
N GLU F 105 7.65 0.42 45.09
CA GLU F 105 8.91 -0.19 44.64
C GLU F 105 10.07 0.39 45.44
N ASP F 106 9.82 0.73 46.71
CA ASP F 106 10.83 1.24 47.64
C ASP F 106 11.66 2.46 47.22
N ASN F 107 11.16 3.26 46.29
CA ASN F 107 11.87 4.49 45.88
C ASN F 107 11.60 5.66 46.83
N TYR F 108 12.62 6.44 47.15
CA TYR F 108 12.41 7.60 48.06
C TYR F 108 12.28 8.94 47.31
N GLN F 109 11.24 9.72 47.64
CA GLN F 109 11.16 11.11 47.19
C GLN F 109 11.10 12.03 48.43
N PHE F 110 11.35 13.33 48.28
CA PHE F 110 11.21 14.21 49.45
C PHE F 110 11.04 15.66 49.09
N ALA F 111 10.63 16.46 50.07
CA ALA F 111 10.42 17.90 49.87
C ALA F 111 10.70 18.67 51.17
N LYS F 112 11.28 19.86 51.03
CA LYS F 112 11.79 20.63 52.15
C LYS F 112 11.46 22.14 52.04
N TYR F 113 11.06 22.75 53.15
CA TYR F 113 10.54 24.14 53.14
C TYR F 113 11.18 25.02 54.24
N ARG F 114 11.50 26.27 53.89
CA ARG F 114 12.33 27.10 54.77
C ARG F 114 11.67 27.25 56.11
N SER F 115 10.34 27.24 56.13
CA SER F 115 9.61 27.36 57.39
C SER F 115 8.21 26.79 57.31
N PHE F 116 7.64 26.47 58.46
CA PHE F 116 6.35 25.83 58.55
C PHE F 116 5.74 26.15 59.89
N LYS F 117 4.50 26.61 59.90
CA LYS F 117 3.84 27.04 61.13
C LYS F 117 2.35 26.86 60.94
N VAL F 118 1.66 26.46 62.01
CA VAL F 118 0.20 26.48 61.97
C VAL F 118 -0.37 27.31 63.10
N ALA F 119 -1.36 28.14 62.77
CA ALA F 119 -2.03 28.97 63.76
C ALA F 119 -2.76 28.10 64.79
N ASP F 120 -3.37 28.73 65.78
CA ASP F 120 -4.13 27.96 66.77
C ASP F 120 -5.56 27.72 66.29
N GLU F 121 -6.37 27.05 67.11
CA GLU F 121 -7.71 26.69 66.70
C GLU F 121 -8.59 27.90 66.35
N ALA F 122 -8.42 28.99 67.08
CA ALA F 122 -9.17 30.21 66.79
C ALA F 122 -8.97 30.62 65.34
N GLU F 123 -7.75 30.44 64.81
CA GLU F 123 -7.52 30.77 63.38
C GLU F 123 -7.53 29.51 62.51
N LYS F 124 -8.33 28.53 62.95
CA LYS F 124 -8.51 27.24 62.27
C LYS F 124 -7.21 26.67 61.68
N TYR F 125 -6.19 26.62 62.54
CA TYR F 125 -4.93 25.94 62.27
C TYR F 125 -4.42 26.30 60.91
N ASN F 126 -4.53 27.58 60.59
CA ASN F 126 -4.13 28.14 59.30
C ASN F 126 -2.68 27.77 58.91
N LEU F 127 -2.47 27.45 57.64
CA LEU F 127 -1.16 27.00 57.22
C LEU F 127 -0.25 28.18 56.90
N VAL F 128 0.81 28.38 57.66
CA VAL F 128 1.75 29.41 57.25
C VAL F 128 3.03 28.78 56.76
N LEU F 129 3.25 28.73 55.45
CA LEU F 129 4.43 27.99 54.94
C LEU F 129 5.49 28.84 54.28
N GLY F 130 6.75 28.41 54.40
CA GLY F 130 7.87 29.19 53.87
C GLY F 130 8.12 28.88 52.42
N ALA F 131 9.35 29.08 51.98
CA ALA F 131 9.71 28.89 50.58
C ALA F 131 10.22 27.47 50.32
N PHE F 132 9.92 26.94 49.14
CA PHE F 132 10.40 25.64 48.76
C PHE F 132 11.91 25.77 48.60
N VAL F 133 12.69 25.04 49.37
CA VAL F 133 14.14 25.14 49.25
C VAL F 133 14.70 24.12 48.27
N GLU F 134 14.18 22.89 48.30
CA GLU F 134 14.64 21.80 47.43
C GLU F 134 13.82 20.53 47.70
N GLY F 135 13.78 19.59 46.75
CA GLY F 135 13.22 18.25 47.04
C GLY F 135 12.89 17.41 45.81
N SER F 136 13.10 16.10 45.87
CA SER F 136 12.86 15.30 44.65
C SER F 136 11.38 15.00 44.32
N ALA F 137 10.44 15.44 45.16
CA ALA F 137 9.03 15.16 44.96
C ALA F 137 8.35 16.36 44.37
N GLY F 138 9.05 17.50 44.40
CA GLY F 138 8.56 18.74 43.84
C GLY F 138 7.77 19.51 44.88
N ASP F 139 7.44 20.74 44.58
CA ASP F 139 6.64 21.51 45.51
C ASP F 139 5.17 21.23 45.32
N SER F 140 4.50 20.74 46.36
CA SER F 140 3.07 20.47 46.21
C SER F 140 2.34 20.84 47.45
N LEU F 141 2.84 21.86 48.12
CA LEU F 141 2.26 22.31 49.36
C LEU F 141 2.11 23.83 49.37
N THR F 142 2.91 24.50 48.54
CA THR F 142 2.99 25.96 48.53
C THR F 142 1.63 26.47 48.16
N PHE F 143 1.04 25.84 47.16
CA PHE F 143 -0.35 26.01 46.79
C PHE F 143 -1.27 26.14 48.01
N HIS F 144 -1.08 25.35 49.05
CA HIS F 144 -1.99 25.45 50.20
C HIS F 144 -1.61 26.51 51.22
N ASN F 145 -0.62 27.34 50.90
CA ASN F 145 -0.22 28.45 51.79
C ASN F 145 -1.38 29.36 52.24
N ASN F 146 -1.52 29.56 53.53
CA ASN F 146 -2.53 30.50 54.05
C ASN F 146 -4.01 30.04 53.99
N GLN F 147 -4.27 28.73 54.01
CA GLN F 147 -5.66 28.26 54.13
C GLN F 147 -5.88 27.64 55.48
N SER F 148 -7.12 27.70 55.94
CA SER F 148 -7.48 27.02 57.15
C SER F 148 -7.40 25.55 56.91
N PHE F 149 -7.73 24.78 57.94
CA PHE F 149 -7.71 23.34 57.88
C PHE F 149 -9.15 22.89 57.87
N SER F 150 -9.47 21.88 57.08
CA SER F 150 -10.83 21.35 57.04
C SER F 150 -10.88 19.84 57.28
N THR F 151 -11.72 19.42 58.22
CA THR F 151 -12.13 18.03 58.28
C THR F 151 -13.53 17.92 57.69
N LYS F 152 -14.03 16.69 57.60
CA LYS F 152 -15.35 16.47 57.02
C LYS F 152 -16.47 17.27 57.69
N ASP F 153 -16.41 17.39 59.01
CA ASP F 153 -17.46 18.02 59.80
C ASP F 153 -17.19 19.50 60.10
N GLN F 154 -16.16 20.06 59.48
CA GLN F 154 -15.90 21.49 59.55
C GLN F 154 -15.29 22.00 58.25
N ASP F 155 -16.15 22.44 57.35
CA ASP F 155 -15.79 22.84 56.00
C ASP F 155 -15.27 24.28 55.98
N ASN F 156 -13.97 24.43 55.76
CA ASN F 156 -13.37 25.75 55.67
C ASN F 156 -12.71 25.96 54.31
N ASP F 157 -13.02 25.11 53.33
CA ASP F 157 -12.31 25.17 52.04
C ASP F 157 -12.86 26.25 51.11
N LEU F 158 -12.32 26.33 49.90
CA LEU F 158 -12.81 27.31 48.94
C LEU F 158 -13.63 26.59 47.86
N ASN F 159 -14.32 25.54 48.27
CA ASN F 159 -15.16 24.79 47.35
C ASN F 159 -16.60 24.90 47.76
N THR F 160 -17.48 25.06 46.78
CA THR F 160 -18.91 25.15 47.09
C THR F 160 -19.39 23.84 47.73
N GLY F 161 -18.64 22.75 47.51
CA GLY F 161 -18.90 21.50 48.20
C GLY F 161 -17.90 21.25 49.33
N ASN F 162 -17.83 20.01 49.78
CA ASN F 162 -16.99 19.59 50.92
C ASN F 162 -15.75 18.76 50.51
N CYS F 163 -14.60 19.40 50.36
CA CYS F 163 -13.41 18.70 49.85
C CYS F 163 -12.90 17.53 50.68
N ALA F 164 -13.00 17.65 51.99
CA ALA F 164 -12.64 16.58 52.85
C ALA F 164 -13.50 15.35 52.55
N VAL F 165 -14.76 15.53 52.24
CA VAL F 165 -15.55 14.38 51.81
C VAL F 165 -15.18 13.90 50.42
N MET F 166 -15.08 14.83 49.48
CA MET F 166 -14.78 14.51 48.11
C MET F 166 -13.42 13.79 47.91
N PHE F 167 -12.51 13.89 48.86
CA PHE F 167 -11.22 13.22 48.68
C PHE F 167 -10.83 12.48 49.95
N GLN F 168 -11.83 12.17 50.75
CA GLN F 168 -11.68 11.37 51.96
C GLN F 168 -10.38 11.61 52.71
N GLY F 169 -10.26 12.81 53.29
CA GLY F 169 -9.08 13.22 54.04
C GLY F 169 -9.30 14.40 54.97
N ALA F 170 -8.24 15.14 55.27
CA ALA F 170 -8.30 16.32 56.12
C ALA F 170 -7.07 17.15 55.79
N TRP F 171 -7.24 18.43 55.54
CA TRP F 171 -6.14 19.20 54.96
C TRP F 171 -6.38 20.72 54.89
N TRP F 172 -5.35 21.41 54.44
CA TRP F 172 -5.48 22.81 54.14
C TRP F 172 -6.08 22.90 52.74
N TYR F 173 -7.33 22.43 52.63
CA TYR F 173 -8.04 22.38 51.33
C TYR F 173 -8.52 23.73 50.82
N LYS F 174 -7.98 24.17 49.70
CA LYS F 174 -8.57 25.28 48.92
C LYS F 174 -9.56 24.63 47.97
N ASN F 175 -9.35 24.79 46.66
CA ASN F 175 -10.33 24.31 45.75
C ASN F 175 -9.92 23.20 44.77
N CYS F 176 -9.57 22.00 45.24
CA CYS F 176 -9.39 21.66 46.67
C CYS F 176 -7.91 21.43 47.06
N HIS F 177 -7.20 20.55 46.31
CA HIS F 177 -5.86 20.17 46.73
C HIS F 177 -4.91 19.74 45.64
N THR F 178 -3.66 19.66 46.06
CA THR F 178 -2.54 19.37 45.20
C THR F 178 -1.73 18.31 45.89
N SER F 179 -1.85 18.28 47.22
CA SER F 179 -1.32 17.24 48.07
C SER F 179 -2.44 16.84 49.01
N ASN F 180 -2.44 15.58 49.43
CA ASN F 180 -3.53 15.02 50.20
C ASN F 180 -3.01 13.85 51.00
N LEU F 181 -2.10 14.15 51.92
CA LEU F 181 -1.32 13.12 52.60
C LEU F 181 -2.05 12.37 53.73
N ASN F 182 -3.18 12.93 54.16
CA ASN F 182 -4.02 12.24 55.13
C ASN F 182 -5.16 11.55 54.39
N GLY F 183 -4.93 11.25 53.11
CA GLY F 183 -5.91 10.60 52.27
C GLY F 183 -5.96 9.11 52.54
N ARG F 184 -6.80 8.40 51.79
CA ARG F 184 -7.02 7.00 52.03
C ARG F 184 -5.79 6.24 51.57
N TYR F 185 -5.46 5.17 52.30
CA TYR F 185 -4.31 4.33 51.99
C TYR F 185 -4.65 3.37 50.86
N LEU F 186 -4.68 3.88 49.64
CA LEU F 186 -5.11 3.04 48.58
C LEU F 186 -3.88 2.32 47.98
N ARG F 187 -3.07 1.52 48.65
CA ARG F 187 -1.92 0.87 47.94
C ARG F 187 -1.56 1.07 46.40
N GLY F 188 -0.59 1.94 46.03
CA GLY F 188 -0.12 1.95 44.60
C GLY F 188 -0.89 2.87 43.68
N THR F 189 -1.04 2.52 42.39
CA THR F 189 -1.86 3.35 41.50
C THR F 189 -3.32 3.00 41.69
N HIS F 190 -4.17 4.03 41.61
N HIS F 190 -4.17 4.03 41.61
CA HIS F 190 -5.61 3.88 41.76
CA HIS F 190 -5.61 3.88 41.76
C HIS F 190 -6.37 4.72 40.72
C HIS F 190 -6.36 4.72 40.72
N GLY F 191 -7.45 4.14 40.19
CA GLY F 191 -8.29 4.84 39.21
C GLY F 191 -9.01 6.02 39.82
N SER F 192 -9.52 5.82 41.02
CA SER F 192 -10.18 6.88 41.75
C SER F 192 -9.30 8.11 41.78
N PHE F 193 -9.90 9.26 41.58
CA PHE F 193 -9.16 10.48 41.41
C PHE F 193 -8.85 11.25 42.69
N ALA F 194 -7.56 11.38 42.96
CA ALA F 194 -7.05 12.35 43.93
C ALA F 194 -7.45 12.07 45.39
N ASN F 195 -7.91 10.86 45.67
CA ASN F 195 -8.27 10.53 47.04
C ASN F 195 -7.30 9.61 47.77
N GLY F 196 -6.09 9.44 47.24
CA GLY F 196 -5.09 8.64 47.93
C GLY F 196 -4.16 9.48 48.76
N ILE F 197 -3.09 8.88 49.28
CA ILE F 197 -1.97 9.63 49.81
C ILE F 197 -1.20 10.22 48.62
N ASN F 198 -1.65 11.38 48.13
CA ASN F 198 -1.22 11.89 46.85
C ASN F 198 -0.40 13.16 46.92
N TRP F 199 0.53 13.29 45.99
CA TRP F 199 1.39 14.46 45.90
C TRP F 199 1.52 14.76 44.41
N LYS F 200 0.80 15.77 43.95
CA LYS F 200 0.63 16.00 42.53
C LYS F 200 1.94 16.04 41.78
N SER F 201 2.91 16.79 42.29
CA SER F 201 4.19 16.89 41.63
C SER F 201 5.05 15.64 41.79
N GLY F 202 4.71 14.79 42.74
CA GLY F 202 5.50 13.60 43.00
C GLY F 202 5.14 12.47 42.07
N LYS F 203 4.09 11.73 42.41
CA LYS F 203 3.62 10.62 41.60
C LYS F 203 2.22 10.82 41.03
N GLY F 204 1.62 11.99 41.23
CA GLY F 204 0.33 12.26 40.58
C GLY F 204 -0.90 12.19 41.46
N TYR F 205 -2.07 12.22 40.82
CA TYR F 205 -3.33 12.16 41.52
C TYR F 205 -3.87 10.74 41.56
N ASN F 206 -3.07 9.81 41.07
CA ASN F 206 -3.54 8.44 40.90
C ASN F 206 -2.55 7.44 41.47
N TYR F 207 -1.57 7.93 42.20
CA TYR F 207 -0.65 7.04 42.88
C TYR F 207 -0.58 7.38 44.36
N SER F 208 -0.86 6.38 45.20
CA SER F 208 -0.91 6.54 46.64
C SER F 208 0.32 5.84 47.26
N TYR F 209 1.11 6.59 48.03
CA TYR F 209 2.42 6.08 48.49
C TYR F 209 2.31 5.03 49.56
N LYS F 210 3.44 4.37 49.83
CA LYS F 210 3.48 3.30 50.82
C LYS F 210 3.74 3.92 52.19
N VAL F 211 4.68 4.85 52.21
CA VAL F 211 5.11 5.49 53.42
C VAL F 211 5.02 7.00 53.24
N SER F 212 4.63 7.71 54.29
CA SER F 212 4.56 9.16 54.26
C SER F 212 4.83 9.78 55.63
N GLU F 213 5.75 10.72 55.71
CA GLU F 213 6.06 11.35 56.97
C GLU F 213 6.26 12.85 56.84
N MET F 214 5.72 13.59 57.80
CA MET F 214 5.85 15.04 57.86
C MET F 214 6.57 15.38 59.17
N LYS F 215 7.73 16.03 59.08
CA LYS F 215 8.54 16.30 60.27
C LYS F 215 9.08 17.73 60.32
N VAL F 216 9.30 18.21 61.53
CA VAL F 216 9.77 19.59 61.75
C VAL F 216 11.12 19.64 62.47
N ARG F 217 11.91 20.66 62.16
CA ARG F 217 13.19 20.87 62.86
C ARG F 217 13.45 22.35 63.01
N PRO F 218 13.98 22.77 64.15
CA PRO F 218 14.25 24.20 64.20
C PRO F 218 15.32 24.55 63.17
N ALA F 219 15.03 25.50 62.30
CA ALA F 219 15.95 25.90 61.24
C ALA F 219 17.07 26.72 61.83
#